data_7SYF
#
_entry.id   7SYF
#
_entity_poly.entity_id   1
_entity_poly.type   'polypeptide(L)'
_entity_poly.pdbx_seq_one_letter_code
;MGHHHHHHHHSSGSENLYFQGRESERQLRLRLCVLNEILGTERDYVGTLRFLQSAFLHRIRQNVADSVEKGLTEENVKVL
FSNIEDILEVHKDFLAALEYCLHPEPQSQHELGNVFLKFKDKFCVYEEYCSNHEKALRLLVELNKIPTVRAFLLSCMLLG
GRKTTDIPLEGYLLSPIQRICKYPLLLKELAKRTPGKHPDHPAVQSALQAMKTVCSNINETKRQMEKLEALEQLQSHIEG
WEGSNLTDICTQLLLQGTLLKISAGNIQERAFFLFDNLLVYCKRKSNIFEMLRIDEGLRLKIYKDTEGYYTIGIGHLLTK
SPSLNAAKSELDKAIGRNTNGVITKDEAEKLFNQDVDAAVRGILRNAKLKPVYDSLDAVRRAALINMVFQMGETGVAGFT
NSLRMLQQKRWDEAAVNLAKSRWYNQTPNRAKRVITTFRTGTWDAYSLYIFRGRINTEVMEVENVEDGTADYHSNGYTVT
NGWKIHNTAKNKWFVCMAKTAEEKQKWLDAIIREREQRESLKLGMERDAYVMIAEKGEKLYHMMMNKKVNLIKDRRRKLS
TVPKCFLGNEFVAWLLEIGEISKTEEGVNLGQALLENGIIHHVSDKHQFKNEQVMYRFRYDDGTYKARSELEDIMSKGVR
LYCRLHSLYTPVIKDRDYHLKTYKSVLPGSKLVDWLLAQGDCQTREEAVALGVGLCNNGFMHHVLEKSEFRDESQYFRFH
ADEEMEGTSSKNKQLRNDFKLVENILAKRLLILPQEEDYGFDIEEKNKAVVVKSVQRGSLAEVAGLQVGRKIYSINEDLV
FLRPFSEVESILNQSFCSRRPLRLLVATKAKEIIKIPDQPDTLCFQIRGAAPPYVYAVGRGSEAMAAGLCAGQCILKVNG
SNVMNDGAPEVLEHFQAFRSRREEALGLYQWIYHTHEDAQEARASQEASTEDPSGEQAQEEDQADSAFPLLSLGPRLSLC
EDSPMVTLTVDNVHLEHGVVYEYVSTAGVRCHVLEKIVEPRGCFGLTAKILEAFAANDSVFVENCRRLMALSSAIVTMPH
FEFRNICDTKLESIGQRIACYQEFAAQLKSRVSPPFKQAPLEPHPLCGLDFCPTNCHINLMEVSYPKTTPSVGRSFSIRF
GRKPSLIGLDPEQGHLNPMSYTQHCITTMAAPSWKCLPAAEGDPQGQGLHDGSFGPASGTLGQEDRGLSFLLKQEDREIQ
DAYLQLFTKLDVALKEMKQYVTQINRLLSTITEPTSGGSCDTSDKQDKLHGCLEHLFNQVDSINALLKGPVMSRAFEETK
HFPMNHSLQEFKQKEECTIRGRSLIQISIQEDPWNLPNSIKTLVDNIQRYVEDGKNQLLLALLKCTDTELQLRRDAIFCQ
ALVAAVCTFSEQLLAALGYRYNNNGEYEESSRDASRKWLEQVAATGVLLHCQSLLSPATVKEERTMLEDIWVTLSELDNV
TFSFKQLDENYVANTNVFYHIEGSRQALKVIFYLDSYHFSKLPSRLEGGASLRLHTALFTKVLENVEGLPSPGSQAAEDL
QQDINAQSLEKVQQYYRKLRAFYLERSNLPTDASTTAVKIDQLIRPINALDELCRLMKSFVHPKPGAAGSVGAGLIPISS
ELCYRLGACQMVMCGTGMQRSTLSVSLEQAAILARSHGLLPKCIMQATDIMRKQGPRVEILAKNLRVKDQMPQGAPRLYR
LCQPPVDGDL
;
_entity_poly.pdbx_strand_id   A
#
# COMPACT_ATOMS: atom_id res chain seq x y z
N GLU A 23 -47.23 38.98 1.72
CA GLU A 23 -46.91 37.55 1.86
C GLU A 23 -48.09 36.70 2.39
N SER A 24 -49.34 37.02 2.07
CA SER A 24 -50.53 36.37 2.65
C SER A 24 -50.68 34.90 2.22
N GLU A 25 -50.53 34.62 0.92
CA GLU A 25 -50.58 33.27 0.35
C GLU A 25 -49.49 32.35 0.92
N ARG A 26 -48.33 32.93 1.24
CA ARG A 26 -47.24 32.16 1.89
C ARG A 26 -47.74 31.71 3.27
N GLN A 27 -48.14 32.65 4.14
CA GLN A 27 -48.55 32.29 5.49
C GLN A 27 -49.73 31.29 5.48
N LEU A 28 -50.66 31.47 4.55
CA LEU A 28 -51.80 30.58 4.28
C LEU A 28 -51.36 29.15 3.91
N ARG A 29 -50.53 29.02 2.86
CA ARG A 29 -50.05 27.67 2.46
C ARG A 29 -49.16 27.10 3.58
N LEU A 30 -48.41 27.97 4.28
CA LEU A 30 -47.47 27.51 5.34
C LEU A 30 -48.24 26.87 6.51
N ARG A 31 -49.36 27.47 6.93
CA ARG A 31 -50.17 26.86 8.02
C ARG A 31 -50.72 25.52 7.55
N LEU A 32 -51.25 25.47 6.32
CA LEU A 32 -51.68 24.18 5.77
C LEU A 32 -50.56 23.14 5.80
N CYS A 33 -49.30 23.50 5.52
CA CYS A 33 -48.18 22.58 5.61
C CYS A 33 -47.91 22.11 7.04
N VAL A 34 -48.00 22.99 8.06
CA VAL A 34 -47.86 22.55 9.46
C VAL A 34 -48.95 21.55 9.83
N LEU A 35 -50.19 21.85 9.44
CA LEU A 35 -51.34 20.97 9.69
C LEU A 35 -51.18 19.61 8.99
N ASN A 36 -50.70 19.59 7.75
CA ASN A 36 -50.33 18.37 7.03
C ASN A 36 -49.20 17.62 7.74
N GLU A 37 -48.13 18.30 8.15
CA GLU A 37 -47.01 17.64 8.81
C GLU A 37 -47.44 16.94 10.10
N ILE A 38 -48.24 17.61 10.93
CA ILE A 38 -48.81 17.02 12.14
C ILE A 38 -49.51 15.70 11.77
N LEU A 39 -50.46 15.76 10.85
CA LEU A 39 -51.28 14.61 10.42
C LEU A 39 -50.43 13.49 9.80
N GLY A 40 -49.57 13.83 8.84
CA GLY A 40 -48.75 12.88 8.10
C GLY A 40 -47.76 12.15 8.99
N THR A 41 -47.13 12.88 9.91
CA THR A 41 -46.18 12.30 10.86
C THR A 41 -46.88 11.55 11.98
N GLU A 42 -48.04 11.99 12.47
CA GLU A 42 -48.82 11.18 13.38
C GLU A 42 -49.33 9.89 12.76
N ARG A 43 -49.78 9.92 11.50
CA ARG A 43 -50.26 8.69 10.81
C ARG A 43 -49.18 7.60 10.85
N ASP A 44 -47.94 7.93 10.46
CA ASP A 44 -46.85 6.98 10.46
C ASP A 44 -46.38 6.63 11.90
N TYR A 45 -46.43 7.57 12.85
CA TYR A 45 -46.11 7.32 14.25
C TYR A 45 -47.12 6.43 14.98
N VAL A 46 -48.41 6.75 14.95
CA VAL A 46 -49.43 5.83 15.47
C VAL A 46 -49.34 4.51 14.72
N GLY A 47 -49.06 4.53 13.41
CA GLY A 47 -48.74 3.33 12.63
C GLY A 47 -47.64 2.50 13.29
N THR A 48 -46.59 3.17 13.76
CA THR A 48 -45.47 2.61 14.50
C THR A 48 -45.93 1.95 15.78
N LEU A 49 -46.64 2.69 16.62
CA LEU A 49 -47.19 2.12 17.84
C LEU A 49 -48.04 0.87 17.55
N ARG A 50 -48.92 0.93 16.54
CA ARG A 50 -49.82 -0.16 16.12
C ARG A 50 -49.06 -1.40 15.67
N PHE A 51 -48.09 -1.27 14.76
CA PHE A 51 -47.33 -2.44 14.31
C PHE A 51 -46.46 -3.01 15.43
N LEU A 52 -45.84 -2.19 16.29
CA LEU A 52 -45.06 -2.72 17.43
C LEU A 52 -45.95 -3.47 18.44
N GLN A 53 -47.11 -2.92 18.79
CA GLN A 53 -48.07 -3.62 19.64
C GLN A 53 -48.44 -4.97 19.04
N SER A 54 -48.81 -4.96 17.76
CA SER A 54 -49.29 -6.15 17.07
C SER A 54 -48.21 -7.23 17.04
N ALA A 55 -47.02 -6.86 16.62
CA ALA A 55 -45.92 -7.79 16.53
C ALA A 55 -45.37 -8.25 17.89
N PHE A 56 -44.95 -7.35 18.77
CA PHE A 56 -44.21 -7.78 19.95
C PHE A 56 -45.07 -8.54 20.95
N LEU A 57 -46.19 -7.99 21.40
CA LEU A 57 -46.90 -8.67 22.48
C LEU A 57 -47.52 -9.99 21.98
N HIS A 58 -48.21 -9.98 20.84
CA HIS A 58 -48.97 -11.13 20.39
C HIS A 58 -48.10 -12.22 19.78
N ARG A 59 -47.10 -11.87 18.96
CA ARG A 59 -46.21 -12.88 18.37
C ARG A 59 -45.27 -13.48 19.39
N ILE A 60 -44.82 -12.76 20.43
CA ILE A 60 -43.97 -13.35 21.48
C ILE A 60 -44.70 -14.44 22.26
N ARG A 61 -46.02 -14.30 22.41
CA ARG A 61 -46.81 -15.28 23.21
C ARG A 61 -47.14 -16.55 22.41
N GLN A 62 -47.08 -16.53 21.07
CA GLN A 62 -47.49 -17.68 20.25
C GLN A 62 -46.58 -18.92 20.37
N ASN A 63 -45.26 -18.71 20.33
CA ASN A 63 -44.20 -19.71 20.45
C ASN A 63 -42.99 -19.11 21.18
N VAL A 64 -42.24 -19.95 21.88
CA VAL A 64 -41.07 -19.56 22.67
C VAL A 64 -39.97 -20.62 22.59
N GLY A 71 -37.45 -16.99 24.12
CA GLY A 71 -37.11 -17.31 25.43
C GLY A 71 -37.62 -16.30 26.46
N LEU A 72 -38.29 -15.24 26.01
CA LEU A 72 -38.65 -14.08 26.79
C LEU A 72 -39.72 -14.37 27.87
N THR A 73 -39.58 -13.81 29.08
CA THR A 73 -40.56 -14.05 30.18
C THR A 73 -41.68 -13.01 30.20
N GLU A 74 -42.74 -13.34 30.93
CA GLU A 74 -43.95 -12.52 31.07
C GLU A 74 -43.64 -11.13 31.62
N GLU A 75 -42.82 -11.08 32.67
CA GLU A 75 -42.37 -9.83 33.25
C GLU A 75 -41.47 -9.06 32.28
N ASN A 76 -40.66 -9.73 31.47
CA ASN A 76 -39.85 -9.06 30.46
C ASN A 76 -40.74 -8.40 29.38
N VAL A 77 -41.79 -9.07 28.87
CA VAL A 77 -42.78 -8.43 27.98
C VAL A 77 -43.39 -7.18 28.61
N LYS A 78 -43.77 -7.25 29.89
CA LYS A 78 -44.33 -6.13 30.64
C LYS A 78 -43.36 -4.94 30.65
N VAL A 79 -42.10 -5.15 31.03
CA VAL A 79 -41.08 -4.09 31.09
C VAL A 79 -40.79 -3.47 29.72
N LEU A 80 -40.75 -4.26 28.65
CA LEU A 80 -40.45 -3.76 27.31
C LEU A 80 -41.60 -2.93 26.70
N PHE A 81 -42.79 -3.51 26.47
CA PHE A 81 -43.78 -2.92 25.54
C PHE A 81 -45.04 -2.32 26.18
N SER A 82 -45.43 -2.75 27.38
CA SER A 82 -46.77 -2.53 27.91
C SER A 82 -47.10 -1.03 28.10
N ASN A 83 -46.10 -0.19 28.39
CA ASN A 83 -46.34 1.26 28.48
C ASN A 83 -46.58 1.92 27.12
N ILE A 84 -46.07 1.36 26.00
CA ILE A 84 -46.71 1.61 24.72
C ILE A 84 -48.20 1.45 24.72
N GLU A 85 -48.76 0.39 25.27
CA GLU A 85 -50.19 0.17 25.11
C GLU A 85 -50.98 1.35 25.74
N ASP A 86 -50.52 1.80 26.91
CA ASP A 86 -51.20 2.84 27.68
C ASP A 86 -51.07 4.22 27.04
N ILE A 87 -49.95 4.45 26.37
CA ILE A 87 -49.79 5.59 25.50
C ILE A 87 -50.70 5.44 24.28
N LEU A 88 -50.68 4.27 23.65
CA LEU A 88 -51.25 4.01 22.33
C LEU A 88 -52.73 4.33 22.28
N GLU A 89 -53.47 3.93 23.30
CA GLU A 89 -54.87 4.32 23.41
C GLU A 89 -55.06 5.83 23.44
N VAL A 90 -54.31 6.56 24.28
CA VAL A 90 -54.36 8.04 24.30
C VAL A 90 -54.03 8.60 22.93
N HIS A 91 -53.09 8.01 22.22
CA HIS A 91 -52.67 8.51 20.93
C HIS A 91 -53.65 8.20 19.81
N LYS A 92 -54.30 7.03 19.80
CA LYS A 92 -55.41 6.73 18.89
C LYS A 92 -56.54 7.73 19.07
N ASP A 93 -56.89 8.03 20.32
CA ASP A 93 -57.92 9.04 20.60
C ASP A 93 -57.48 10.43 20.15
N PHE A 94 -56.22 10.77 20.32
CA PHE A 94 -55.70 12.05 19.88
C PHE A 94 -55.71 12.15 18.34
N LEU A 95 -55.28 11.08 17.65
CA LEU A 95 -55.26 10.98 16.19
C LEU A 95 -56.65 11.16 15.59
N ALA A 96 -57.63 10.46 16.17
CA ALA A 96 -59.01 10.66 15.80
C ALA A 96 -59.40 12.13 16.00
N ALA A 97 -59.14 12.70 17.18
CA ALA A 97 -59.55 14.06 17.48
C ALA A 97 -58.90 15.08 16.52
N LEU A 98 -57.65 14.87 16.10
CA LEU A 98 -57.03 15.67 15.06
C LEU A 98 -57.68 15.43 13.69
N GLU A 99 -57.84 14.18 13.27
CA GLU A 99 -58.42 13.83 11.97
C GLU A 99 -59.87 14.29 11.80
N TYR A 100 -60.62 14.38 12.90
CA TYR A 100 -61.96 14.94 12.96
C TYR A 100 -61.98 16.43 12.61
N CYS A 101 -61.06 17.21 13.21
CA CYS A 101 -60.93 18.63 12.88
C CYS A 101 -60.50 18.80 11.42
N LEU A 102 -59.49 18.06 10.97
CA LEU A 102 -58.84 18.22 9.66
C LEU A 102 -59.54 17.40 8.55
N HIS A 103 -60.86 17.54 8.45
CA HIS A 103 -61.73 16.74 7.60
C HIS A 103 -62.28 17.55 6.41
N PRO A 104 -62.31 16.98 5.18
CA PRO A 104 -61.75 15.68 4.75
C PRO A 104 -60.22 15.71 4.61
N GLU A 105 -59.65 16.90 4.64
CA GLU A 105 -58.26 17.24 4.42
C GLU A 105 -57.94 18.50 5.25
N PRO A 106 -56.67 18.91 5.44
CA PRO A 106 -56.31 20.12 6.20
C PRO A 106 -56.69 21.46 5.51
N GLN A 107 -57.53 22.31 6.12
CA GLN A 107 -58.07 23.55 5.53
C GLN A 107 -57.91 24.78 6.45
N SER A 108 -57.78 25.99 5.90
CA SER A 108 -57.29 27.15 6.64
C SER A 108 -58.25 27.67 7.71
N GLN A 109 -59.52 27.27 7.72
CA GLN A 109 -60.46 27.57 8.78
C GLN A 109 -60.30 26.70 10.05
N HIS A 110 -59.57 25.58 10.00
CA HIS A 110 -59.55 24.57 11.07
C HIS A 110 -58.94 25.04 12.39
N GLU A 111 -59.35 24.42 13.47
CA GLU A 111 -58.82 24.62 14.82
C GLU A 111 -58.34 23.28 15.36
N LEU A 112 -57.41 23.31 16.29
CA LEU A 112 -56.89 22.12 16.96
C LEU A 112 -56.62 22.37 18.44
N GLY A 113 -56.42 23.62 18.87
CA GLY A 113 -55.89 23.95 20.19
C GLY A 113 -56.66 23.27 21.32
N ASN A 114 -57.99 23.28 21.22
CA ASN A 114 -58.86 22.67 22.22
C ASN A 114 -58.65 21.16 22.33
N VAL A 115 -58.27 20.50 21.22
CA VAL A 115 -57.88 19.07 21.17
C VAL A 115 -56.56 18.79 21.87
N PHE A 116 -55.60 19.69 21.82
CA PHE A 116 -54.45 19.58 22.71
C PHE A 116 -54.89 19.75 24.17
N LEU A 117 -55.62 20.82 24.49
CA LEU A 117 -55.94 21.22 25.87
C LEU A 117 -56.64 20.07 26.62
N LYS A 118 -57.64 19.43 26.00
CA LYS A 118 -58.32 18.25 26.57
C LYS A 118 -57.37 17.05 26.77
N PHE A 119 -56.55 16.78 25.75
CA PHE A 119 -55.57 15.72 25.81
C PHE A 119 -54.41 15.99 26.76
N LYS A 120 -54.21 17.25 27.18
CA LYS A 120 -53.06 17.63 27.98
C LYS A 120 -52.99 16.80 29.24
N ASP A 121 -54.13 16.59 29.88
CA ASP A 121 -54.14 15.74 31.06
C ASP A 121 -53.91 14.27 30.69
N LYS A 122 -54.48 13.78 29.57
CA LYS A 122 -54.27 12.42 29.12
C LYS A 122 -52.79 12.12 28.82
N PHE A 123 -52.04 13.08 28.31
CA PHE A 123 -50.61 12.88 28.08
C PHE A 123 -49.79 12.67 29.36
N CYS A 124 -50.27 13.01 30.56
CA CYS A 124 -49.58 12.64 31.80
C CYS A 124 -49.41 11.12 31.98
N VAL A 125 -49.98 10.24 31.15
CA VAL A 125 -49.61 8.81 31.08
C VAL A 125 -48.12 8.59 30.83
N TYR A 126 -47.46 9.57 30.21
CA TYR A 126 -45.99 9.45 29.93
C TYR A 126 -45.20 9.41 31.25
N GLU A 127 -45.78 9.90 32.35
CA GLU A 127 -45.07 9.92 33.64
C GLU A 127 -44.61 8.54 34.08
N GLU A 128 -45.46 7.51 33.92
CA GLU A 128 -45.00 6.15 34.17
C GLU A 128 -43.95 5.73 33.14
N TYR A 129 -44.20 5.93 31.84
CA TYR A 129 -43.34 5.40 30.78
C TYR A 129 -41.92 5.91 30.96
N CYS A 130 -41.78 7.22 31.13
CA CYS A 130 -40.48 7.83 31.28
C CYS A 130 -39.78 7.32 32.54
N SER A 131 -40.55 7.04 33.59
CA SER A 131 -39.99 6.51 34.83
C SER A 131 -39.43 5.10 34.65
N ASN A 132 -39.96 4.34 33.69
CA ASN A 132 -39.53 3.00 33.31
C ASN A 132 -38.58 2.94 32.08
N HIS A 133 -38.41 4.02 31.33
CA HIS A 133 -37.74 3.96 30.02
C HIS A 133 -36.28 3.53 30.11
N GLU A 134 -35.55 4.11 31.06
CA GLU A 134 -34.17 3.73 31.39
C GLU A 134 -34.08 2.22 31.65
N LYS A 135 -34.94 1.67 32.49
CA LYS A 135 -35.05 0.21 32.72
C LYS A 135 -35.38 -0.58 31.44
N ALA A 136 -36.22 -0.07 30.54
CA ALA A 136 -36.54 -0.74 29.28
C ALA A 136 -35.36 -0.76 28.30
N LEU A 137 -34.64 0.37 28.13
CA LEU A 137 -33.43 0.39 27.31
C LEU A 137 -32.37 -0.56 27.87
N ARG A 138 -32.19 -0.49 29.17
CA ARG A 138 -31.22 -1.31 29.95
C ARG A 138 -31.55 -2.77 29.89
N LEU A 139 -32.83 -3.15 29.79
CA LEU A 139 -33.22 -4.51 29.46
C LEU A 139 -32.89 -4.82 27.99
N LEU A 140 -33.28 -3.95 27.05
CA LEU A 140 -33.07 -4.22 25.63
C LEU A 140 -31.60 -4.44 25.25
N VAL A 141 -30.67 -3.65 25.81
CA VAL A 141 -29.23 -3.81 25.61
C VAL A 141 -28.78 -5.22 26.01
N GLU A 142 -29.22 -5.70 27.18
CA GLU A 142 -28.86 -7.03 27.66
C GLU A 142 -29.54 -8.11 26.82
N LEU A 143 -30.82 -7.96 26.46
CA LEU A 143 -31.50 -8.94 25.61
C LEU A 143 -30.94 -8.99 24.18
N ASN A 144 -30.35 -7.89 23.69
CA ASN A 144 -29.58 -7.94 22.45
C ASN A 144 -28.20 -8.59 22.60
N LYS A 145 -27.66 -8.80 23.80
CA LYS A 145 -26.42 -9.58 23.98
C LYS A 145 -26.66 -11.07 23.90
N ILE A 146 -27.89 -11.54 24.14
CA ILE A 146 -28.26 -12.96 24.07
C ILE A 146 -28.69 -13.28 22.62
N PRO A 147 -27.97 -14.12 21.85
CA PRO A 147 -28.20 -14.29 20.40
C PRO A 147 -29.62 -14.73 20.03
N THR A 148 -30.15 -15.69 20.76
CA THR A 148 -31.52 -16.20 20.58
C THR A 148 -32.57 -15.11 20.82
N VAL A 149 -32.44 -14.35 21.90
CA VAL A 149 -33.41 -13.31 22.28
C VAL A 149 -33.35 -12.16 21.28
N ARG A 150 -32.14 -11.70 20.94
CA ARG A 150 -32.01 -10.67 19.88
C ARG A 150 -32.72 -11.16 18.61
N ALA A 151 -32.42 -12.38 18.16
CA ALA A 151 -33.03 -12.93 16.97
C ALA A 151 -34.55 -13.04 17.09
N PHE A 152 -35.06 -13.36 18.30
CA PHE A 152 -36.52 -13.42 18.54
C PHE A 152 -37.10 -11.99 18.46
N LEU A 153 -36.42 -11.02 19.06
CA LEU A 153 -36.87 -9.63 19.06
C LEU A 153 -36.84 -9.03 17.66
N LEU A 154 -35.81 -9.25 16.84
CA LEU A 154 -35.80 -8.82 15.44
C LEU A 154 -36.89 -9.54 14.65
N SER A 155 -37.10 -10.82 14.93
CA SER A 155 -38.11 -11.61 14.24
C SER A 155 -39.48 -10.97 14.39
N CYS A 156 -39.79 -10.43 15.56
CA CYS A 156 -41.04 -9.73 15.81
C CYS A 156 -41.25 -8.61 14.79
N MET A 157 -40.25 -7.75 14.60
CA MET A 157 -40.33 -6.69 13.59
C MET A 157 -40.56 -7.24 12.20
N LEU A 158 -39.85 -8.32 11.85
CA LEU A 158 -39.88 -8.89 10.51
C LEU A 158 -41.26 -9.39 10.13
N LEU A 159 -41.88 -10.16 11.03
CA LEU A 159 -43.23 -10.74 10.77
C LEU A 159 -44.27 -9.62 10.74
N GLY A 160 -44.07 -8.57 11.55
CA GLY A 160 -45.06 -7.48 11.62
C GLY A 160 -45.22 -6.81 10.27
N GLY A 161 -44.12 -6.63 9.54
CA GLY A 161 -44.15 -5.99 8.22
C GLY A 161 -43.11 -4.90 8.12
N ARG A 162 -42.31 -4.75 9.18
CA ARG A 162 -41.26 -3.69 9.21
C ARG A 162 -39.92 -4.25 8.72
N LYS A 163 -39.24 -3.44 7.66
CA LYS A 163 -37.90 -3.94 7.35
C LYS A 163 -36.93 -3.62 8.48
N THR A 164 -36.44 -4.68 9.11
CA THR A 164 -35.45 -4.65 10.19
C THR A 164 -34.20 -3.81 9.86
N THR A 165 -33.77 -3.74 8.61
CA THR A 165 -32.59 -2.96 8.21
C THR A 165 -32.81 -1.45 8.18
N ASP A 166 -34.04 -0.97 8.34
CA ASP A 166 -34.37 0.45 8.21
C ASP A 166 -34.47 1.18 9.54
N ILE A 167 -35.12 0.59 10.56
CA ILE A 167 -35.28 1.22 11.89
C ILE A 167 -34.97 0.20 13.00
N PRO A 168 -34.20 0.58 14.03
CA PRO A 168 -33.96 -0.25 15.20
C PRO A 168 -35.07 -0.12 16.25
N LEU A 169 -35.33 -1.20 16.97
CA LEU A 169 -36.18 -1.19 18.16
C LEU A 169 -35.61 -0.26 19.22
N GLU A 170 -34.29 -0.24 19.27
CA GLU A 170 -33.46 0.63 20.06
C GLU A 170 -33.83 2.09 19.81
N GLY A 171 -34.11 2.44 18.56
CA GLY A 171 -34.68 3.73 18.20
C GLY A 171 -36.16 3.79 18.54
N TYR A 172 -36.92 2.76 18.22
CA TYR A 172 -38.34 2.79 18.47
C TYR A 172 -38.65 3.06 19.96
N LEU A 173 -37.89 2.56 20.93
CA LEU A 173 -38.22 2.84 22.35
C LEU A 173 -38.17 4.33 22.70
N LEU A 174 -37.31 5.05 22.01
CA LEU A 174 -37.14 6.49 22.11
C LEU A 174 -38.22 7.21 21.33
N SER A 175 -38.72 6.62 20.23
CA SER A 175 -39.62 7.30 19.31
C SER A 175 -40.92 7.84 19.97
N PRO A 176 -41.52 7.18 20.98
CA PRO A 176 -42.55 7.81 21.78
C PRO A 176 -42.09 9.05 22.53
N ILE A 177 -40.92 9.00 23.15
CA ILE A 177 -40.43 10.14 23.96
C ILE A 177 -40.03 11.33 23.08
N GLN A 178 -39.51 11.04 21.89
CA GLN A 178 -39.36 12.05 20.86
C GLN A 178 -40.70 12.69 20.55
N ARG A 179 -41.74 11.93 20.17
CA ARG A 179 -42.94 12.60 19.63
C ARG A 179 -43.75 13.38 20.64
N ILE A 180 -43.74 13.05 21.93
CA ILE A 180 -44.33 13.98 22.90
C ILE A 180 -43.56 15.29 22.95
N CYS A 181 -42.22 15.26 22.94
CA CYS A 181 -41.43 16.49 22.84
C CYS A 181 -41.67 17.25 21.52
N LYS A 182 -41.93 16.54 20.42
CA LYS A 182 -42.28 17.18 19.15
C LYS A 182 -43.53 18.02 19.35
N TYR A 183 -44.54 17.63 20.13
CA TYR A 183 -45.79 18.39 20.21
C TYR A 183 -45.59 19.85 20.62
N PRO A 184 -44.70 20.18 21.56
CA PRO A 184 -44.31 21.58 21.73
C PRO A 184 -43.78 22.24 20.46
N LEU A 185 -42.86 21.58 19.76
CA LEU A 185 -42.34 22.11 18.51
C LEU A 185 -43.42 22.21 17.43
N LEU A 186 -44.34 21.25 17.35
CA LEU A 186 -45.45 21.23 16.41
C LEU A 186 -46.36 22.44 16.63
N LEU A 187 -46.70 22.74 17.89
CA LEU A 187 -47.47 23.93 18.24
C LEU A 187 -46.70 25.20 17.93
N LYS A 188 -45.42 25.25 18.31
CA LYS A 188 -44.58 26.41 18.03
C LYS A 188 -44.59 26.71 16.53
N GLU A 189 -44.43 25.71 15.67
CA GLU A 189 -44.48 25.90 14.21
C GLU A 189 -45.85 26.33 13.69
N LEU A 190 -46.96 25.78 14.19
CA LEU A 190 -48.30 26.20 13.80
C LEU A 190 -48.55 27.68 14.19
N ALA A 191 -48.04 28.08 15.35
CA ALA A 191 -48.09 29.43 15.89
C ALA A 191 -47.27 30.40 15.04
N LYS A 192 -46.18 29.95 14.39
CA LYS A 192 -45.43 30.80 13.46
C LYS A 192 -46.25 31.26 12.26
N ARG A 193 -47.27 30.49 11.85
CA ARG A 193 -48.02 30.76 10.62
C ARG A 193 -49.35 31.46 10.86
N THR A 194 -50.12 30.94 11.81
CA THR A 194 -51.51 31.34 12.07
C THR A 194 -51.63 32.81 12.51
N PRO A 195 -52.56 33.62 11.96
CA PRO A 195 -52.72 35.03 12.34
C PRO A 195 -53.53 35.20 13.64
N GLY A 196 -53.34 36.35 14.30
CA GLY A 196 -54.03 36.69 15.55
C GLY A 196 -55.56 36.80 15.41
N LYS A 197 -56.05 36.99 14.19
CA LYS A 197 -57.47 36.97 13.82
C LYS A 197 -58.10 35.58 13.87
N HIS A 198 -57.31 34.53 13.72
CA HIS A 198 -57.81 33.16 13.67
C HIS A 198 -58.16 32.67 15.09
N PRO A 199 -59.36 32.12 15.33
CA PRO A 199 -59.84 31.82 16.68
C PRO A 199 -58.98 30.79 17.44
N ASP A 200 -58.21 29.95 16.75
CA ASP A 200 -57.29 29.02 17.42
C ASP A 200 -56.07 29.73 18.02
N HIS A 201 -55.77 30.97 17.66
CA HIS A 201 -54.56 31.67 18.11
C HIS A 201 -54.38 31.68 19.65
N PRO A 202 -55.34 32.19 20.45
CA PRO A 202 -55.20 32.20 21.92
C PRO A 202 -55.18 30.80 22.54
N ALA A 203 -55.92 29.84 21.98
CA ALA A 203 -55.90 28.44 22.42
C ALA A 203 -54.52 27.85 22.16
N VAL A 204 -53.95 28.03 20.96
CA VAL A 204 -52.64 27.48 20.59
C VAL A 204 -51.55 28.00 21.53
N GLN A 205 -51.53 29.30 21.84
CA GLN A 205 -50.53 29.86 22.74
C GLN A 205 -50.69 29.32 24.15
N SER A 206 -51.93 29.12 24.60
CA SER A 206 -52.23 28.47 25.87
C SER A 206 -51.76 27.02 25.83
N ALA A 207 -52.02 26.31 24.73
CA ALA A 207 -51.62 24.94 24.51
C ALA A 207 -50.11 24.77 24.41
N LEU A 208 -49.37 25.77 23.92
CA LEU A 208 -47.91 25.77 23.89
C LEU A 208 -47.33 25.84 25.32
N GLN A 209 -47.98 26.76 26.13
CA GLN A 209 -47.60 26.80 27.57
C GLN A 209 -47.86 25.40 28.15
N ALA A 210 -48.94 24.76 27.83
CA ALA A 210 -49.29 23.45 28.33
C ALA A 210 -48.33 22.35 27.84
N MET A 211 -48.17 22.12 26.55
CA MET A 211 -47.35 21.02 26.02
C MET A 211 -45.90 21.16 26.44
N LYS A 212 -45.41 22.42 26.50
CA LYS A 212 -44.15 22.74 27.18
C LYS A 212 -44.14 22.30 28.64
N THR A 213 -45.01 22.84 29.50
CA THR A 213 -45.02 22.45 30.92
C THR A 213 -45.07 20.93 31.08
N VAL A 214 -45.88 20.21 30.28
CA VAL A 214 -45.92 18.74 30.29
C VAL A 214 -44.53 18.16 30.09
N CYS A 215 -43.90 18.44 28.94
CA CYS A 215 -42.58 17.88 28.66
C CYS A 215 -41.52 18.34 29.66
N SER A 216 -41.71 19.51 30.28
CA SER A 216 -40.78 20.06 31.26
C SER A 216 -40.85 19.37 32.63
N ASN A 217 -42.02 18.81 33.00
CA ASN A 217 -42.14 18.21 34.33
C ASN A 217 -41.43 16.85 34.39
N ILE A 218 -41.21 16.17 33.25
CA ILE A 218 -40.67 14.80 33.17
C ILE A 218 -39.22 14.81 32.65
N ASN A 219 -38.30 14.16 33.37
CA ASN A 219 -36.85 14.23 33.09
C ASN A 219 -36.49 13.82 31.64
N GLU A 220 -37.10 12.74 31.15
CA GLU A 220 -36.73 12.10 29.88
C GLU A 220 -37.16 12.91 28.67
N THR A 221 -38.41 13.38 28.67
CA THR A 221 -38.87 14.38 27.71
C THR A 221 -38.13 15.70 27.88
N LYS A 222 -37.81 16.16 29.10
CA LYS A 222 -37.00 17.36 29.32
C LYS A 222 -35.64 17.24 28.62
N ARG A 223 -35.03 16.06 28.70
CA ARG A 223 -33.75 15.81 27.98
C ARG A 223 -33.98 15.90 26.47
N GLN A 224 -34.97 15.15 25.94
CA GLN A 224 -35.21 15.16 24.52
C GLN A 224 -35.56 16.57 24.04
N MET A 225 -36.28 17.35 24.84
CA MET A 225 -36.62 18.74 24.55
C MET A 225 -35.38 19.63 24.55
N GLU A 226 -34.48 19.52 25.53
CA GLU A 226 -33.31 20.38 25.53
C GLU A 226 -32.38 20.02 24.38
N LYS A 227 -32.21 18.74 24.03
CA LYS A 227 -31.41 18.38 22.87
C LYS A 227 -32.04 18.88 21.56
N LEU A 228 -33.36 18.87 21.42
CA LEU A 228 -34.01 19.52 20.27
C LEU A 228 -33.87 21.06 20.33
N GLU A 229 -33.94 21.65 21.53
CA GLU A 229 -33.83 23.10 21.76
C GLU A 229 -32.54 23.65 21.19
N ALA A 230 -31.43 22.93 21.39
CA ALA A 230 -30.17 23.29 20.76
C ALA A 230 -30.30 23.37 19.22
N LEU A 231 -30.92 22.37 18.59
CA LEU A 231 -31.09 22.35 17.13
C LEU A 231 -32.00 23.47 16.65
N GLU A 232 -33.09 23.73 17.34
CA GLU A 232 -33.98 24.82 16.95
C GLU A 232 -33.30 26.17 17.17
N GLN A 233 -32.59 26.36 18.29
CA GLN A 233 -31.83 27.56 18.62
C GLN A 233 -30.90 27.89 17.47
N LEU A 234 -30.07 26.92 17.08
CA LEU A 234 -29.17 27.13 15.98
C LEU A 234 -29.97 27.48 14.74
N GLN A 235 -31.08 26.81 14.46
CA GLN A 235 -31.79 27.14 13.23
C GLN A 235 -32.40 28.54 13.31
N SER A 236 -32.73 29.00 14.50
CA SER A 236 -33.25 30.33 14.74
C SER A 236 -32.20 31.41 14.56
N HIS A 237 -30.92 31.07 14.75
CA HIS A 237 -29.82 31.96 14.46
C HIS A 237 -29.49 31.98 12.99
N ILE A 238 -30.04 31.06 12.20
CA ILE A 238 -29.82 31.02 10.77
C ILE A 238 -31.03 31.60 10.10
N GLU A 239 -30.77 32.59 9.29
CA GLU A 239 -31.69 33.18 8.32
C GLU A 239 -31.77 32.29 7.05
N GLY A 240 -32.58 32.63 6.06
CA GLY A 240 -32.53 32.12 4.67
C GLY A 240 -32.65 30.60 4.42
N TRP A 241 -32.84 29.82 5.49
CA TRP A 241 -32.90 28.37 5.55
C TRP A 241 -33.65 27.70 4.38
N GLU A 242 -33.07 26.66 3.77
CA GLU A 242 -33.73 25.80 2.77
C GLU A 242 -33.72 24.32 3.16
N GLY A 243 -34.71 23.57 2.68
CA GLY A 243 -34.98 22.18 3.08
C GLY A 243 -35.49 22.00 4.52
N SER A 244 -35.62 20.74 4.95
CA SER A 244 -36.17 20.32 6.24
C SER A 244 -35.45 20.87 7.47
N ASN A 245 -36.15 20.95 8.61
CA ASN A 245 -35.63 21.55 9.84
C ASN A 245 -34.63 20.64 10.56
N LEU A 246 -33.74 21.20 11.36
CA LEU A 246 -32.69 20.38 11.97
C LEU A 246 -33.25 19.35 12.92
N THR A 247 -34.22 19.69 13.72
CA THR A 247 -34.85 18.74 14.64
C THR A 247 -35.37 17.48 13.99
N ASP A 248 -35.67 17.51 12.70
CA ASP A 248 -36.41 16.47 11.98
C ASP A 248 -35.51 15.50 11.21
N ILE A 249 -34.23 15.86 11.05
CA ILE A 249 -33.24 15.06 10.31
C ILE A 249 -31.87 14.90 11.00
N CYS A 250 -31.67 15.51 12.16
CA CYS A 250 -30.44 15.42 12.93
C CYS A 250 -30.77 15.40 14.41
N THR A 251 -29.92 14.75 15.20
CA THR A 251 -30.09 14.71 16.66
C THR A 251 -29.16 15.67 17.38
N GLN A 252 -27.98 15.92 16.82
CA GLN A 252 -26.99 16.80 17.40
C GLN A 252 -26.08 17.41 16.32
N LEU A 253 -25.56 18.59 16.63
CA LEU A 253 -24.35 19.14 16.02
C LEU A 253 -23.17 18.30 16.44
N LEU A 254 -22.27 18.05 15.52
CA LEU A 254 -21.01 17.39 15.78
C LEU A 254 -19.87 18.40 15.87
N LEU A 255 -19.79 19.35 14.93
CA LEU A 255 -18.68 20.31 14.86
C LEU A 255 -19.14 21.62 14.18
N GLN A 256 -18.55 22.73 14.59
CA GLN A 256 -18.80 24.08 14.07
C GLN A 256 -17.50 24.85 13.91
N GLY A 257 -17.34 25.58 12.80
CA GLY A 257 -16.18 26.46 12.60
C GLY A 257 -16.11 27.09 11.21
N THR A 258 -15.14 27.98 11.01
CA THR A 258 -14.89 28.60 9.73
C THR A 258 -13.81 27.88 8.98
N LEU A 259 -14.01 27.68 7.69
CA LEU A 259 -13.04 27.12 6.76
C LEU A 259 -13.08 27.95 5.49
N LEU A 260 -12.04 27.79 4.70
CA LEU A 260 -11.99 28.28 3.33
C LEU A 260 -12.66 27.23 2.44
N LYS A 261 -13.78 27.57 1.84
CA LYS A 261 -14.29 26.82 0.72
C LYS A 261 -13.55 27.35 -0.48
N ILE A 262 -12.58 26.56 -0.92
CA ILE A 262 -12.07 26.61 -2.30
C ILE A 262 -13.11 25.90 -3.19
N SER A 263 -13.58 26.58 -4.23
CA SER A 263 -14.60 26.09 -5.15
C SER A 263 -14.37 26.64 -6.55
N ALA A 264 -14.93 25.99 -7.57
CA ALA A 264 -15.15 26.58 -8.88
C ALA A 264 -15.85 27.94 -8.76
N GLY A 265 -15.51 28.85 -9.68
CA GLY A 265 -15.57 30.27 -9.41
C GLY A 265 -14.27 30.62 -8.69
N ASN A 266 -14.33 31.09 -7.45
CA ASN A 266 -13.18 31.27 -6.55
C ASN A 266 -13.55 31.24 -5.05
N ILE A 267 -12.52 31.24 -4.21
CA ILE A 267 -12.50 30.92 -2.78
C ILE A 267 -13.51 31.75 -1.96
N GLN A 268 -14.10 31.17 -0.91
CA GLN A 268 -15.20 31.66 -0.11
C GLN A 268 -14.89 31.39 1.34
N GLU A 269 -14.54 32.39 2.13
CA GLU A 269 -14.50 32.25 3.59
C GLU A 269 -15.93 31.95 4.06
N ARG A 270 -16.15 30.91 4.85
CA ARG A 270 -17.49 30.42 5.22
C ARG A 270 -17.46 29.78 6.60
N ALA A 271 -18.60 29.74 7.26
CA ALA A 271 -18.81 28.86 8.39
C ALA A 271 -19.45 27.54 7.92
N PHE A 272 -18.95 26.44 8.50
CA PHE A 272 -19.38 25.03 8.32
C PHE A 272 -19.87 24.41 9.61
N PHE A 273 -21.10 23.92 9.58
CA PHE A 273 -21.70 23.18 10.64
C PHE A 273 -21.87 21.73 10.16
N LEU A 274 -21.34 20.76 10.91
CA LEU A 274 -21.56 19.32 10.72
C LEU A 274 -22.53 18.78 11.79
N PHE A 275 -23.66 18.21 11.38
CA PHE A 275 -24.68 17.57 12.19
C PHE A 275 -24.92 16.15 11.68
N ASP A 276 -25.46 15.28 12.51
CA ASP A 276 -25.29 13.82 12.41
C ASP A 276 -25.66 13.14 11.09
N ASN A 277 -26.36 13.80 10.18
CA ASN A 277 -26.67 13.31 8.84
C ASN A 277 -26.48 14.40 7.76
N LEU A 278 -26.04 15.60 8.15
CA LEU A 278 -26.14 16.83 7.41
C LEU A 278 -24.97 17.75 7.70
N LEU A 279 -24.30 18.19 6.64
CA LEU A 279 -23.33 19.27 6.67
C LEU A 279 -23.97 20.53 6.07
N VAL A 280 -24.02 21.65 6.79
CA VAL A 280 -24.56 22.91 6.28
C VAL A 280 -23.56 24.02 6.47
N TYR A 281 -23.43 24.82 5.40
CA TYR A 281 -22.52 25.96 5.23
C TYR A 281 -23.26 27.24 4.85
N CYS A 282 -22.80 28.34 5.44
CA CYS A 282 -23.50 29.62 5.50
C CYS A 282 -22.49 30.76 5.37
N LYS A 283 -22.92 31.90 4.84
CA LYS A 283 -22.13 33.13 4.90
C LYS A 283 -22.21 33.75 6.31
N ARG A 284 -21.11 34.22 6.87
CA ARG A 284 -20.99 34.36 8.31
C ARG A 284 -21.60 35.59 8.93
N LYS A 285 -22.15 36.57 8.22
CA LYS A 285 -22.66 37.78 8.90
C LYS A 285 -23.82 37.42 9.84
N LEU A 448 -24.49 35.08 14.59
CA LEU A 448 -25.51 34.68 13.64
C LEU A 448 -24.99 34.46 12.21
N TYR A 449 -25.77 33.79 11.33
CA TYR A 449 -25.35 33.34 10.00
C TYR A 449 -26.44 33.41 9.00
N ILE A 450 -26.10 33.36 7.72
CA ILE A 450 -27.01 33.38 6.57
C ILE A 450 -26.79 32.13 5.76
N PHE A 451 -27.82 31.35 5.47
CA PHE A 451 -27.74 30.13 4.65
C PHE A 451 -27.05 30.32 3.28
N ARG A 452 -26.38 29.28 2.78
CA ARG A 452 -25.80 29.23 1.43
C ARG A 452 -26.11 27.90 0.75
N GLY A 453 -25.81 26.80 1.43
CA GLY A 453 -26.16 25.46 0.97
C GLY A 453 -25.90 24.35 1.99
N ARG A 454 -26.43 23.15 1.72
CA ARG A 454 -26.37 21.98 2.63
C ARG A 454 -26.12 20.67 1.87
N ILE A 455 -25.48 19.69 2.51
CA ILE A 455 -25.23 18.35 1.94
C ILE A 455 -25.57 17.27 2.96
N ASN A 456 -26.34 16.26 2.55
CA ASN A 456 -26.55 15.05 3.34
C ASN A 456 -25.26 14.22 3.38
N THR A 457 -24.84 13.80 4.55
CA THR A 457 -23.57 13.09 4.72
C THR A 457 -23.52 11.74 4.02
N GLU A 458 -24.67 11.22 3.58
CA GLU A 458 -24.72 10.08 2.70
C GLU A 458 -24.22 10.41 1.29
N VAL A 459 -24.71 11.48 0.65
CA VAL A 459 -24.30 11.84 -0.72
C VAL A 459 -22.95 12.56 -0.78
N MET A 460 -22.37 12.92 0.36
CA MET A 460 -20.98 13.33 0.49
C MET A 460 -20.02 12.16 0.18
N GLU A 461 -18.82 12.44 -0.35
CA GLU A 461 -17.63 11.58 -0.26
C GLU A 461 -16.33 12.42 -0.03
N VAL A 462 -15.39 11.94 0.79
CA VAL A 462 -14.16 12.66 1.19
C VAL A 462 -12.90 12.03 0.60
N GLU A 463 -11.94 12.87 0.18
CA GLU A 463 -10.60 12.47 -0.25
C GLU A 463 -9.52 13.41 0.32
N ASN A 464 -8.44 12.87 0.84
CA ASN A 464 -7.31 13.65 1.39
C ASN A 464 -6.35 14.14 0.28
N VAL A 465 -5.69 15.28 0.50
CA VAL A 465 -4.68 15.88 -0.38
C VAL A 465 -3.42 16.24 0.41
N GLU A 466 -2.24 15.97 -0.13
CA GLU A 466 -0.97 16.11 0.61
C GLU A 466 -0.42 17.54 0.54
N ASP A 467 0.19 18.03 1.63
CA ASP A 467 0.74 19.38 1.71
C ASP A 467 1.77 19.65 0.60
N GLY A 468 1.60 20.77 -0.10
CA GLY A 468 2.37 21.12 -1.29
C GLY A 468 1.71 20.65 -2.60
N THR A 469 0.61 19.92 -2.55
CA THR A 469 -0.17 19.55 -3.74
C THR A 469 -0.84 20.75 -4.39
N ALA A 470 -0.89 20.74 -5.73
CA ALA A 470 -1.69 21.63 -6.56
C ALA A 470 -2.41 20.81 -7.67
N ASP A 471 -3.36 21.41 -8.37
CA ASP A 471 -4.36 20.71 -9.18
C ASP A 471 -4.58 21.31 -10.58
N TYR A 472 -5.15 20.46 -11.43
CA TYR A 472 -5.84 20.75 -12.69
C TYR A 472 -7.04 19.77 -12.69
N HIS A 473 -8.13 20.08 -13.41
CA HIS A 473 -9.44 19.44 -13.15
C HIS A 473 -9.97 19.63 -11.71
N SER A 474 -9.35 20.51 -10.93
CA SER A 474 -9.88 21.09 -9.69
C SER A 474 -9.31 22.51 -9.56
N ASN A 475 -10.09 23.44 -9.01
CA ASN A 475 -9.89 24.90 -9.21
C ASN A 475 -8.77 25.56 -8.38
N GLY A 476 -8.11 24.80 -7.52
CA GLY A 476 -7.30 25.32 -6.42
C GLY A 476 -5.88 25.74 -6.76
N TYR A 477 -5.06 25.73 -5.72
CA TYR A 477 -3.73 26.30 -5.62
C TYR A 477 -2.86 25.40 -4.75
N THR A 478 -1.69 25.83 -4.29
CA THR A 478 -0.86 24.94 -3.44
C THR A 478 -1.48 24.76 -2.08
N VAL A 479 -2.17 23.66 -1.91
CA VAL A 479 -2.85 23.29 -0.67
C VAL A 479 -1.83 22.92 0.39
N THR A 480 -2.08 23.39 1.59
CA THR A 480 -1.63 22.73 2.82
C THR A 480 -2.81 22.70 3.74
N ASN A 481 -2.88 21.76 4.67
CA ASN A 481 -3.99 21.65 5.62
C ASN A 481 -5.40 21.61 4.98
N GLY A 482 -5.55 20.90 3.85
CA GLY A 482 -6.83 20.72 3.14
C GLY A 482 -7.30 19.28 2.96
N TRP A 483 -8.50 19.12 2.41
CA TRP A 483 -9.12 17.87 1.94
C TRP A 483 -10.22 18.20 0.94
N LYS A 484 -10.66 17.22 0.15
CA LYS A 484 -11.60 17.36 -0.96
C LYS A 484 -12.90 16.63 -0.67
N ILE A 485 -14.02 17.27 -1.00
CA ILE A 485 -15.37 16.80 -0.78
C ILE A 485 -16.04 16.61 -2.12
N HIS A 486 -16.87 15.58 -2.27
CA HIS A 486 -17.61 15.29 -3.49
C HIS A 486 -19.10 15.05 -3.23
N ASN A 487 -19.97 15.97 -3.62
CA ASN A 487 -21.40 15.72 -3.66
C ASN A 487 -21.72 14.78 -4.83
N THR A 488 -21.84 13.50 -4.53
CA THR A 488 -22.14 12.42 -5.48
C THR A 488 -23.49 12.55 -6.19
N ALA A 489 -24.44 13.35 -5.67
CA ALA A 489 -25.71 13.56 -6.33
C ALA A 489 -25.58 14.59 -7.47
N LYS A 490 -24.96 15.75 -7.18
CA LYS A 490 -24.76 16.84 -8.16
C LYS A 490 -23.48 16.69 -9.00
N ASN A 491 -22.65 15.71 -8.67
CA ASN A 491 -21.30 15.54 -9.19
C ASN A 491 -20.47 16.82 -8.99
N LYS A 492 -20.44 17.33 -7.74
CA LYS A 492 -19.68 18.55 -7.36
C LYS A 492 -18.54 18.27 -6.40
N TRP A 493 -17.32 18.44 -6.87
CA TRP A 493 -16.14 18.61 -6.03
C TRP A 493 -16.12 20.01 -5.36
N PHE A 494 -15.63 20.12 -4.13
CA PHE A 494 -15.00 21.34 -3.61
C PHE A 494 -13.93 20.99 -2.56
N VAL A 495 -13.06 21.95 -2.23
CA VAL A 495 -11.92 21.72 -1.32
C VAL A 495 -12.02 22.59 -0.09
N CYS A 496 -12.08 21.94 1.05
CA CYS A 496 -11.90 22.60 2.32
C CYS A 496 -10.41 22.87 2.55
N MET A 497 -10.10 23.96 3.25
CA MET A 497 -8.79 24.19 3.86
C MET A 497 -8.99 24.81 5.24
N ALA A 498 -8.14 24.41 6.18
CA ALA A 498 -8.13 24.92 7.53
C ALA A 498 -6.82 25.65 7.79
N LYS A 499 -6.83 26.63 8.70
CA LYS A 499 -5.62 27.37 9.05
C LYS A 499 -4.50 26.43 9.49
N THR A 500 -4.68 25.68 10.57
CA THR A 500 -3.68 24.72 11.09
C THR A 500 -3.88 23.29 10.54
N ALA A 501 -2.87 22.44 10.71
CA ALA A 501 -3.07 20.99 10.63
C ALA A 501 -3.99 20.49 11.74
N GLU A 502 -3.97 21.12 12.93
CA GLU A 502 -4.77 20.60 14.03
C GLU A 502 -6.26 20.67 13.73
N GLU A 503 -6.66 21.76 13.09
CA GLU A 503 -8.01 21.90 12.58
C GLU A 503 -8.32 20.98 11.40
N LYS A 504 -7.37 20.72 10.48
CA LYS A 504 -7.58 19.69 9.45
C LYS A 504 -7.89 18.36 10.12
N GLN A 505 -7.20 18.09 11.21
CA GLN A 505 -7.34 16.78 11.81
C GLN A 505 -8.64 16.68 12.59
N LYS A 506 -9.02 17.73 13.29
CA LYS A 506 -10.30 17.81 13.96
C LYS A 506 -11.45 17.62 12.98
N TRP A 507 -11.42 18.27 11.82
CA TRP A 507 -12.43 18.07 10.76
C TRP A 507 -12.43 16.69 10.15
N LEU A 508 -11.31 16.17 9.66
CA LEU A 508 -11.34 14.83 9.09
C LEU A 508 -11.72 13.77 10.12
N ASP A 509 -11.34 13.93 11.39
CA ASP A 509 -11.69 12.96 12.41
C ASP A 509 -13.20 12.97 12.70
N ALA A 510 -13.82 14.13 12.75
CA ALA A 510 -15.25 14.23 12.98
C ALA A 510 -16.03 13.64 11.81
N ILE A 511 -15.54 13.91 10.59
CA ILE A 511 -16.07 13.37 9.34
C ILE A 511 -15.97 11.85 9.36
N ILE A 512 -14.80 11.30 9.67
CA ILE A 512 -14.59 9.86 9.72
C ILE A 512 -15.51 9.23 10.77
N ARG A 513 -15.61 9.84 11.95
CA ARG A 513 -16.44 9.32 13.04
C ARG A 513 -17.88 9.30 12.63
N GLU A 514 -18.45 10.40 12.12
CA GLU A 514 -19.84 10.43 11.67
C GLU A 514 -20.12 9.35 10.62
N ARG A 515 -19.19 9.18 9.67
CA ARG A 515 -19.29 8.14 8.64
C ARG A 515 -19.38 6.79 9.30
N GLU A 516 -18.41 6.46 10.15
CA GLU A 516 -18.33 5.20 10.85
C GLU A 516 -19.53 4.95 11.77
N GLN A 517 -20.05 5.92 12.51
CA GLN A 517 -21.24 5.72 13.34
C GLN A 517 -22.49 5.33 12.50
N ARG A 518 -22.79 6.11 11.47
CA ARG A 518 -23.95 5.80 10.58
C ARG A 518 -23.73 4.44 9.91
N GLU A 519 -22.58 4.25 9.26
CA GLU A 519 -22.25 3.00 8.58
C GLU A 519 -22.24 1.79 9.54
N SER A 520 -21.77 1.95 10.77
CA SER A 520 -21.72 0.83 11.75
C SER A 520 -23.11 0.43 12.24
N LEU A 521 -24.01 1.38 12.48
CA LEU A 521 -25.39 1.03 12.73
C LEU A 521 -25.95 0.25 11.53
N LYS A 522 -25.84 0.77 10.30
CA LYS A 522 -26.40 0.13 9.09
C LYS A 522 -25.84 -1.28 8.86
N LEU A 523 -24.52 -1.46 8.88
CA LEU A 523 -23.89 -2.78 8.76
C LEU A 523 -24.23 -3.70 9.96
N GLY A 524 -24.36 -3.16 11.16
CA GLY A 524 -24.72 -3.92 12.36
C GLY A 524 -26.15 -4.43 12.31
N MET A 525 -27.11 -3.57 11.95
CA MET A 525 -28.46 -3.99 11.67
C MET A 525 -28.53 -4.99 10.49
N GLU A 526 -27.82 -4.76 9.38
CA GLU A 526 -27.87 -5.67 8.24
C GLU A 526 -27.31 -7.05 8.59
N ARG A 527 -26.14 -7.09 9.25
CA ARG A 527 -25.55 -8.31 9.81
C ARG A 527 -26.53 -9.05 10.69
N ASP A 528 -26.93 -8.42 11.81
CA ASP A 528 -27.78 -9.01 12.86
C ASP A 528 -29.06 -9.58 12.25
N ALA A 529 -29.68 -8.80 11.37
CA ALA A 529 -30.88 -9.19 10.63
C ALA A 529 -30.64 -10.37 9.70
N TYR A 530 -29.56 -10.32 8.92
CA TYR A 530 -29.24 -11.45 8.01
C TYR A 530 -29.02 -12.73 8.83
N VAL A 531 -28.25 -12.64 9.92
CA VAL A 531 -27.92 -13.87 10.71
C VAL A 531 -29.18 -14.48 11.35
N MET A 532 -30.12 -13.68 11.87
CA MET A 532 -31.36 -14.30 12.42
C MET A 532 -32.18 -14.94 11.29
N ILE A 533 -32.27 -14.29 10.13
CA ILE A 533 -32.94 -14.88 8.97
C ILE A 533 -32.25 -16.18 8.65
N ALA A 534 -30.95 -16.24 8.84
CA ALA A 534 -30.24 -17.47 8.59
C ALA A 534 -30.62 -18.49 9.70
N GLU A 535 -30.49 -18.12 10.97
CA GLU A 535 -30.70 -19.04 12.08
C GLU A 535 -32.10 -19.66 12.03
N LYS A 536 -33.12 -18.82 11.84
CA LYS A 536 -34.48 -19.30 11.61
C LYS A 536 -34.54 -20.09 10.32
N GLY A 537 -33.99 -19.57 9.22
CA GLY A 537 -34.06 -20.24 7.93
C GLY A 537 -33.52 -21.67 7.99
N GLU A 538 -32.36 -21.85 8.59
CA GLU A 538 -31.75 -23.16 8.81
C GLU A 538 -32.60 -24.02 9.74
N LYS A 539 -33.01 -23.46 10.89
CA LYS A 539 -33.83 -24.19 11.85
C LYS A 539 -35.08 -24.70 11.16
N LEU A 540 -35.81 -23.81 10.51
CA LEU A 540 -37.05 -24.13 9.84
C LEU A 540 -36.81 -25.04 8.64
N TYR A 541 -35.72 -24.87 7.90
CA TYR A 541 -35.29 -25.81 6.87
C TYR A 541 -35.15 -27.22 7.45
N HIS A 542 -34.33 -27.43 8.49
CA HIS A 542 -34.16 -28.74 9.14
C HIS A 542 -35.39 -29.21 9.94
N MET A 543 -36.34 -28.34 10.25
CA MET A 543 -37.68 -28.73 10.67
C MET A 543 -38.62 -29.02 9.50
N MET A 544 -38.30 -28.65 8.26
CA MET A 544 -39.05 -28.99 7.05
C MET A 544 -38.50 -30.23 6.34
N MET A 545 -37.21 -30.52 6.49
CA MET A 545 -36.54 -31.71 5.91
C MET A 545 -36.84 -33.03 6.63
N ASN A 546 -37.33 -33.01 7.86
CA ASN A 546 -37.75 -34.24 8.55
C ASN A 546 -39.05 -34.81 7.93
N LYS A 547 -39.26 -36.11 8.08
CA LYS A 547 -40.44 -36.82 7.56
C LYS A 547 -41.73 -36.42 8.26
N LYS A 548 -41.64 -35.82 9.46
CA LYS A 548 -42.76 -35.24 10.21
C LYS A 548 -43.41 -34.09 9.42
N VAL A 549 -42.69 -33.54 8.45
CA VAL A 549 -43.11 -32.40 7.63
C VAL A 549 -42.96 -32.68 6.14
N ASN A 550 -41.77 -33.01 5.64
CA ASN A 550 -41.49 -33.43 4.25
C ASN A 550 -41.97 -32.48 3.12
N LEU A 551 -42.21 -31.19 3.37
CA LEU A 551 -42.83 -30.29 2.36
C LEU A 551 -41.97 -30.15 1.09
N ILE A 552 -40.65 -30.23 1.25
CA ILE A 552 -39.66 -30.14 0.19
C ILE A 552 -39.66 -31.45 -0.60
N LYS A 553 -40.48 -31.51 -1.66
CA LYS A 553 -40.70 -32.68 -2.52
C LYS A 553 -40.46 -32.32 -4.00
N ASP A 554 -40.13 -33.30 -4.82
CA ASP A 554 -40.21 -33.13 -6.28
C ASP A 554 -41.69 -33.13 -6.72
N ARG A 555 -42.03 -32.29 -7.71
CA ARG A 555 -43.44 -32.16 -8.15
C ARG A 555 -43.59 -32.28 -9.68
N SER A 560 -42.37 -29.34 -17.31
CA SER A 560 -41.23 -30.13 -16.81
C SER A 560 -41.33 -30.38 -15.30
N THR A 561 -40.81 -31.52 -14.81
CA THR A 561 -40.79 -31.84 -13.37
C THR A 561 -40.00 -30.78 -12.59
N VAL A 562 -40.43 -30.40 -11.41
CA VAL A 562 -39.73 -29.43 -10.59
C VAL A 562 -39.10 -30.12 -9.37
N PRO A 563 -37.76 -30.06 -9.19
CA PRO A 563 -37.09 -30.74 -8.09
C PRO A 563 -37.15 -29.97 -6.76
N LYS A 564 -37.19 -30.70 -5.64
CA LYS A 564 -36.92 -30.27 -4.26
C LYS A 564 -37.60 -28.94 -3.91
N CYS A 565 -38.91 -28.87 -4.12
CA CYS A 565 -39.69 -27.65 -4.03
C CYS A 565 -40.74 -27.74 -2.92
N PHE A 566 -41.43 -26.65 -2.63
CA PHE A 566 -42.53 -26.57 -1.67
C PHE A 566 -43.55 -25.52 -2.14
N LEU A 567 -44.74 -25.50 -1.54
CA LEU A 567 -45.78 -24.51 -1.86
C LEU A 567 -45.82 -23.41 -0.78
N GLY A 568 -45.88 -22.14 -1.19
CA GLY A 568 -45.85 -21.02 -0.23
C GLY A 568 -47.01 -21.02 0.75
N ASN A 569 -48.19 -21.46 0.32
CA ASN A 569 -49.36 -21.65 1.17
C ASN A 569 -49.08 -22.62 2.32
N GLU A 570 -48.50 -23.77 1.98
CA GLU A 570 -48.20 -24.80 2.96
C GLU A 570 -47.18 -24.30 3.96
N PHE A 571 -46.15 -23.59 3.51
CA PHE A 571 -45.16 -23.01 4.41
C PHE A 571 -45.79 -22.05 5.41
N VAL A 572 -46.64 -21.13 4.95
CA VAL A 572 -47.36 -20.20 5.84
C VAL A 572 -48.26 -20.95 6.81
N ALA A 573 -49.06 -21.89 6.31
CA ALA A 573 -49.90 -22.70 7.17
C ALA A 573 -49.05 -23.40 8.21
N TRP A 574 -47.95 -24.00 7.80
CA TRP A 574 -47.06 -24.71 8.69
C TRP A 574 -46.44 -23.77 9.72
N LEU A 575 -46.07 -22.56 9.31
CA LEU A 575 -45.68 -21.54 10.25
C LEU A 575 -46.76 -21.24 11.28
N LEU A 576 -48.04 -21.20 10.89
CA LEU A 576 -49.10 -21.03 11.88
C LEU A 576 -49.27 -22.33 12.68
N GLU A 577 -49.11 -23.51 12.07
CA GLU A 577 -49.35 -24.78 12.77
C GLU A 577 -48.29 -25.06 13.83
N ILE A 578 -47.03 -24.77 13.51
CA ILE A 578 -45.93 -24.93 14.45
C ILE A 578 -45.98 -23.87 15.56
N GLY A 579 -46.63 -22.74 15.27
CA GLY A 579 -46.93 -21.62 16.17
C GLY A 579 -46.00 -20.42 16.03
N GLU A 580 -45.21 -20.39 14.96
CA GLU A 580 -44.25 -19.33 14.65
C GLU A 580 -44.90 -18.00 14.22
N ILE A 581 -46.17 -17.99 13.79
CA ILE A 581 -46.93 -16.79 13.40
C ILE A 581 -48.33 -16.77 14.01
N SER A 582 -48.97 -15.60 14.02
CA SER A 582 -50.36 -15.45 14.46
C SER A 582 -51.33 -15.14 13.32
N LYS A 583 -50.86 -14.47 12.28
CA LYS A 583 -51.64 -13.94 11.15
C LYS A 583 -51.01 -14.33 9.83
N THR A 584 -51.77 -14.76 8.81
CA THR A 584 -51.24 -15.17 7.48
C THR A 584 -50.40 -14.12 6.78
N GLU A 585 -50.72 -12.86 7.03
CA GLU A 585 -49.97 -11.72 6.56
C GLU A 585 -48.51 -11.77 7.05
N GLU A 586 -48.30 -12.16 8.31
CA GLU A 586 -46.96 -12.34 8.86
C GLU A 586 -46.19 -13.39 8.07
N GLY A 587 -46.87 -14.47 7.69
CA GLY A 587 -46.27 -15.55 6.94
C GLY A 587 -45.79 -15.08 5.58
N VAL A 588 -46.61 -14.33 4.84
CA VAL A 588 -46.16 -13.78 3.55
C VAL A 588 -45.04 -12.78 3.75
N ASN A 589 -45.01 -12.02 4.85
CA ASN A 589 -43.84 -11.21 5.17
C ASN A 589 -42.59 -12.05 5.42
N LEU A 590 -42.68 -13.12 6.20
CA LEU A 590 -41.53 -13.98 6.41
C LEU A 590 -41.08 -14.62 5.10
N GLY A 591 -42.00 -15.19 4.33
CA GLY A 591 -41.69 -15.87 3.08
C GLY A 591 -41.13 -14.92 2.02
N GLN A 592 -41.62 -13.69 1.95
CA GLN A 592 -40.96 -12.68 1.13
C GLN A 592 -39.60 -12.26 1.70
N ALA A 593 -39.41 -12.18 3.02
CA ALA A 593 -38.10 -11.88 3.60
C ALA A 593 -37.08 -12.98 3.30
N LEU A 594 -37.44 -14.25 3.45
CA LEU A 594 -36.58 -15.38 3.08
C LEU A 594 -36.30 -15.42 1.57
N LEU A 595 -37.22 -14.95 0.72
CA LEU A 595 -36.95 -14.75 -0.69
C LEU A 595 -35.93 -13.63 -0.92
N GLU A 596 -36.18 -12.42 -0.43
CA GLU A 596 -35.30 -11.26 -0.65
C GLU A 596 -33.92 -11.40 0.01
N ASN A 597 -33.84 -12.05 1.16
CA ASN A 597 -32.57 -12.38 1.81
C ASN A 597 -31.83 -13.55 1.14
N GLY A 598 -32.43 -14.21 0.14
CA GLY A 598 -31.76 -15.26 -0.60
C GLY A 598 -31.83 -16.65 0.02
N ILE A 599 -32.60 -16.85 1.09
CA ILE A 599 -32.77 -18.18 1.66
C ILE A 599 -33.59 -19.06 0.73
N ILE A 600 -34.58 -18.48 0.02
CA ILE A 600 -35.42 -19.19 -0.98
C ILE A 600 -35.40 -18.48 -2.35
N HIS A 601 -36.12 -19.03 -3.32
CA HIS A 601 -36.45 -18.43 -4.63
C HIS A 601 -37.64 -19.16 -5.29
N HIS A 602 -38.18 -18.60 -6.36
CA HIS A 602 -39.21 -19.22 -7.21
C HIS A 602 -38.63 -20.22 -8.23
N VAL A 603 -39.38 -21.27 -8.58
CA VAL A 603 -38.89 -22.32 -9.50
C VAL A 603 -38.92 -21.97 -11.00
N SER A 604 -39.84 -21.10 -11.45
CA SER A 604 -40.00 -20.80 -12.89
C SER A 604 -39.33 -19.49 -13.36
N ASP A 605 -38.65 -18.75 -12.48
CA ASP A 605 -38.05 -17.44 -12.76
C ASP A 605 -39.08 -16.33 -13.09
N LYS A 606 -40.19 -16.29 -12.34
CA LYS A 606 -41.27 -15.28 -12.52
C LYS A 606 -41.64 -14.53 -11.23
N HIS A 607 -41.81 -15.19 -10.09
CA HIS A 607 -42.68 -14.68 -9.01
C HIS A 607 -41.94 -14.30 -7.70
N GLN A 608 -42.50 -13.32 -6.99
CA GLN A 608 -42.22 -13.05 -5.57
C GLN A 608 -42.99 -14.04 -4.66
N PHE A 609 -42.88 -13.96 -3.33
CA PHE A 609 -43.55 -14.86 -2.36
C PHE A 609 -45.00 -14.47 -1.99
N LYS A 610 -45.98 -15.40 -2.00
CA LYS A 610 -47.43 -15.08 -2.09
C LYS A 610 -48.52 -15.78 -1.25
N ASN A 611 -48.29 -16.84 -0.47
CA ASN A 611 -49.39 -17.68 0.12
C ASN A 611 -50.23 -18.51 -0.89
N GLU A 612 -49.82 -18.60 -2.15
CA GLU A 612 -50.76 -18.80 -3.28
C GLU A 612 -50.59 -20.11 -4.09
N GLN A 613 -50.17 -21.20 -3.44
CA GLN A 613 -49.85 -22.51 -4.05
C GLN A 613 -48.76 -22.45 -5.15
N VAL A 614 -48.06 -21.31 -5.27
CA VAL A 614 -46.88 -21.15 -6.13
C VAL A 614 -45.72 -21.98 -5.56
N MET A 615 -44.94 -22.57 -6.45
CA MET A 615 -43.83 -23.46 -6.13
C MET A 615 -42.51 -22.68 -5.90
N TYR A 616 -41.79 -23.01 -4.81
CA TYR A 616 -40.55 -22.35 -4.39
C TYR A 616 -39.50 -23.38 -3.95
N ARG A 617 -38.26 -22.90 -3.73
CA ARG A 617 -37.12 -23.80 -3.37
C ARG A 617 -36.05 -23.05 -2.58
N PHE A 618 -35.43 -23.70 -1.59
CA PHE A 618 -34.33 -23.14 -0.76
C PHE A 618 -33.01 -23.12 -1.53
N ARG A 619 -32.20 -22.07 -1.35
CA ARG A 619 -30.91 -21.91 -2.04
C ARG A 619 -29.82 -22.84 -1.51
N TYR A 620 -30.12 -23.60 -0.47
CA TYR A 620 -29.36 -24.80 -0.12
C TYR A 620 -29.33 -25.80 -1.29
N ASP A 621 -30.42 -25.94 -2.05
CA ASP A 621 -30.59 -27.09 -2.94
C ASP A 621 -29.60 -27.13 -4.13
N ASP A 622 -29.33 -26.01 -4.79
CA ASP A 622 -28.29 -25.89 -5.82
C ASP A 622 -26.88 -25.64 -5.22
N GLY A 623 -26.66 -25.82 -3.91
CA GLY A 623 -25.32 -25.78 -3.31
C GLY A 623 -24.65 -24.40 -3.22
N THR A 624 -25.37 -23.40 -2.72
CA THR A 624 -24.89 -22.00 -2.65
C THR A 624 -24.01 -21.66 -1.42
N TYR A 625 -23.62 -22.65 -0.60
CA TYR A 625 -22.79 -22.48 0.61
C TYR A 625 -21.59 -23.46 0.64
N LYS A 626 -20.37 -23.03 1.05
CA LYS A 626 -19.15 -23.88 1.11
C LYS A 626 -17.99 -23.29 1.96
N ALA A 627 -17.03 -24.15 2.32
CA ALA A 627 -15.86 -23.86 3.18
C ALA A 627 -14.49 -23.87 2.47
N ARG A 628 -14.42 -23.96 1.14
CA ARG A 628 -13.20 -24.23 0.33
C ARG A 628 -12.08 -23.18 0.48
N SER A 629 -12.35 -22.02 1.07
CA SER A 629 -11.32 -21.04 1.46
C SER A 629 -10.33 -21.60 2.50
N GLU A 630 -10.73 -22.55 3.33
CA GLU A 630 -9.84 -23.24 4.28
C GLU A 630 -8.93 -24.28 3.59
N LEU A 631 -9.24 -24.67 2.35
CA LEU A 631 -8.52 -25.64 1.55
C LEU A 631 -7.41 -24.98 0.71
N GLU A 632 -7.67 -23.86 0.03
CA GLU A 632 -6.61 -23.13 -0.69
C GLU A 632 -5.54 -22.56 0.25
N ASP A 633 -5.92 -22.10 1.44
CA ASP A 633 -4.98 -21.58 2.44
C ASP A 633 -4.11 -22.68 3.11
N ILE A 634 -4.46 -23.95 2.92
CA ILE A 634 -3.73 -25.07 3.52
C ILE A 634 -2.33 -25.27 2.91
N MET A 635 -2.14 -24.85 1.66
CA MET A 635 -0.84 -24.77 1.01
C MET A 635 0.03 -23.75 1.71
N SER A 636 -0.43 -22.50 1.75
CA SER A 636 0.33 -21.42 2.39
C SER A 636 0.65 -21.78 3.83
N LYS A 637 -0.37 -22.16 4.62
CA LYS A 637 -0.20 -22.60 6.02
C LYS A 637 0.78 -23.76 6.12
N GLY A 638 0.75 -24.70 5.18
CA GLY A 638 1.64 -25.86 5.13
C GLY A 638 3.10 -25.48 4.95
N VAL A 639 3.38 -24.70 3.92
CA VAL A 639 4.70 -24.14 3.67
C VAL A 639 5.17 -23.37 4.88
N ARG A 640 4.35 -22.43 5.36
CA ARG A 640 4.71 -21.60 6.56
C ARG A 640 5.02 -22.52 7.76
N LEU A 641 4.29 -23.62 7.93
CA LEU A 641 4.44 -24.58 9.02
C LEU A 641 5.73 -25.38 8.88
N TYR A 642 5.88 -26.03 7.73
CA TYR A 642 7.10 -26.82 7.43
C TYR A 642 8.33 -25.93 7.67
N CYS A 643 8.31 -24.71 7.14
CA CYS A 643 9.43 -23.83 7.28
C CYS A 643 9.70 -23.51 8.73
N ARG A 644 8.67 -23.20 9.53
CA ARG A 644 8.93 -22.81 10.94
C ARG A 644 9.51 -24.00 11.70
N LEU A 645 8.90 -25.18 11.61
CA LEU A 645 9.41 -26.37 12.23
C LEU A 645 10.88 -26.61 11.83
N HIS A 646 11.22 -26.65 10.55
CA HIS A 646 12.60 -26.91 10.15
C HIS A 646 13.56 -25.77 10.43
N SER A 647 13.04 -24.59 10.74
CA SER A 647 13.83 -23.45 11.18
C SER A 647 14.14 -23.51 12.67
N LEU A 648 13.67 -24.52 13.40
CA LEU A 648 13.97 -24.65 14.81
C LEU A 648 15.40 -25.15 15.03
N TYR A 649 16.15 -24.51 15.92
CA TYR A 649 17.52 -24.87 16.27
C TYR A 649 17.58 -26.17 17.09
N THR A 650 16.62 -26.34 18.00
CA THR A 650 16.37 -27.60 18.73
C THR A 650 15.10 -28.24 18.18
N PRO A 651 15.19 -29.04 17.12
CA PRO A 651 14.05 -29.37 16.27
C PRO A 651 12.98 -30.19 16.96
N VAL A 652 11.77 -30.15 16.41
CA VAL A 652 10.62 -30.96 16.85
C VAL A 652 10.30 -32.06 15.84
N ILE A 653 10.53 -31.86 14.53
CA ILE A 653 10.64 -33.00 13.60
C ILE A 653 12.04 -33.58 13.69
N LYS A 654 12.21 -34.87 13.97
CA LYS A 654 13.53 -35.48 14.22
C LYS A 654 13.53 -36.98 14.02
N ASP A 655 14.68 -37.63 14.12
CA ASP A 655 14.74 -39.09 14.23
C ASP A 655 14.13 -39.56 15.55
N ARG A 656 13.24 -40.55 15.47
CA ARG A 656 12.60 -41.16 16.67
C ARG A 656 12.37 -42.65 16.38
N ASP A 657 12.59 -43.54 17.34
CA ASP A 657 12.46 -44.98 17.15
C ASP A 657 11.04 -45.45 17.47
N TYR A 658 10.45 -46.31 16.62
CA TYR A 658 9.16 -46.96 16.87
C TYR A 658 9.29 -48.47 16.86
N HIS A 659 8.86 -49.13 17.93
CA HIS A 659 9.13 -50.55 18.20
C HIS A 659 10.63 -50.88 18.11
N LEU A 660 11.42 -50.04 18.78
CA LEU A 660 12.87 -50.17 18.96
C LEU A 660 13.70 -50.21 17.65
N LYS A 661 13.20 -49.50 16.63
CA LYS A 661 13.73 -49.35 15.26
C LYS A 661 13.63 -47.88 14.85
N THR A 662 14.69 -47.28 14.31
CA THR A 662 14.71 -45.84 14.02
C THR A 662 13.88 -45.44 12.81
N TYR A 663 13.07 -44.38 13.01
CA TYR A 663 12.41 -43.68 11.90
C TYR A 663 13.26 -42.41 11.84
N LYS A 664 13.44 -41.75 10.71
CA LYS A 664 14.46 -40.68 10.56
C LYS A 664 14.01 -39.25 10.81
N SER A 665 12.76 -38.91 10.53
CA SER A 665 12.34 -37.51 10.38
C SER A 665 10.85 -37.37 10.64
N VAL A 666 10.49 -37.67 11.87
CA VAL A 666 9.13 -37.96 12.30
C VAL A 666 8.72 -37.08 13.45
N LEU A 667 7.42 -36.77 13.48
CA LEU A 667 6.73 -35.87 14.37
C LEU A 667 5.51 -36.60 14.98
N PRO A 668 5.42 -36.73 16.30
CA PRO A 668 4.23 -37.28 16.91
C PRO A 668 3.05 -36.36 16.58
N GLY A 669 1.94 -36.91 16.11
CA GLY A 669 0.78 -36.09 15.76
C GLY A 669 0.33 -35.21 16.92
N SER A 670 0.34 -35.74 18.13
CA SER A 670 0.06 -34.99 19.33
C SER A 670 1.10 -33.90 19.63
N LYS A 671 2.38 -34.12 19.35
CA LYS A 671 3.37 -33.04 19.46
C LYS A 671 3.15 -31.96 18.41
N LEU A 672 2.76 -32.31 17.18
CA LEU A 672 2.39 -31.30 16.18
C LEU A 672 1.25 -30.43 16.69
N VAL A 673 0.22 -31.05 17.24
CA VAL A 673 -0.89 -30.34 17.85
C VAL A 673 -0.41 -29.46 19.00
N ASP A 674 0.41 -29.97 19.93
CA ASP A 674 0.97 -29.18 21.04
C ASP A 674 1.72 -27.95 20.53
N TRP A 675 2.44 -28.11 19.42
CA TRP A 675 3.25 -27.07 18.80
C TRP A 675 2.45 -26.06 17.95
N LEU A 676 1.53 -26.47 17.07
CA LEU A 676 0.57 -25.57 16.46
C LEU A 676 -0.13 -24.67 17.48
N LEU A 677 -0.53 -25.23 18.63
CA LEU A 677 -1.16 -24.45 19.68
C LEU A 677 -0.15 -23.52 20.33
N ALA A 678 1.04 -23.98 20.69
CA ALA A 678 1.99 -23.15 21.44
C ALA A 678 2.36 -21.90 20.64
N GLN A 679 2.38 -22.03 19.32
CA GLN A 679 2.66 -20.92 18.40
C GLN A 679 1.44 -20.05 18.09
N GLY A 680 0.24 -20.42 18.56
CA GLY A 680 -1.01 -19.68 18.39
C GLY A 680 -1.64 -19.82 17.02
N ASP A 681 -1.23 -20.79 16.20
CA ASP A 681 -1.78 -21.01 14.85
C ASP A 681 -3.23 -21.49 14.85
N CYS A 682 -3.60 -22.25 15.89
CA CYS A 682 -4.92 -22.82 16.10
C CYS A 682 -5.27 -22.65 17.60
N GLN A 683 -6.48 -22.20 17.94
CA GLN A 683 -6.85 -22.02 19.35
C GLN A 683 -7.12 -23.36 20.03
N THR A 684 -7.66 -24.33 19.30
CA THR A 684 -8.08 -25.61 19.87
C THR A 684 -7.34 -26.79 19.25
N ARG A 685 -7.18 -27.88 20.00
CA ARG A 685 -6.55 -29.11 19.44
C ARG A 685 -7.39 -29.57 18.26
N GLU A 686 -8.72 -29.44 18.36
CA GLU A 686 -9.63 -29.80 17.31
C GLU A 686 -9.30 -29.06 16.02
N GLU A 687 -9.01 -27.76 16.07
CA GLU A 687 -8.63 -27.02 14.86
C GLU A 687 -7.31 -27.51 14.30
N ALA A 688 -6.33 -27.77 15.17
CA ALA A 688 -5.08 -28.35 14.75
C ALA A 688 -5.28 -29.73 14.12
N VAL A 689 -6.13 -30.60 14.67
CA VAL A 689 -6.42 -31.88 14.00
C VAL A 689 -7.04 -31.63 12.63
N ALA A 690 -7.92 -30.64 12.47
CA ALA A 690 -8.55 -30.39 11.18
C ALA A 690 -7.54 -29.92 10.13
N LEU A 691 -6.54 -29.15 10.57
CA LEU A 691 -5.38 -28.78 9.79
C LEU A 691 -4.57 -30.02 9.40
N GLY A 692 -4.24 -30.87 10.37
CA GLY A 692 -3.52 -32.10 10.14
C GLY A 692 -4.21 -32.98 9.14
N VAL A 693 -5.52 -33.20 9.23
CA VAL A 693 -6.22 -34.03 8.25
C VAL A 693 -6.09 -33.46 6.84
N GLY A 694 -6.28 -32.15 6.68
CA GLY A 694 -6.15 -31.50 5.37
C GLY A 694 -4.71 -31.46 4.82
N LEU A 695 -3.69 -31.34 5.67
CA LEU A 695 -2.29 -31.48 5.27
C LEU A 695 -2.07 -32.86 4.66
N CYS A 696 -2.60 -33.91 5.29
CA CYS A 696 -2.40 -35.26 4.79
C CYS A 696 -3.11 -35.50 3.48
N ASN A 697 -4.30 -34.94 3.32
CA ASN A 697 -5.04 -35.02 2.07
C ASN A 697 -4.34 -34.25 0.95
N ASN A 698 -3.70 -33.11 1.24
CA ASN A 698 -2.99 -32.31 0.23
C ASN A 698 -1.52 -32.70 0.09
N GLY A 699 -1.12 -33.86 0.59
CA GLY A 699 0.18 -34.45 0.30
C GLY A 699 1.35 -33.65 0.88
N PHE A 700 1.17 -33.04 2.05
CA PHE A 700 2.29 -32.48 2.81
C PHE A 700 2.98 -33.56 3.63
N MET A 701 2.21 -34.29 4.43
CA MET A 701 2.74 -35.30 5.37
C MET A 701 1.94 -36.58 5.39
N HIS A 702 2.53 -37.62 5.94
CA HIS A 702 1.85 -38.89 6.16
C HIS A 702 2.22 -39.45 7.51
N HIS A 703 1.41 -40.40 7.97
CA HIS A 703 1.76 -41.36 9.00
C HIS A 703 2.84 -42.33 8.51
N VAL A 704 3.64 -42.84 9.44
CA VAL A 704 4.66 -43.86 9.17
C VAL A 704 4.14 -45.18 8.59
N LEU A 705 2.83 -45.42 8.58
CA LEU A 705 2.15 -46.47 7.82
C LEU A 705 1.05 -45.83 6.95
N GLU A 706 0.70 -46.45 5.83
CA GLU A 706 -0.33 -45.93 4.90
C GLU A 706 -1.72 -45.78 5.54
N LYS A 707 -1.95 -46.50 6.64
CA LYS A 707 -3.25 -46.87 7.19
C LYS A 707 -4.00 -45.77 7.96
N SER A 708 -3.30 -44.96 8.76
CA SER A 708 -3.94 -43.95 9.61
C SER A 708 -4.11 -42.59 8.92
N GLU A 709 -5.22 -41.92 9.23
CA GLU A 709 -5.40 -40.48 9.11
C GLU A 709 -4.58 -39.73 10.20
N PHE A 710 -4.50 -38.40 10.09
CA PHE A 710 -3.97 -37.59 11.18
C PHE A 710 -4.88 -37.68 12.41
N ARG A 711 -4.27 -37.94 13.58
CA ARG A 711 -5.05 -37.98 14.83
C ARG A 711 -4.30 -37.20 15.91
N ASP A 712 -4.84 -37.14 17.12
CA ASP A 712 -4.17 -36.45 18.25
C ASP A 712 -3.38 -37.51 19.00
N GLU A 713 -3.22 -38.70 18.40
CA GLU A 713 -2.55 -39.83 19.09
C GLU A 713 -1.02 -39.72 19.03
N SER A 714 -0.32 -40.76 19.47
CA SER A 714 1.17 -40.79 19.54
C SER A 714 1.71 -41.24 18.18
N GLN A 715 0.82 -41.52 17.23
CA GLN A 715 1.23 -41.97 15.87
C GLN A 715 2.34 -41.07 15.31
N TYR A 716 3.21 -41.62 14.46
CA TYR A 716 4.36 -40.87 13.91
C TYR A 716 4.06 -40.32 12.51
N PHE A 717 4.28 -39.01 12.30
CA PHE A 717 4.04 -38.37 11.02
C PHE A 717 5.30 -37.75 10.40
N ARG A 718 5.40 -37.86 9.07
CA ARG A 718 6.63 -37.39 8.37
C ARG A 718 6.26 -36.66 7.07
N PHE A 719 6.72 -35.42 6.91
CA PHE A 719 6.54 -34.67 5.67
C PHE A 719 7.21 -35.41 4.53
N HIS A 720 6.52 -35.51 3.41
CA HIS A 720 7.13 -36.11 2.22
C HIS A 720 8.43 -35.38 1.81
N ALA A 721 8.55 -34.10 2.14
CA ALA A 721 9.76 -33.33 1.92
C ALA A 721 11.00 -33.81 2.70
N ASP A 722 10.79 -34.53 3.78
CA ASP A 722 11.88 -35.28 4.39
C ASP A 722 12.01 -36.66 3.75
N GLU A 723 10.89 -37.30 3.42
CA GLU A 723 10.88 -38.63 2.81
C GLU A 723 11.74 -38.68 1.54
N GLU A 724 11.62 -37.64 0.73
CA GLU A 724 12.36 -37.49 -0.50
C GLU A 724 13.85 -37.19 -0.26
N MET A 725 14.22 -36.64 0.90
CA MET A 725 15.58 -36.22 1.21
C MET A 725 16.38 -37.23 2.04
N GLU A 726 15.71 -37.97 2.93
CA GLU A 726 16.28 -39.14 3.62
C GLU A 726 16.18 -40.43 2.79
N GLY A 727 15.54 -40.36 1.61
CA GLY A 727 15.44 -41.47 0.65
C GLY A 727 14.51 -42.61 1.11
N THR A 728 13.52 -42.34 1.96
CA THR A 728 12.71 -43.36 2.64
C THR A 728 11.37 -43.65 1.96
N SER A 729 11.35 -43.67 0.62
CA SER A 729 10.27 -44.31 -0.14
C SER A 729 10.45 -45.84 -0.13
N SER A 730 9.35 -46.61 -0.09
CA SER A 730 9.38 -48.04 -0.46
C SER A 730 9.97 -48.20 -1.88
N LYS A 731 10.71 -49.28 -2.10
CA LYS A 731 11.64 -49.44 -3.24
C LYS A 731 10.94 -49.40 -4.60
N ASN A 732 9.73 -49.95 -4.70
CA ASN A 732 8.94 -50.07 -5.94
C ASN A 732 8.45 -48.74 -6.54
N LYS A 733 8.79 -47.60 -5.94
CA LYS A 733 8.52 -46.23 -6.46
C LYS A 733 9.74 -45.47 -7.02
N GLN A 734 10.93 -46.07 -7.10
CA GLN A 734 12.13 -45.58 -7.81
C GLN A 734 12.69 -44.18 -7.46
N LEU A 735 12.18 -43.48 -6.43
CA LEU A 735 12.59 -42.11 -6.03
C LEU A 735 12.63 -41.12 -7.21
N ARG A 736 11.48 -41.01 -7.90
CA ARG A 736 11.35 -40.04 -9.02
C ARG A 736 11.52 -38.64 -8.44
N ASN A 737 12.62 -37.98 -8.78
CA ASN A 737 12.92 -36.65 -8.28
C ASN A 737 12.03 -35.63 -8.99
N ASP A 738 10.87 -35.33 -8.44
CA ASP A 738 9.91 -34.44 -9.09
C ASP A 738 10.27 -32.94 -9.00
N PHE A 739 11.43 -32.58 -8.42
CA PHE A 739 12.19 -31.37 -8.73
C PHE A 739 13.64 -31.75 -9.09
N LYS A 740 14.08 -31.40 -10.28
CA LYS A 740 15.35 -31.79 -10.88
C LYS A 740 16.00 -30.63 -11.63
N LEU A 741 17.26 -30.77 -12.03
CA LEU A 741 17.97 -29.79 -12.84
C LEU A 741 17.95 -30.15 -14.32
N VAL A 742 17.81 -29.15 -15.19
CA VAL A 742 17.79 -29.35 -16.64
C VAL A 742 19.09 -28.93 -17.30
N GLU A 743 19.59 -27.79 -17.14
CA GLU A 743 20.84 -27.37 -17.84
C GLU A 743 21.37 -26.03 -17.32
N ASN A 744 22.60 -25.90 -17.08
CA ASN A 744 23.32 -24.70 -16.70
C ASN A 744 23.59 -23.84 -17.93
N ILE A 745 23.41 -22.52 -17.76
CA ILE A 745 23.42 -21.53 -18.82
C ILE A 745 24.35 -20.38 -18.46
N LEU A 746 25.06 -19.85 -19.46
CA LEU A 746 25.81 -18.62 -19.34
C LEU A 746 25.46 -17.73 -20.52
N ALA A 747 24.91 -16.56 -20.19
CA ALA A 747 24.14 -15.78 -21.13
C ALA A 747 24.25 -14.28 -20.92
N LYS A 748 24.11 -13.55 -22.01
CA LYS A 748 24.05 -12.08 -22.04
C LYS A 748 22.59 -11.70 -22.33
N ARG A 749 22.06 -10.76 -21.56
CA ARG A 749 20.70 -10.31 -21.72
C ARG A 749 20.62 -9.18 -22.73
N LEU A 750 19.83 -9.37 -23.76
CA LEU A 750 19.68 -8.37 -24.82
C LEU A 750 18.30 -7.72 -24.78
N LEU A 751 18.14 -6.60 -25.48
CA LEU A 751 16.88 -5.88 -25.50
C LEU A 751 16.74 -5.37 -26.90
N ILE A 752 15.60 -5.60 -27.55
CA ILE A 752 15.44 -5.28 -28.95
C ILE A 752 14.06 -4.64 -29.15
N LEU A 753 14.02 -3.47 -29.81
CA LEU A 753 12.79 -2.75 -30.08
C LEU A 753 12.38 -3.02 -31.52
N PRO A 754 11.10 -3.27 -31.79
CA PRO A 754 10.63 -3.75 -33.09
C PRO A 754 10.78 -2.70 -34.21
N GLN A 755 11.18 -3.15 -35.41
CA GLN A 755 11.37 -2.30 -36.59
C GLN A 755 10.18 -2.41 -37.56
N GLU A 756 10.35 -1.96 -38.81
CA GLU A 756 9.29 -1.89 -39.83
C GLU A 756 8.77 -3.24 -40.36
N GLU A 757 9.52 -4.33 -40.17
CA GLU A 757 9.12 -5.69 -40.58
C GLU A 757 9.38 -6.78 -39.53
N ASP A 758 10.39 -6.63 -38.68
CA ASP A 758 10.72 -7.58 -37.60
C ASP A 758 11.59 -6.91 -36.52
N TYR A 759 12.10 -7.68 -35.57
CA TYR A 759 13.07 -7.22 -34.58
C TYR A 759 14.51 -7.02 -35.10
N GLY A 760 14.83 -7.43 -36.32
CA GLY A 760 16.16 -7.31 -36.89
C GLY A 760 16.95 -8.62 -36.97
N PHE A 761 16.35 -9.79 -36.78
CA PHE A 761 17.04 -11.09 -36.87
C PHE A 761 16.13 -12.27 -37.22
N ASP A 762 16.73 -13.42 -37.49
CA ASP A 762 16.10 -14.71 -37.73
C ASP A 762 16.69 -15.81 -36.83
N ILE A 763 15.96 -16.91 -36.66
CA ILE A 763 16.40 -18.07 -35.86
C ILE A 763 16.41 -19.35 -36.71
N GLU A 764 17.16 -20.35 -36.25
CA GLU A 764 17.17 -21.70 -36.83
C GLU A 764 17.39 -22.76 -35.74
N GLU A 765 16.94 -23.99 -36.01
CA GLU A 765 17.34 -25.15 -35.24
C GLU A 765 18.69 -25.69 -35.74
N LYS A 766 19.65 -25.90 -34.84
CA LYS A 766 20.98 -26.44 -35.10
C LYS A 766 21.47 -27.29 -33.93
N ASN A 767 21.95 -28.51 -34.20
CA ASN A 767 22.35 -29.47 -33.15
C ASN A 767 21.29 -29.63 -32.03
N LYS A 768 20.00 -29.65 -32.41
CA LYS A 768 18.84 -29.72 -31.51
C LYS A 768 18.74 -28.55 -30.49
N ALA A 769 19.24 -27.38 -30.88
CA ALA A 769 19.10 -26.13 -30.16
C ALA A 769 18.59 -24.99 -31.06
N VAL A 770 17.87 -24.00 -30.50
CA VAL A 770 17.52 -22.77 -31.22
C VAL A 770 18.68 -21.79 -31.14
N VAL A 771 19.17 -21.37 -32.30
CA VAL A 771 20.32 -20.46 -32.43
C VAL A 771 19.99 -19.30 -33.35
N VAL A 772 20.76 -18.22 -33.28
CA VAL A 772 20.62 -17.06 -34.17
C VAL A 772 21.08 -17.39 -35.58
N LYS A 773 20.17 -17.36 -36.56
CA LYS A 773 20.42 -17.72 -37.97
C LYS A 773 21.14 -16.62 -38.73
N SER A 774 20.71 -15.39 -38.54
CA SER A 774 21.17 -14.18 -39.27
C SER A 774 20.72 -12.94 -38.51
N VAL A 775 21.65 -12.01 -38.25
CA VAL A 775 21.36 -10.68 -37.66
C VAL A 775 21.46 -9.63 -38.75
N GLN A 776 20.46 -8.78 -38.87
CA GLN A 776 20.45 -7.76 -39.92
C GLN A 776 21.48 -6.67 -39.59
N ARG A 777 22.34 -6.36 -40.54
CA ARG A 777 23.36 -5.32 -40.43
C ARG A 777 22.66 -3.98 -40.15
N GLY A 778 23.14 -3.22 -39.17
CA GLY A 778 22.52 -1.96 -38.80
C GLY A 778 21.18 -2.09 -38.08
N SER A 779 20.74 -3.29 -37.72
CA SER A 779 19.51 -3.46 -36.94
C SER A 779 19.69 -3.12 -35.48
N LEU A 780 18.58 -2.85 -34.80
CA LEU A 780 18.58 -2.65 -33.37
C LEU A 780 19.03 -3.93 -32.62
N ALA A 781 18.90 -5.12 -33.23
CA ALA A 781 19.46 -6.37 -32.72
C ALA A 781 21.00 -6.40 -32.80
N GLU A 782 21.56 -5.95 -33.92
CA GLU A 782 22.99 -5.76 -34.06
C GLU A 782 23.47 -4.77 -33.01
N VAL A 783 22.77 -3.65 -32.86
CA VAL A 783 23.01 -2.64 -31.83
C VAL A 783 22.86 -3.19 -30.42
N ALA A 784 22.13 -4.27 -30.22
CA ALA A 784 22.04 -4.90 -28.92
C ALA A 784 23.27 -5.79 -28.69
N GLY A 785 23.86 -6.33 -29.76
CA GLY A 785 25.00 -7.25 -29.73
C GLY A 785 24.62 -8.73 -29.88
N LEU A 786 23.49 -9.00 -30.52
CA LEU A 786 23.14 -10.32 -30.97
C LEU A 786 24.15 -10.81 -32.03
N GLN A 787 24.63 -12.06 -31.94
CA GLN A 787 25.62 -12.63 -32.87
C GLN A 787 25.13 -13.91 -33.52
N VAL A 788 25.48 -14.12 -34.79
CA VAL A 788 25.12 -15.33 -35.55
C VAL A 788 25.76 -16.59 -34.97
N GLY A 789 24.94 -17.64 -34.84
CA GLY A 789 25.33 -18.94 -34.30
C GLY A 789 25.13 -19.13 -32.78
N ARG A 790 24.76 -18.08 -32.03
CA ARG A 790 24.53 -18.17 -30.58
C ARG A 790 23.21 -18.89 -30.26
N LYS A 791 23.26 -19.86 -29.36
CA LYS A 791 22.09 -20.53 -28.74
C LYS A 791 21.28 -19.53 -27.92
N ILE A 792 19.96 -19.63 -27.96
CA ILE A 792 19.08 -18.67 -27.27
C ILE A 792 18.41 -19.37 -26.09
N TYR A 793 18.64 -18.85 -24.89
CA TYR A 793 18.09 -19.54 -23.68
C TYR A 793 16.65 -19.11 -23.42
N SER A 794 16.33 -17.82 -23.52
CA SER A 794 14.94 -17.42 -23.34
C SER A 794 14.49 -16.35 -24.32
N ILE A 795 13.19 -16.30 -24.61
CA ILE A 795 12.57 -15.18 -25.40
C ILE A 795 11.49 -14.63 -24.48
N ASN A 796 11.52 -13.35 -24.15
CA ASN A 796 10.63 -12.81 -23.12
C ASN A 796 10.44 -13.81 -21.98
N GLU A 797 11.55 -14.26 -21.39
CA GLU A 797 11.57 -15.16 -20.23
C GLU A 797 10.88 -16.53 -20.42
N ASP A 798 10.41 -16.88 -21.61
CA ASP A 798 10.03 -18.23 -22.01
C ASP A 798 11.27 -19.01 -22.44
N LEU A 799 11.48 -20.21 -21.90
CA LEU A 799 12.72 -20.97 -22.09
C LEU A 799 12.71 -21.69 -23.44
N VAL A 800 12.87 -20.95 -24.54
CA VAL A 800 12.61 -21.46 -25.89
C VAL A 800 13.45 -22.65 -26.32
N PHE A 801 14.60 -22.89 -25.69
CA PHE A 801 15.41 -24.08 -26.00
C PHE A 801 14.66 -25.39 -25.65
N LEU A 802 13.65 -25.34 -24.79
CA LEU A 802 12.84 -26.50 -24.45
C LEU A 802 11.69 -26.74 -25.45
N ARG A 803 11.45 -25.75 -26.32
CA ARG A 803 10.25 -25.82 -27.20
C ARG A 803 10.55 -26.21 -28.66
N PRO A 804 9.61 -26.84 -29.41
CA PRO A 804 9.77 -27.15 -30.82
C PRO A 804 9.98 -25.89 -31.65
N PHE A 805 10.84 -25.97 -32.67
CA PHE A 805 11.26 -24.80 -33.44
C PHE A 805 10.09 -24.01 -34.01
N SER A 806 9.08 -24.69 -34.53
CA SER A 806 7.88 -24.06 -35.09
C SER A 806 7.07 -23.29 -34.05
N GLU A 807 7.16 -23.67 -32.77
CA GLU A 807 6.49 -22.96 -31.68
C GLU A 807 7.30 -21.74 -31.25
N VAL A 808 8.62 -21.79 -31.35
CA VAL A 808 9.47 -20.64 -31.03
C VAL A 808 9.31 -19.52 -32.04
N GLU A 809 9.21 -19.83 -33.32
CA GLU A 809 8.90 -18.83 -34.35
C GLU A 809 7.57 -18.15 -34.07
N SER A 810 6.58 -18.91 -33.59
CA SER A 810 5.30 -18.36 -33.18
C SER A 810 5.44 -17.45 -31.96
N ILE A 811 6.33 -17.76 -31.01
CA ILE A 811 6.57 -16.88 -29.85
C ILE A 811 7.23 -15.56 -30.28
N LEU A 812 8.20 -15.61 -31.20
CA LEU A 812 8.79 -14.39 -31.77
C LEU A 812 7.73 -13.56 -32.46
N ASN A 813 6.95 -14.20 -33.33
CA ASN A 813 5.92 -13.49 -34.04
C ASN A 813 4.91 -12.90 -33.06
N GLN A 814 4.43 -13.64 -32.06
CA GLN A 814 3.41 -13.10 -31.17
C GLN A 814 3.91 -11.87 -30.39
N SER A 815 5.17 -11.90 -29.98
CA SER A 815 5.84 -10.76 -29.37
C SER A 815 5.90 -9.54 -30.31
N PHE A 816 6.25 -9.77 -31.57
CA PHE A 816 6.31 -8.73 -32.61
C PHE A 816 4.93 -8.18 -32.99
N CYS A 817 3.95 -9.04 -33.20
CA CYS A 817 2.56 -8.67 -33.48
C CYS A 817 1.96 -7.82 -32.37
N SER A 818 2.43 -8.01 -31.12
CA SER A 818 2.05 -7.23 -29.94
C SER A 818 3.05 -6.11 -29.60
N ARG A 819 4.00 -5.87 -30.51
CA ARG A 819 5.01 -4.79 -30.48
C ARG A 819 5.82 -4.77 -29.19
N ARG A 820 5.89 -5.89 -28.47
CA ARG A 820 6.61 -6.00 -27.21
C ARG A 820 8.10 -5.76 -27.44
N PRO A 821 8.80 -5.07 -26.54
CA PRO A 821 10.25 -5.00 -26.57
C PRO A 821 10.82 -6.36 -26.19
N LEU A 822 11.59 -6.98 -27.06
CA LEU A 822 12.07 -8.35 -26.88
C LEU A 822 13.17 -8.39 -25.83
N ARG A 823 13.09 -9.37 -24.93
CA ARG A 823 14.16 -9.59 -23.91
C ARG A 823 14.75 -10.99 -24.11
N LEU A 824 15.92 -11.10 -24.75
CA LEU A 824 16.57 -12.38 -24.99
C LEU A 824 17.48 -12.74 -23.82
N LEU A 825 17.80 -14.01 -23.72
CA LEU A 825 19.04 -14.50 -23.13
C LEU A 825 19.77 -15.26 -24.22
N VAL A 826 21.03 -14.94 -24.50
CA VAL A 826 21.80 -15.66 -25.54
C VAL A 826 23.12 -16.18 -25.01
N ALA A 827 23.48 -17.38 -25.43
CA ALA A 827 24.65 -18.08 -24.97
C ALA A 827 25.89 -17.25 -25.29
N THR A 828 26.64 -16.89 -24.26
CA THR A 828 27.80 -16.01 -24.37
C THR A 828 28.87 -16.51 -23.42
N LYS A 829 30.10 -16.70 -23.89
CA LYS A 829 31.24 -17.23 -23.12
C LYS A 829 31.97 -16.13 -22.35
N ALA A 830 32.54 -16.43 -21.19
CA ALA A 830 33.26 -15.45 -20.36
C ALA A 830 34.50 -14.85 -21.03
N LYS A 831 35.12 -15.56 -21.99
CA LYS A 831 36.12 -15.08 -22.94
C LYS A 831 35.74 -15.44 -24.38
N GLU A 832 36.09 -14.62 -25.36
CA GLU A 832 35.69 -14.84 -26.75
C GLU A 832 36.72 -14.33 -27.77
N ILE A 833 36.76 -14.92 -28.96
CA ILE A 833 37.66 -14.56 -30.07
C ILE A 833 36.87 -13.86 -31.18
N ILE A 834 37.35 -12.70 -31.61
CA ILE A 834 36.70 -11.81 -32.58
C ILE A 834 37.73 -11.43 -33.64
N LYS A 835 37.38 -11.39 -34.94
CA LYS A 835 38.31 -11.09 -36.04
C LYS A 835 37.82 -9.91 -36.90
N ILE A 836 38.58 -8.81 -36.89
CA ILE A 836 38.22 -7.50 -37.47
C ILE A 836 39.03 -7.24 -38.75
N PRO A 837 38.40 -6.82 -39.86
CA PRO A 837 39.14 -6.36 -41.04
C PRO A 837 39.87 -5.06 -40.75
N ASP A 838 41.20 -5.03 -40.86
CA ASP A 838 42.00 -3.83 -40.56
C ASP A 838 41.97 -2.82 -41.71
N GLN A 839 40.94 -1.96 -41.75
CA GLN A 839 40.81 -0.97 -42.81
C GLN A 839 41.91 0.10 -42.73
N PRO A 840 42.40 0.59 -43.88
CA PRO A 840 43.56 1.48 -43.94
C PRO A 840 43.25 2.94 -43.59
N ASP A 841 42.02 3.39 -43.86
CA ASP A 841 41.62 4.79 -43.80
C ASP A 841 41.04 5.18 -42.42
N THR A 842 40.14 4.39 -41.85
CA THR A 842 39.40 4.75 -40.63
C THR A 842 39.18 3.53 -39.75
N LEU A 843 39.17 3.73 -38.45
CA LEU A 843 38.53 2.82 -37.50
C LEU A 843 37.01 2.82 -37.70
N CYS A 844 36.31 1.95 -36.98
CA CYS A 844 34.85 1.99 -36.83
C CYS A 844 34.40 1.76 -35.37
N PHE A 845 35.29 1.92 -34.40
CA PHE A 845 35.05 1.61 -33.00
C PHE A 845 35.96 2.44 -32.12
N GLN A 846 35.69 2.51 -30.83
CA GLN A 846 36.44 3.31 -29.88
C GLN A 846 36.80 2.46 -28.68
N ILE A 847 37.96 2.67 -28.07
CA ILE A 847 38.48 1.88 -26.95
C ILE A 847 39.02 2.85 -25.90
N ARG A 848 38.88 2.54 -24.61
CA ARG A 848 39.47 3.38 -23.53
C ARG A 848 39.46 2.56 -22.23
N GLY A 849 40.13 3.02 -21.15
CA GLY A 849 39.97 2.27 -19.90
C GLY A 849 41.16 1.85 -19.03
N ALA A 850 42.42 2.09 -19.40
CA ALA A 850 43.59 1.59 -18.63
C ALA A 850 43.60 0.06 -18.37
N ALA A 851 43.50 -0.41 -17.12
CA ALA A 851 43.61 -1.83 -16.77
C ALA A 851 42.28 -2.43 -16.29
N PRO A 852 41.62 -3.29 -17.08
CA PRO A 852 41.86 -3.56 -18.50
C PRO A 852 41.38 -2.43 -19.41
N PRO A 853 41.82 -2.41 -20.67
CA PRO A 853 41.19 -1.64 -21.70
C PRO A 853 39.86 -2.29 -22.07
N TYR A 854 38.93 -1.46 -22.55
CA TYR A 854 37.57 -1.95 -22.91
C TYR A 854 36.99 -1.21 -24.11
N VAL A 855 36.04 -1.83 -24.81
CA VAL A 855 35.34 -1.25 -25.95
C VAL A 855 34.37 -0.19 -25.43
N TYR A 856 34.71 1.08 -25.69
CA TYR A 856 33.89 2.22 -25.20
C TYR A 856 32.67 2.39 -26.12
N ALA A 857 32.84 2.22 -27.43
CA ALA A 857 31.78 2.42 -28.37
C ALA A 857 31.99 1.55 -29.61
N VAL A 858 30.97 1.42 -30.44
CA VAL A 858 31.09 0.82 -31.76
C VAL A 858 30.10 1.40 -32.74
N GLY A 859 30.50 1.57 -34.00
CA GLY A 859 29.63 2.12 -35.03
C GLY A 859 28.56 1.13 -35.45
N ARG A 860 27.33 1.61 -35.59
CA ARG A 860 26.20 0.87 -36.15
C ARG A 860 26.53 0.35 -37.55
N GLY A 861 26.21 -0.90 -37.86
CA GLY A 861 26.41 -1.47 -39.20
C GLY A 861 27.86 -1.66 -39.64
N SER A 862 28.83 -1.49 -38.74
CA SER A 862 30.25 -1.52 -39.07
C SER A 862 30.78 -2.95 -39.28
N GLU A 863 31.94 -3.08 -39.94
CA GLU A 863 32.62 -4.39 -40.00
C GLU A 863 33.04 -4.87 -38.60
N ALA A 864 33.37 -3.95 -37.68
CA ALA A 864 33.62 -4.30 -36.30
C ALA A 864 32.40 -4.89 -35.61
N MET A 865 31.23 -4.28 -35.82
CA MET A 865 30.01 -4.77 -35.21
C MET A 865 29.64 -6.15 -35.77
N ALA A 866 29.79 -6.36 -37.08
CA ALA A 866 29.55 -7.61 -37.79
C ALA A 866 30.57 -8.71 -37.42
N ALA A 867 31.79 -8.32 -37.05
CA ALA A 867 32.77 -9.20 -36.41
C ALA A 867 32.38 -9.57 -34.98
N GLY A 868 31.46 -8.86 -34.37
CA GLY A 868 30.94 -9.13 -33.05
C GLY A 868 31.60 -8.32 -31.97
N LEU A 869 32.33 -7.26 -32.35
CA LEU A 869 32.75 -6.26 -31.38
C LEU A 869 31.50 -5.55 -30.85
N CYS A 870 31.41 -5.45 -29.55
CA CYS A 870 30.27 -4.90 -28.84
C CYS A 870 30.76 -4.15 -27.61
N ALA A 871 30.02 -3.14 -27.21
CA ALA A 871 30.44 -2.24 -26.16
C ALA A 871 30.51 -2.97 -24.81
N GLY A 872 31.43 -2.52 -23.95
CA GLY A 872 31.74 -3.10 -22.66
C GLY A 872 32.76 -4.26 -22.65
N GLN A 873 32.97 -4.96 -23.76
CA GLN A 873 33.93 -6.06 -23.86
C GLN A 873 35.31 -5.61 -23.39
N CYS A 874 35.90 -6.27 -22.40
CA CYS A 874 37.20 -5.90 -21.83
C CYS A 874 38.32 -6.72 -22.48
N ILE A 875 39.20 -6.06 -23.22
CA ILE A 875 40.09 -6.75 -24.18
C ILE A 875 41.23 -7.38 -23.42
N LEU A 876 41.48 -8.67 -23.66
CA LEU A 876 42.56 -9.42 -23.05
C LEU A 876 43.79 -9.50 -23.96
N LYS A 877 43.61 -9.76 -25.25
CA LYS A 877 44.72 -9.98 -26.18
C LYS A 877 44.43 -9.41 -27.58
N VAL A 878 45.47 -9.07 -28.33
CA VAL A 878 45.41 -8.64 -29.75
C VAL A 878 46.45 -9.40 -30.58
N ASN A 879 46.03 -10.11 -31.62
CA ASN A 879 46.89 -11.02 -32.40
C ASN A 879 47.79 -11.90 -31.50
N GLY A 880 47.20 -12.47 -30.44
CA GLY A 880 47.89 -13.20 -29.37
C GLY A 880 48.51 -12.32 -28.27
N SER A 881 48.95 -11.10 -28.57
CA SER A 881 49.67 -10.27 -27.63
C SER A 881 48.76 -9.88 -26.47
N ASN A 882 49.16 -10.27 -25.26
CA ASN A 882 48.50 -9.87 -24.02
C ASN A 882 48.51 -8.35 -23.88
N VAL A 883 47.36 -7.81 -23.48
CA VAL A 883 47.13 -6.39 -23.23
C VAL A 883 46.38 -6.12 -21.92
N MET A 884 46.19 -7.12 -21.06
CA MET A 884 45.27 -7.00 -19.91
C MET A 884 45.73 -6.01 -18.85
N ASN A 885 46.95 -5.51 -18.94
CA ASN A 885 47.46 -4.43 -18.11
C ASN A 885 48.05 -3.31 -18.96
N ASP A 886 47.56 -3.14 -20.19
CA ASP A 886 48.12 -2.22 -21.19
C ASP A 886 47.04 -1.28 -21.74
N GLY A 887 47.42 -0.02 -21.96
CA GLY A 887 46.50 1.04 -22.30
C GLY A 887 45.83 0.84 -23.64
N ALA A 888 44.70 1.54 -23.82
CA ALA A 888 44.01 1.59 -25.09
C ALA A 888 44.94 1.97 -26.25
N PRO A 889 45.89 2.92 -26.13
CA PRO A 889 46.82 3.18 -27.21
C PRO A 889 47.57 1.91 -27.62
N GLU A 890 48.08 1.13 -26.68
CA GLU A 890 48.76 -0.12 -27.00
C GLU A 890 47.86 -1.08 -27.80
N VAL A 891 46.55 -1.06 -27.59
CA VAL A 891 45.59 -1.91 -28.31
C VAL A 891 45.31 -1.35 -29.69
N LEU A 892 45.08 -0.06 -29.73
CA LEU A 892 44.80 0.65 -30.95
C LEU A 892 46.01 0.59 -31.88
N GLU A 893 47.22 0.61 -31.33
CA GLU A 893 48.47 0.56 -32.11
C GLU A 893 48.59 -0.68 -33.00
N HIS A 894 47.82 -1.72 -32.76
CA HIS A 894 47.86 -2.85 -33.66
C HIS A 894 47.21 -2.52 -35.00
N PHE A 895 46.27 -1.58 -35.03
CA PHE A 895 45.45 -1.27 -36.19
C PHE A 895 46.09 -0.24 -37.13
N GLN A 896 46.00 -0.48 -38.44
CA GLN A 896 46.66 0.34 -39.44
C GLN A 896 46.15 1.76 -39.47
N ALA A 897 44.84 1.96 -39.38
CA ALA A 897 44.27 3.29 -39.32
C ALA A 897 44.78 4.07 -38.10
N PHE A 898 44.86 3.48 -36.90
CA PHE A 898 45.37 4.20 -35.74
C PHE A 898 46.83 4.59 -35.90
N ARG A 899 47.68 3.67 -36.37
CA ARG A 899 49.08 3.98 -36.67
C ARG A 899 49.22 5.10 -37.69
N SER A 900 48.28 5.22 -38.63
CA SER A 900 48.28 6.29 -39.61
C SER A 900 47.82 7.64 -39.07
N ARG A 901 46.77 7.68 -38.23
CA ARG A 901 45.99 8.89 -37.92
C ARG A 901 45.82 9.26 -36.46
N ARG A 902 46.24 8.35 -35.57
CA ARG A 902 46.13 8.57 -34.10
C ARG A 902 44.68 8.90 -33.70
N GLU A 903 44.46 10.05 -33.08
CA GLU A 903 43.13 10.44 -32.59
C GLU A 903 42.12 10.65 -33.73
N GLU A 904 42.56 11.11 -34.90
CA GLU A 904 41.70 11.40 -36.06
C GLU A 904 41.12 10.15 -36.74
N ALA A 905 41.52 8.95 -36.32
CA ALA A 905 41.18 7.69 -36.97
C ALA A 905 39.68 7.30 -36.95
N LEU A 906 38.83 7.94 -36.14
CA LEU A 906 37.37 7.75 -36.11
C LEU A 906 36.70 8.17 -37.44
N GLY A 907 35.56 7.58 -37.79
CA GLY A 907 35.12 7.48 -39.20
C GLY A 907 33.69 7.88 -39.58
N LEU A 908 33.02 8.80 -38.86
CA LEU A 908 31.69 9.35 -39.25
C LEU A 908 30.56 8.29 -39.26
N TYR A 909 30.69 7.23 -38.46
CA TYR A 909 29.59 6.31 -38.17
C TYR A 909 28.61 6.86 -37.14
N GLN A 910 27.34 6.50 -37.23
CA GLN A 910 26.43 6.59 -36.07
C GLN A 910 26.96 5.69 -34.95
N TRP A 911 27.50 6.29 -33.90
CA TRP A 911 28.12 5.55 -32.82
C TRP A 911 27.10 5.04 -31.80
N ILE A 912 27.29 3.83 -31.30
CA ILE A 912 26.54 3.14 -30.23
C ILE A 912 27.47 2.90 -29.04
N TYR A 913 26.96 2.88 -27.82
CA TYR A 913 27.78 3.05 -26.64
C TYR A 913 27.51 2.07 -25.49
N HIS A 914 28.53 1.90 -24.65
CA HIS A 914 28.52 1.01 -23.49
C HIS A 914 27.54 1.44 -22.42
N THR A 915 27.40 2.74 -22.20
CA THR A 915 26.39 3.29 -21.31
C THR A 915 25.74 4.52 -21.92
N HIS A 916 24.60 4.90 -21.34
CA HIS A 916 24.01 6.20 -21.61
C HIS A 916 24.97 7.34 -21.21
N GLU A 917 25.79 7.17 -20.17
CA GLU A 917 26.78 8.18 -19.81
C GLU A 917 27.72 8.49 -20.97
N ASP A 918 28.18 7.45 -21.65
CA ASP A 918 29.05 7.59 -22.81
C ASP A 918 28.31 8.23 -23.99
N ALA A 919 27.08 7.82 -24.25
CA ALA A 919 26.25 8.43 -25.27
C ALA A 919 25.96 9.92 -25.00
N GLN A 920 25.79 10.33 -23.74
CA GLN A 920 25.66 11.73 -23.38
C GLN A 920 26.95 12.52 -23.62
N GLU A 921 28.08 12.09 -23.06
CA GLU A 921 29.36 12.78 -23.28
C GLU A 921 29.76 12.85 -24.76
N ALA A 922 29.44 11.85 -25.56
CA ALA A 922 29.64 11.96 -27.00
C ALA A 922 28.75 13.05 -27.63
N ARG A 923 27.44 13.04 -27.32
CA ARG A 923 26.51 14.06 -27.86
C ARG A 923 26.98 15.47 -27.46
N ALA A 924 27.28 15.68 -26.18
CA ALA A 924 27.78 16.97 -25.71
C ALA A 924 29.04 17.38 -26.47
N SER A 925 29.97 16.45 -26.70
CA SER A 925 31.18 16.73 -27.48
C SER A 925 30.85 17.17 -28.91
N GLN A 926 29.85 16.55 -29.54
CA GLN A 926 29.35 16.95 -30.86
C GLN A 926 28.75 18.36 -30.81
N GLU A 927 27.88 18.65 -29.84
CA GLU A 927 27.24 19.96 -29.71
C GLU A 927 28.26 21.09 -29.49
N ALA A 928 29.33 20.84 -28.75
CA ALA A 928 30.43 21.79 -28.57
C ALA A 928 31.31 21.95 -29.83
N SER A 929 31.21 21.06 -30.82
CA SER A 929 31.91 21.19 -32.11
C SER A 929 31.08 21.94 -33.16
N THR A 930 29.75 21.83 -33.12
CA THR A 930 28.84 22.56 -34.01
C THR A 930 28.72 24.03 -33.64
N SER A 963 42.03 -9.87 -47.55
CA SER A 963 42.08 -8.69 -46.68
C SER A 963 42.93 -8.92 -45.43
N PRO A 964 43.67 -7.90 -44.94
CA PRO A 964 44.31 -7.98 -43.63
C PRO A 964 43.25 -8.10 -42.52
N MET A 965 43.65 -8.67 -41.39
CA MET A 965 42.80 -8.98 -40.23
C MET A 965 43.53 -8.66 -38.92
N VAL A 966 42.76 -8.42 -37.86
CA VAL A 966 43.25 -8.34 -36.47
C VAL A 966 42.35 -9.17 -35.58
N THR A 967 42.93 -9.96 -34.70
CA THR A 967 42.22 -10.89 -33.83
C THR A 967 42.20 -10.35 -32.43
N LEU A 968 41.02 -10.17 -31.84
CA LEU A 968 40.83 -9.75 -30.46
C LEU A 968 40.33 -10.90 -29.60
N THR A 969 41.03 -11.19 -28.51
CA THR A 969 40.51 -12.04 -27.43
C THR A 969 39.99 -11.14 -26.33
N VAL A 970 38.68 -11.17 -26.08
CA VAL A 970 37.96 -10.29 -25.17
C VAL A 970 37.28 -11.03 -24.05
N ASP A 971 37.03 -10.36 -22.96
CA ASP A 971 36.25 -10.84 -21.83
C ASP A 971 34.86 -10.20 -21.89
N ASN A 972 33.81 -11.02 -21.93
CA ASN A 972 32.44 -10.53 -21.89
C ASN A 972 32.06 -10.24 -20.45
N VAL A 973 31.91 -8.95 -20.18
CA VAL A 973 31.30 -8.44 -18.96
C VAL A 973 29.79 -8.52 -19.03
N HIS A 974 29.16 -8.39 -17.86
CA HIS A 974 27.71 -8.47 -17.65
C HIS A 974 27.16 -9.79 -18.19
N LEU A 975 27.49 -10.88 -17.51
CA LEU A 975 26.99 -12.21 -17.84
C LEU A 975 26.09 -12.72 -16.73
N GLU A 976 25.01 -13.36 -17.15
CA GLU A 976 24.02 -13.98 -16.31
C GLU A 976 24.28 -15.48 -16.33
N HIS A 977 24.50 -16.06 -15.15
CA HIS A 977 24.68 -17.50 -14.98
C HIS A 977 23.35 -18.02 -14.49
N GLY A 978 22.79 -19.01 -15.16
CA GLY A 978 21.45 -19.49 -14.85
C GLY A 978 21.38 -20.99 -14.73
N VAL A 979 20.45 -21.47 -13.89
CA VAL A 979 20.08 -22.88 -13.85
C VAL A 979 18.61 -23.01 -14.12
N VAL A 980 18.30 -23.76 -15.15
CA VAL A 980 16.93 -24.19 -15.41
C VAL A 980 16.64 -25.40 -14.53
N TYR A 981 15.77 -25.27 -13.54
CA TYR A 981 15.13 -26.40 -12.86
C TYR A 981 13.85 -26.83 -13.58
N GLU A 982 13.53 -28.12 -13.55
CA GLU A 982 12.23 -28.68 -13.95
C GLU A 982 11.57 -29.28 -12.74
N TYR A 983 10.25 -29.15 -12.66
CA TYR A 983 9.46 -29.77 -11.63
C TYR A 983 8.07 -30.11 -12.12
N VAL A 984 7.42 -31.05 -11.46
CA VAL A 984 6.03 -31.38 -11.73
C VAL A 984 5.17 -30.64 -10.72
N SER A 985 4.18 -29.90 -11.20
CA SER A 985 3.29 -29.05 -10.40
C SER A 985 2.19 -29.83 -9.67
N THR A 986 1.57 -29.21 -8.67
CA THR A 986 0.40 -29.74 -7.97
C THR A 986 -0.82 -29.88 -8.87
N ALA A 987 -0.86 -29.17 -10.01
CA ALA A 987 -1.83 -29.40 -11.08
C ALA A 987 -1.50 -30.64 -11.94
N GLY A 988 -0.37 -31.31 -11.71
CA GLY A 988 0.06 -32.51 -12.40
C GLY A 988 0.69 -32.26 -13.76
N VAL A 989 1.13 -31.02 -14.01
CA VAL A 989 1.73 -30.56 -15.27
C VAL A 989 3.18 -30.13 -15.04
N ARG A 990 3.99 -30.31 -16.09
CA ARG A 990 5.43 -29.96 -16.03
C ARG A 990 5.63 -28.45 -15.98
N CYS A 991 6.60 -28.00 -15.21
CA CYS A 991 6.98 -26.59 -15.06
C CYS A 991 8.50 -26.41 -15.03
N HIS A 992 8.98 -25.23 -15.45
CA HIS A 992 10.39 -24.85 -15.43
C HIS A 992 10.63 -23.59 -14.62
N VAL A 993 11.79 -23.51 -13.99
CA VAL A 993 12.24 -22.34 -13.25
C VAL A 993 13.60 -21.93 -13.77
N LEU A 994 13.77 -20.68 -14.22
CA LEU A 994 15.07 -20.13 -14.56
C LEU A 994 15.52 -19.18 -13.47
N GLU A 995 16.24 -19.72 -12.49
CA GLU A 995 16.99 -18.91 -11.54
C GLU A 995 18.22 -18.33 -12.25
N LYS A 996 18.49 -17.03 -12.13
CA LYS A 996 19.72 -16.40 -12.64
C LYS A 996 20.37 -15.54 -11.61
N ILE A 997 21.68 -15.64 -11.47
CA ILE A 997 22.47 -14.63 -10.78
C ILE A 997 22.94 -13.66 -11.84
N VAL A 998 22.58 -12.40 -11.67
CA VAL A 998 22.79 -11.32 -12.65
C VAL A 998 23.66 -10.25 -12.04
N GLU A 999 24.74 -9.85 -12.70
CA GLU A 999 25.49 -8.66 -12.29
C GLU A 999 24.67 -7.42 -12.69
N PRO A 1000 24.27 -6.54 -11.76
CA PRO A 1000 23.39 -5.41 -12.05
C PRO A 1000 24.05 -4.41 -13.01
N ARG A 1001 23.76 -4.54 -14.31
CA ARG A 1001 24.47 -3.73 -15.34
C ARG A 1001 24.69 -2.27 -14.92
N GLY A 1002 23.65 -1.61 -14.41
CA GLY A 1002 23.72 -0.20 -14.05
C GLY A 1002 24.66 0.14 -12.92
N CYS A 1003 25.14 -0.80 -12.12
CA CYS A 1003 25.78 -0.51 -10.84
C CYS A 1003 26.90 0.54 -10.91
N PHE A 1004 27.88 0.39 -11.80
CA PHE A 1004 28.99 1.36 -11.86
C PHE A 1004 28.51 2.72 -12.40
N GLY A 1005 27.64 2.73 -13.42
CA GLY A 1005 27.09 3.96 -13.98
C GLY A 1005 26.20 4.72 -13.01
N LEU A 1006 25.34 3.98 -12.32
CA LEU A 1006 24.47 4.49 -11.28
C LEU A 1006 25.28 4.99 -10.08
N THR A 1007 26.35 4.30 -9.69
CA THR A 1007 27.19 4.75 -8.58
C THR A 1007 27.88 6.06 -8.95
N ALA A 1008 28.37 6.18 -10.19
CA ALA A 1008 28.86 7.45 -10.71
C ALA A 1008 27.76 8.52 -10.67
N LYS A 1009 26.52 8.23 -11.08
CA LYS A 1009 25.45 9.22 -11.13
C LYS A 1009 25.01 9.68 -9.76
N ILE A 1010 24.95 8.80 -8.78
CA ILE A 1010 24.72 9.21 -7.40
C ILE A 1010 25.89 10.04 -6.89
N LEU A 1011 27.13 9.65 -7.20
CA LEU A 1011 28.30 10.43 -6.80
C LEU A 1011 28.30 11.83 -7.43
N GLU A 1012 27.99 11.92 -8.73
CA GLU A 1012 27.73 13.18 -9.41
C GLU A 1012 26.64 13.96 -8.70
N ALA A 1013 25.53 13.36 -8.31
CA ALA A 1013 24.44 14.08 -7.68
C ALA A 1013 24.84 14.65 -6.32
N PHE A 1014 25.56 13.89 -5.50
CA PHE A 1014 26.12 14.40 -4.27
C PHE A 1014 27.16 15.50 -4.53
N ALA A 1015 28.00 15.40 -5.57
CA ALA A 1015 28.89 16.45 -5.97
C ALA A 1015 28.12 17.70 -6.42
N ALA A 1016 27.05 17.56 -7.19
CA ALA A 1016 26.20 18.67 -7.60
C ALA A 1016 25.54 19.33 -6.39
N ASN A 1017 24.88 18.58 -5.53
CA ASN A 1017 24.32 19.13 -4.30
C ASN A 1017 25.39 19.83 -3.48
N ASP A 1018 26.54 19.22 -3.30
CA ASP A 1018 27.62 19.82 -2.52
C ASP A 1018 28.19 21.06 -3.20
N SER A 1019 28.16 21.13 -4.53
CA SER A 1019 28.49 22.35 -5.24
C SER A 1019 27.48 23.45 -4.94
N VAL A 1020 26.17 23.18 -4.96
CA VAL A 1020 25.15 24.12 -4.50
C VAL A 1020 25.30 24.47 -3.01
N PHE A 1021 25.70 23.54 -2.14
CA PHE A 1021 25.88 23.82 -0.72
C PHE A 1021 27.10 24.70 -0.48
N VAL A 1022 28.23 24.36 -1.07
CA VAL A 1022 29.45 25.15 -0.93
C VAL A 1022 29.24 26.54 -1.51
N GLU A 1023 28.56 26.65 -2.64
CA GLU A 1023 28.32 27.93 -3.28
C GLU A 1023 27.43 28.84 -2.43
N ASN A 1024 26.40 28.30 -1.75
CA ASN A 1024 25.62 29.08 -0.82
C ASN A 1024 26.40 29.44 0.44
N CYS A 1025 27.11 28.52 1.07
CA CYS A 1025 27.78 28.82 2.34
C CYS A 1025 28.96 29.76 2.11
N ARG A 1026 29.69 29.65 1.00
CA ARG A 1026 30.75 30.63 0.68
C ARG A 1026 30.16 32.01 0.44
N ARG A 1027 29.01 32.07 -0.23
CA ARG A 1027 28.31 33.38 -0.42
C ARG A 1027 27.99 33.99 0.95
N LEU A 1028 27.47 33.21 1.89
CA LEU A 1028 27.13 33.72 3.21
C LEU A 1028 28.35 34.20 3.98
N MET A 1029 29.42 33.41 4.00
CA MET A 1029 30.68 33.85 4.58
C MET A 1029 31.27 35.09 3.87
N ALA A 1030 30.96 35.33 2.59
CA ALA A 1030 31.29 36.56 1.88
C ALA A 1030 30.39 37.75 2.25
N LEU A 1031 29.16 37.53 2.71
CA LEU A 1031 28.37 38.59 3.31
C LEU A 1031 28.86 38.99 4.71
N SER A 1032 29.33 38.06 5.52
CA SER A 1032 30.04 38.35 6.77
C SER A 1032 31.47 38.85 6.49
N SER A 1033 31.63 40.11 6.10
CA SER A 1033 32.95 40.71 5.82
C SER A 1033 33.85 40.86 7.05
N ALA A 1034 33.29 41.21 8.21
CA ALA A 1034 34.06 41.50 9.42
C ALA A 1034 34.43 40.23 10.23
N ILE A 1035 35.47 40.36 11.06
CA ILE A 1035 35.92 39.34 12.04
C ILE A 1035 36.21 40.10 13.34
N VAL A 1036 35.17 40.37 14.13
CA VAL A 1036 35.24 41.36 15.21
C VAL A 1036 35.85 40.80 16.50
N THR A 1037 35.73 39.48 16.73
CA THR A 1037 36.19 38.81 17.96
C THR A 1037 36.87 37.47 17.66
N MET A 1038 37.67 36.97 18.60
CA MET A 1038 38.34 35.68 18.43
C MET A 1038 37.37 34.50 18.30
N PRO A 1039 36.23 34.43 19.02
CA PRO A 1039 35.22 33.42 18.75
C PRO A 1039 34.66 33.48 17.31
N HIS A 1040 34.50 34.67 16.72
CA HIS A 1040 34.15 34.79 15.30
C HIS A 1040 35.22 34.17 14.40
N PHE A 1041 36.50 34.47 14.67
CA PHE A 1041 37.61 33.90 13.91
C PHE A 1041 37.63 32.37 14.03
N GLU A 1042 37.53 31.83 15.24
CA GLU A 1042 37.49 30.39 15.46
C GLU A 1042 36.33 29.75 14.71
N PHE A 1043 35.12 30.26 14.85
CA PHE A 1043 33.99 29.80 14.08
C PHE A 1043 34.20 29.92 12.56
N ARG A 1044 34.75 31.03 12.08
CA ARG A 1044 35.02 31.23 10.66
C ARG A 1044 36.04 30.21 10.19
N ASN A 1045 37.13 30.00 10.92
CA ASN A 1045 38.16 29.02 10.60
C ASN A 1045 37.58 27.60 10.53
N ILE A 1046 36.67 27.24 11.45
CA ILE A 1046 35.98 25.95 11.42
C ILE A 1046 35.17 25.87 10.12
N CYS A 1047 34.37 26.88 9.83
CA CYS A 1047 33.53 26.92 8.65
C CYS A 1047 34.35 26.91 7.36
N ASP A 1048 35.43 27.68 7.26
CA ASP A 1048 36.36 27.70 6.13
C ASP A 1048 36.96 26.32 5.88
N THR A 1049 37.43 25.69 6.95
CA THR A 1049 37.99 24.35 6.87
C THR A 1049 36.95 23.38 6.33
N LYS A 1050 35.75 23.35 6.91
CA LYS A 1050 34.67 22.46 6.50
C LYS A 1050 34.25 22.72 5.07
N LEU A 1051 34.24 23.97 4.63
CA LEU A 1051 33.96 24.25 3.23
C LEU A 1051 35.02 23.70 2.31
N GLU A 1052 36.29 23.90 2.66
CA GLU A 1052 37.40 23.31 1.93
C GLU A 1052 37.28 21.78 1.91
N SER A 1053 36.98 21.14 3.04
CA SER A 1053 36.74 19.72 3.12
C SER A 1053 35.61 19.28 2.19
N ILE A 1054 34.48 19.97 2.16
CA ILE A 1054 33.40 19.63 1.24
C ILE A 1054 33.84 19.87 -0.20
N GLY A 1055 34.68 20.86 -0.44
CA GLY A 1055 35.37 21.06 -1.71
C GLY A 1055 36.19 19.85 -2.11
N GLN A 1056 37.02 19.34 -1.21
CA GLN A 1056 37.81 18.15 -1.45
C GLN A 1056 36.90 16.97 -1.70
N ARG A 1057 35.77 16.92 -1.00
CA ARG A 1057 34.76 15.84 -1.27
C ARG A 1057 34.20 15.99 -2.70
N ILE A 1058 33.86 17.22 -3.12
CA ILE A 1058 33.37 17.43 -4.49
C ILE A 1058 34.40 17.01 -5.52
N ALA A 1059 35.67 17.35 -5.33
CA ALA A 1059 36.71 16.95 -6.26
C ALA A 1059 36.85 15.44 -6.30
N CYS A 1060 36.90 14.79 -5.13
CA CYS A 1060 36.90 13.35 -5.05
C CYS A 1060 35.74 12.77 -5.84
N TYR A 1061 34.49 13.16 -5.57
CA TYR A 1061 33.37 12.47 -6.20
C TYR A 1061 33.35 12.68 -7.70
N GLN A 1062 33.87 13.79 -8.21
CA GLN A 1062 34.00 13.96 -9.65
C GLN A 1062 35.05 13.03 -10.25
N GLU A 1063 36.21 12.90 -9.60
CA GLU A 1063 37.23 11.91 -9.91
C GLU A 1063 36.64 10.50 -9.83
N PHE A 1064 36.04 10.09 -8.71
CA PHE A 1064 35.45 8.76 -8.54
C PHE A 1064 34.37 8.47 -9.55
N ALA A 1065 33.60 9.44 -9.96
CA ALA A 1065 32.67 9.25 -11.03
C ALA A 1065 33.42 9.00 -12.33
N ALA A 1066 34.50 9.72 -12.60
CA ALA A 1066 35.32 9.50 -13.77
C ALA A 1066 36.08 8.17 -13.72
N GLN A 1067 36.47 7.69 -12.53
CA GLN A 1067 36.99 6.35 -12.32
C GLN A 1067 35.94 5.33 -12.69
N LEU A 1068 34.74 5.44 -12.11
CA LEU A 1068 33.65 4.51 -12.38
C LEU A 1068 33.19 4.54 -13.83
N LYS A 1069 33.03 5.70 -14.46
CA LYS A 1069 32.80 5.79 -15.90
C LYS A 1069 33.96 5.17 -16.69
N SER A 1070 35.18 5.22 -16.16
CA SER A 1070 36.37 4.64 -16.79
C SER A 1070 36.62 3.18 -16.38
N ARG A 1071 35.65 2.48 -15.78
CA ARG A 1071 35.80 1.07 -15.37
C ARG A 1071 34.61 0.22 -15.82
N VAL A 1072 34.90 -0.97 -16.30
CA VAL A 1072 33.92 -1.91 -16.87
C VAL A 1072 34.09 -3.35 -16.36
N SER A 1073 35.26 -3.68 -15.82
CA SER A 1073 35.59 -4.95 -15.18
C SER A 1073 36.37 -4.71 -13.88
N PRO A 1074 36.22 -5.53 -12.83
CA PRO A 1074 35.23 -6.58 -12.71
C PRO A 1074 33.84 -5.96 -12.65
N PRO A 1075 32.82 -6.54 -13.31
CA PRO A 1075 31.50 -5.94 -13.46
C PRO A 1075 30.65 -5.93 -12.19
N PHE A 1076 31.24 -6.30 -11.06
CA PHE A 1076 30.70 -6.19 -9.72
C PHE A 1076 31.87 -5.95 -8.78
N LYS A 1077 31.67 -5.29 -7.64
CA LYS A 1077 32.75 -5.16 -6.67
C LYS A 1077 33.00 -6.52 -6.02
N GLN A 1078 34.16 -7.17 -6.22
CA GLN A 1078 34.57 -8.27 -5.36
C GLN A 1078 34.71 -7.76 -3.93
N ALA A 1079 34.47 -8.59 -2.93
CA ALA A 1079 34.88 -8.19 -1.58
C ALA A 1079 36.37 -7.85 -1.60
N PRO A 1080 36.78 -6.72 -1.03
CA PRO A 1080 38.14 -6.22 -1.18
C PRO A 1080 39.14 -7.17 -0.51
N LEU A 1081 40.14 -7.65 -1.25
CA LEU A 1081 41.15 -8.55 -0.69
C LEU A 1081 41.94 -7.89 0.45
N GLU A 1082 42.18 -6.57 0.37
CA GLU A 1082 42.99 -5.80 1.31
C GLU A 1082 42.32 -4.46 1.64
N PRO A 1083 42.44 -3.93 2.87
CA PRO A 1083 42.09 -2.55 3.14
C PRO A 1083 42.99 -1.60 2.35
N HIS A 1084 42.46 -0.43 1.98
CA HIS A 1084 43.13 0.60 1.19
C HIS A 1084 42.44 1.98 1.39
N PRO A 1085 43.10 3.11 1.10
CA PRO A 1085 42.47 4.43 1.06
C PRO A 1085 41.39 4.52 -0.03
N LEU A 1086 40.39 5.36 0.22
CA LEU A 1086 39.10 5.40 -0.47
C LEU A 1086 39.18 5.51 -2.00
N CYS A 1087 38.41 4.70 -2.74
CA CYS A 1087 38.38 4.70 -4.20
C CYS A 1087 36.96 4.63 -4.75
N GLY A 1088 36.78 4.80 -6.05
CA GLY A 1088 35.45 4.85 -6.65
C GLY A 1088 34.66 3.56 -6.44
N LEU A 1089 35.30 2.41 -6.46
CA LEU A 1089 34.58 1.16 -6.24
C LEU A 1089 34.01 1.05 -4.81
N ASP A 1090 34.49 1.80 -3.80
CA ASP A 1090 33.90 1.76 -2.45
C ASP A 1090 32.50 2.34 -2.36
N PHE A 1091 32.02 3.00 -3.40
CA PHE A 1091 30.64 3.42 -3.52
C PHE A 1091 29.77 2.37 -4.25
N CYS A 1092 30.33 1.44 -5.03
CA CYS A 1092 29.54 0.34 -5.57
C CYS A 1092 29.27 -0.72 -4.48
N PRO A 1093 28.08 -1.33 -4.43
CA PRO A 1093 27.78 -2.39 -3.48
C PRO A 1093 28.63 -3.66 -3.69
N THR A 1094 29.27 -4.15 -2.64
CA THR A 1094 30.07 -5.38 -2.66
C THR A 1094 29.22 -6.59 -3.02
N ASN A 1095 29.72 -7.45 -3.89
CA ASN A 1095 29.08 -8.68 -4.37
C ASN A 1095 27.60 -8.49 -4.69
N CYS A 1096 27.24 -7.36 -5.28
CA CYS A 1096 25.86 -7.09 -5.65
C CYS A 1096 25.49 -7.91 -6.89
N HIS A 1097 24.51 -8.78 -6.74
CA HIS A 1097 23.96 -9.57 -7.82
C HIS A 1097 22.46 -9.68 -7.63
N ILE A 1098 21.67 -9.65 -8.70
CA ILE A 1098 20.22 -9.84 -8.65
C ILE A 1098 19.91 -11.29 -8.94
N ASN A 1099 19.19 -11.94 -8.04
CA ASN A 1099 18.70 -13.28 -8.25
C ASN A 1099 17.35 -13.16 -8.88
N LEU A 1100 17.29 -13.31 -10.18
CA LEU A 1100 16.03 -13.47 -10.87
C LEU A 1100 15.54 -14.89 -10.73
N MET A 1101 14.24 -15.07 -10.76
CA MET A 1101 13.63 -16.38 -10.80
C MET A 1101 12.43 -16.30 -11.68
N GLU A 1102 12.61 -16.70 -12.92
CA GLU A 1102 11.49 -16.82 -13.82
C GLU A 1102 10.85 -18.18 -13.71
N VAL A 1103 9.54 -18.25 -13.92
CA VAL A 1103 8.77 -19.51 -13.84
C VAL A 1103 7.94 -19.68 -15.10
N SER A 1104 7.92 -20.87 -15.69
CA SER A 1104 7.05 -21.19 -16.83
C SER A 1104 5.74 -21.88 -16.38
N TYR A 1105 4.77 -21.93 -17.29
CA TYR A 1105 3.34 -21.99 -16.99
C TYR A 1105 2.87 -23.00 -15.94
N PRO A 1106 2.39 -22.53 -14.78
CA PRO A 1106 1.42 -23.24 -13.96
C PRO A 1106 -0.01 -22.98 -14.48
N LYS A 1107 -0.77 -24.05 -14.76
CA LYS A 1107 -2.19 -24.06 -15.17
C LYS A 1107 -2.57 -22.90 -16.10
N MET A 1139 -0.13 -18.82 -21.65
CA MET A 1139 0.85 -19.63 -20.92
C MET A 1139 1.55 -18.77 -19.86
N SER A 1140 1.34 -19.03 -18.57
CA SER A 1140 1.78 -18.12 -17.53
C SER A 1140 3.30 -17.95 -17.47
N TYR A 1141 3.74 -16.73 -17.15
CA TYR A 1141 5.12 -16.35 -16.92
C TYR A 1141 5.19 -15.37 -15.76
N THR A 1142 6.13 -15.56 -14.84
CA THR A 1142 6.36 -14.62 -13.75
C THR A 1142 7.85 -14.55 -13.45
N GLN A 1143 8.28 -13.45 -12.84
CA GLN A 1143 9.68 -13.11 -12.68
C GLN A 1143 9.88 -12.42 -11.35
N HIS A 1144 10.17 -13.21 -10.35
CA HIS A 1144 10.47 -12.71 -9.04
C HIS A 1144 11.90 -12.21 -9.02
N CYS A 1145 12.21 -11.27 -8.14
CA CYS A 1145 13.49 -10.61 -8.07
C CYS A 1145 13.91 -10.55 -6.62
N ILE A 1146 15.08 -11.06 -6.32
CA ILE A 1146 15.64 -10.92 -5.00
C ILE A 1146 17.07 -10.50 -5.18
N THR A 1147 17.45 -9.30 -4.78
CA THR A 1147 18.84 -8.90 -4.89
C THR A 1147 19.64 -9.43 -3.72
N THR A 1148 20.87 -9.81 -4.00
CA THR A 1148 21.86 -10.14 -3.02
C THR A 1148 23.02 -9.19 -3.08
N MET A 1149 23.52 -8.80 -1.93
CA MET A 1149 24.70 -7.97 -1.81
C MET A 1149 25.45 -8.37 -0.55
N ALA A 1150 26.73 -8.12 -0.48
CA ALA A 1150 27.34 -8.09 0.83
C ALA A 1150 26.78 -6.90 1.61
N ALA A 1151 26.59 -7.03 2.91
CA ALA A 1151 26.01 -5.94 3.68
C ALA A 1151 26.97 -4.75 3.62
N PRO A 1152 26.48 -3.54 3.31
CA PRO A 1152 27.39 -2.48 2.91
C PRO A 1152 28.40 -2.10 4.00
N SER A 1153 29.60 -1.69 3.57
CA SER A 1153 30.83 -1.76 4.36
C SER A 1153 31.86 -0.70 3.98
N TRP A 1154 32.75 -0.45 4.96
CA TRP A 1154 33.68 0.67 5.02
C TRP A 1154 35.15 0.25 5.21
N GLY A 1187 29.74 0.82 13.91
CA GLY A 1187 29.05 1.29 12.71
C GLY A 1187 28.22 2.57 12.93
N LEU A 1188 27.55 3.08 11.90
CA LEU A 1188 26.87 4.37 11.92
C LEU A 1188 25.97 4.54 13.12
N SER A 1189 25.13 3.56 13.45
CA SER A 1189 24.26 3.61 14.63
C SER A 1189 25.00 3.76 15.95
N PHE A 1190 26.27 3.37 16.02
CA PHE A 1190 27.09 3.61 17.20
C PHE A 1190 27.82 4.95 17.12
N LEU A 1191 28.32 5.30 15.94
CA LEU A 1191 29.09 6.52 15.69
C LEU A 1191 28.24 7.79 15.83
N LEU A 1192 27.06 7.80 15.24
CA LEU A 1192 26.09 8.88 15.33
C LEU A 1192 25.51 8.92 16.73
N LYS A 1193 25.64 10.06 17.43
CA LYS A 1193 24.62 10.40 18.43
C LYS A 1193 23.40 10.55 17.56
N GLN A 1194 22.41 9.68 17.67
CA GLN A 1194 21.32 9.65 16.71
C GLN A 1194 20.53 10.97 16.71
N GLU A 1195 20.58 11.71 17.80
CA GLU A 1195 20.26 13.13 17.92
C GLU A 1195 20.87 13.99 16.81
N ASP A 1196 22.16 13.83 16.48
CA ASP A 1196 22.80 14.59 15.41
C ASP A 1196 22.13 14.29 14.06
N ARG A 1197 21.86 13.01 13.81
CA ARG A 1197 21.18 12.63 12.54
C ARG A 1197 19.77 13.22 12.51
N GLU A 1198 19.03 13.12 13.62
CA GLU A 1198 17.65 13.65 13.70
C GLU A 1198 17.59 15.17 13.62
N ILE A 1199 18.56 15.88 14.20
CA ILE A 1199 18.73 17.31 13.99
C ILE A 1199 19.07 17.58 12.52
N GLN A 1200 20.00 16.85 11.91
CA GLN A 1200 20.35 17.06 10.51
C GLN A 1200 19.17 16.79 9.57
N ASP A 1201 18.36 15.77 9.82
CA ASP A 1201 17.09 15.58 9.15
C ASP A 1201 16.19 16.81 9.33
N ALA A 1202 16.01 17.26 10.57
CA ALA A 1202 15.17 18.41 10.86
C ALA A 1202 15.66 19.67 10.12
N TYR A 1203 16.95 20.00 10.16
CA TYR A 1203 17.50 21.11 9.40
C TYR A 1203 17.30 20.94 7.90
N LEU A 1204 17.64 19.82 7.28
CA LEU A 1204 17.51 19.68 5.82
C LEU A 1204 16.06 19.67 5.35
N GLN A 1205 15.14 19.05 6.10
CA GLN A 1205 13.72 19.10 5.79
C GLN A 1205 13.17 20.52 6.02
N LEU A 1206 13.52 21.20 7.11
CA LEU A 1206 13.05 22.56 7.39
C LEU A 1206 13.48 23.52 6.27
N PHE A 1207 14.74 23.45 5.83
CA PHE A 1207 15.24 24.22 4.71
C PHE A 1207 14.50 23.91 3.41
N THR A 1208 14.22 22.63 3.10
CA THR A 1208 13.44 22.25 1.91
C THR A 1208 12.00 22.75 1.97
N LYS A 1209 11.37 22.71 3.14
CA LYS A 1209 10.00 23.21 3.35
C LYS A 1209 9.91 24.73 3.23
N LEU A 1210 10.77 25.47 3.93
CA LEU A 1210 10.80 26.92 3.86
C LEU A 1210 11.01 27.40 2.43
N ASP A 1211 11.88 26.73 1.68
CA ASP A 1211 12.08 27.01 0.27
C ASP A 1211 10.82 26.73 -0.58
N VAL A 1212 10.08 25.66 -0.33
CA VAL A 1212 8.81 25.41 -1.04
C VAL A 1212 7.72 26.41 -0.66
N ALA A 1213 7.62 26.81 0.61
CA ALA A 1213 6.58 27.71 1.08
C ALA A 1213 6.73 29.13 0.52
N LEU A 1214 7.95 29.64 0.43
CA LEU A 1214 8.22 30.85 -0.32
C LEU A 1214 7.98 30.68 -1.82
N LYS A 1215 8.33 29.54 -2.43
CA LYS A 1215 8.00 29.29 -3.84
C LYS A 1215 6.49 29.31 -4.16
N GLU A 1216 5.65 28.79 -3.28
CA GLU A 1216 4.21 29.01 -3.41
C GLU A 1216 3.86 30.49 -3.21
N MET A 1217 4.42 31.13 -2.19
CA MET A 1217 4.07 32.51 -1.88
C MET A 1217 4.29 33.46 -3.09
N LYS A 1218 5.35 33.23 -3.88
CA LYS A 1218 5.59 33.92 -5.15
C LYS A 1218 4.48 33.66 -6.18
N GLN A 1219 4.07 32.42 -6.37
CA GLN A 1219 2.92 32.13 -7.22
C GLN A 1219 1.64 32.76 -6.66
N TYR A 1220 1.49 32.86 -5.35
CA TYR A 1220 0.21 33.40 -4.81
C TYR A 1220 0.03 34.86 -5.23
N VAL A 1221 1.06 35.71 -5.02
CA VAL A 1221 0.96 37.11 -5.48
C VAL A 1221 0.63 37.20 -6.98
N THR A 1222 1.12 36.27 -7.80
CA THR A 1222 0.73 36.19 -9.22
C THR A 1222 -0.76 35.83 -9.40
N GLN A 1223 -1.29 34.86 -8.66
CA GLN A 1223 -2.71 34.49 -8.82
C GLN A 1223 -3.64 35.65 -8.42
N ILE A 1224 -3.30 36.42 -7.39
CA ILE A 1224 -4.08 37.61 -7.02
C ILE A 1224 -4.04 38.65 -8.15
N ASN A 1225 -2.86 38.95 -8.72
CA ASN A 1225 -2.77 39.90 -9.83
C ASN A 1225 -3.57 39.44 -11.06
N ARG A 1226 -3.59 38.13 -11.34
CA ARG A 1226 -4.49 37.51 -12.34
C ARG A 1226 -5.95 37.82 -12.00
N LEU A 1227 -6.42 37.52 -10.80
CA LEU A 1227 -7.80 37.80 -10.40
C LEU A 1227 -8.14 39.29 -10.51
N LEU A 1228 -7.28 40.18 -10.01
CA LEU A 1228 -7.48 41.63 -10.11
C LEU A 1228 -7.62 42.09 -11.57
N SER A 1229 -6.81 41.57 -12.49
CA SER A 1229 -6.99 41.88 -13.92
C SER A 1229 -8.36 41.41 -14.43
N THR A 1230 -8.81 40.19 -14.10
CA THR A 1230 -10.15 39.68 -14.49
C THR A 1230 -11.33 40.45 -13.87
N ILE A 1231 -11.13 41.12 -12.74
CA ILE A 1231 -12.14 41.98 -12.08
C ILE A 1231 -12.26 43.35 -12.77
N THR A 1232 -11.13 43.94 -13.17
CA THR A 1232 -11.08 45.27 -13.78
C THR A 1232 -11.43 45.28 -15.27
N SER A 1243 -20.36 42.29 -4.85
CA SER A 1243 -20.25 41.44 -3.65
C SER A 1243 -19.84 40.00 -3.97
N ASP A 1244 -20.21 39.47 -5.14
CA ASP A 1244 -19.72 38.17 -5.64
C ASP A 1244 -18.21 38.21 -5.86
N LYS A 1245 -17.72 39.23 -6.58
CA LYS A 1245 -16.29 39.49 -6.77
C LYS A 1245 -15.59 39.70 -5.43
N GLN A 1246 -16.22 40.40 -4.49
CA GLN A 1246 -15.69 40.63 -3.15
C GLN A 1246 -15.57 39.35 -2.31
N ASP A 1247 -16.54 38.45 -2.42
CA ASP A 1247 -16.50 37.19 -1.67
C ASP A 1247 -15.32 36.33 -2.14
N LYS A 1248 -15.25 36.11 -3.48
CA LYS A 1248 -14.15 35.42 -4.18
C LYS A 1248 -12.78 36.02 -3.80
N LEU A 1249 -12.65 37.35 -3.93
CA LEU A 1249 -11.40 38.05 -3.64
C LEU A 1249 -11.01 37.93 -2.16
N HIS A 1250 -11.95 38.12 -1.24
CA HIS A 1250 -11.71 37.96 0.19
C HIS A 1250 -11.25 36.55 0.54
N GLY A 1251 -11.84 35.52 -0.08
CA GLY A 1251 -11.38 34.14 0.05
C GLY A 1251 -9.93 33.95 -0.40
N CYS A 1252 -9.53 34.56 -1.51
CA CYS A 1252 -8.17 34.51 -2.01
C CYS A 1252 -7.17 35.18 -1.06
N LEU A 1253 -7.47 36.38 -0.64
CA LEU A 1253 -6.63 37.17 0.27
C LEU A 1253 -6.47 36.51 1.64
N GLU A 1254 -7.56 36.00 2.21
CA GLU A 1254 -7.49 35.16 3.41
C GLU A 1254 -6.55 33.98 3.20
N HIS A 1255 -6.73 33.26 2.06
CA HIS A 1255 -5.85 32.10 1.76
C HIS A 1255 -4.38 32.55 1.70
N LEU A 1256 -4.05 33.67 1.07
CA LEU A 1256 -2.67 34.20 1.12
C LEU A 1256 -2.18 34.30 2.57
N PHE A 1257 -2.95 34.91 3.48
CA PHE A 1257 -2.55 35.04 4.87
C PHE A 1257 -2.38 33.67 5.53
N ASN A 1258 -3.20 32.69 5.13
CA ASN A 1258 -3.05 31.31 5.58
C ASN A 1258 -1.69 30.77 5.14
N GLN A 1259 -1.29 30.99 3.89
CA GLN A 1259 0.04 30.59 3.45
C GLN A 1259 1.14 31.27 4.26
N VAL A 1260 1.01 32.56 4.54
CA VAL A 1260 1.95 33.31 5.39
C VAL A 1260 2.06 32.67 6.77
N ASP A 1261 0.94 32.29 7.38
CA ASP A 1261 0.93 31.51 8.63
C ASP A 1261 1.62 30.14 8.47
N SER A 1262 1.51 29.52 7.28
CA SER A 1262 2.23 28.28 6.91
C SER A 1262 3.74 28.48 6.66
N ILE A 1263 4.24 29.70 6.81
CA ILE A 1263 5.68 30.03 6.92
C ILE A 1263 6.04 30.43 8.35
N ASN A 1264 5.26 31.31 8.99
CA ASN A 1264 5.53 31.77 10.35
C ASN A 1264 5.69 30.59 11.32
N ALA A 1265 4.87 29.55 11.18
CA ALA A 1265 4.93 28.35 12.00
C ALA A 1265 6.21 27.52 11.80
N LEU A 1266 6.88 27.61 10.65
CA LEU A 1266 8.18 27.01 10.42
C LEU A 1266 9.31 27.88 10.97
N LEU A 1267 9.26 29.20 10.80
CA LEU A 1267 10.30 30.10 11.26
C LEU A 1267 10.35 30.24 12.77
N LYS A 1268 9.22 30.23 13.45
CA LYS A 1268 9.14 30.36 14.92
C LYS A 1268 9.75 29.17 15.67
N GLY A 1269 9.83 28.02 15.02
CA GLY A 1269 9.93 26.71 15.67
C GLY A 1269 11.22 26.46 16.48
N PRO A 1270 11.27 25.35 17.23
CA PRO A 1270 12.43 25.01 18.06
C PRO A 1270 13.65 24.63 17.21
N VAL A 1271 13.42 24.10 16.01
CA VAL A 1271 14.45 23.74 15.02
C VAL A 1271 15.23 24.97 14.57
N MET A 1272 14.53 26.03 14.16
CA MET A 1272 15.19 27.28 13.83
C MET A 1272 15.84 27.93 15.06
N SER A 1273 15.21 27.88 16.22
CA SER A 1273 15.81 28.43 17.44
C SER A 1273 17.17 27.77 17.74
N ARG A 1274 17.25 26.43 17.68
CA ARG A 1274 18.51 25.71 17.89
C ARG A 1274 19.53 26.08 16.82
N ALA A 1275 19.11 26.21 15.56
CA ALA A 1275 19.99 26.71 14.51
C ALA A 1275 20.61 28.08 14.87
N PHE A 1276 19.80 29.06 15.26
CA PHE A 1276 20.28 30.37 15.69
C PHE A 1276 21.24 30.27 16.88
N GLU A 1277 21.07 29.28 17.75
CA GLU A 1277 21.99 29.02 18.86
C GLU A 1277 23.32 28.41 18.38
N GLU A 1278 23.33 27.62 17.29
CA GLU A 1278 24.54 27.10 16.64
C GLU A 1278 25.28 28.17 15.83
N THR A 1279 24.58 28.96 15.02
CA THR A 1279 25.18 30.00 14.18
C THR A 1279 25.50 31.31 14.93
N LYS A 1280 25.44 31.34 16.26
CA LYS A 1280 25.40 32.56 17.10
C LYS A 1280 26.58 33.54 16.92
N HIS A 1281 27.66 33.09 16.32
CA HIS A 1281 28.83 33.91 16.00
C HIS A 1281 28.73 34.70 14.69
N PHE A 1282 27.91 34.25 13.74
CA PHE A 1282 27.81 34.82 12.38
C PHE A 1282 26.93 36.10 12.36
N PRO A 1283 27.42 37.24 11.80
CA PRO A 1283 26.67 38.50 11.77
C PRO A 1283 25.50 38.47 10.77
N MET A 1284 24.31 38.87 11.24
CA MET A 1284 23.06 38.85 10.47
C MET A 1284 22.21 40.11 10.72
N ASN A 1285 21.29 40.41 9.82
CA ASN A 1285 20.37 41.55 9.96
C ASN A 1285 19.31 41.38 11.06
N HIS A 1286 19.12 40.17 11.59
CA HIS A 1286 18.14 39.86 12.63
C HIS A 1286 18.69 38.91 13.73
N SER A 1287 18.46 39.26 15.00
CA SER A 1287 18.59 38.35 16.15
C SER A 1287 17.38 37.42 16.30
N LEU A 1288 17.49 36.37 17.13
CA LEU A 1288 16.38 35.46 17.42
C LEU A 1288 15.17 36.20 18.02
N GLN A 1289 15.42 37.13 18.95
CA GLN A 1289 14.39 37.95 19.57
C GLN A 1289 13.62 38.74 18.51
N GLU A 1290 14.35 39.29 17.53
CA GLU A 1290 13.71 40.10 16.45
C GLU A 1290 12.62 39.31 15.71
N PHE A 1291 12.96 38.18 15.07
CA PHE A 1291 11.94 37.47 14.24
C PHE A 1291 10.75 37.05 15.11
N LYS A 1292 11.17 36.51 16.52
CA LYS A 1292 9.96 36.19 17.31
C LYS A 1292 9.01 37.38 17.42
N GLN A 1293 9.52 38.58 17.70
CA GLN A 1293 8.73 39.82 17.80
C GLN A 1293 8.13 40.25 16.46
N LYS A 1294 8.66 39.80 15.32
CA LYS A 1294 8.15 40.14 13.98
C LYS A 1294 6.85 39.46 13.56
N GLU A 1295 6.18 38.70 14.42
CA GLU A 1295 4.73 38.50 14.23
C GLU A 1295 3.95 39.83 14.35
N GLU A 1296 4.44 40.81 15.11
CA GLU A 1296 3.89 42.18 15.08
C GLU A 1296 3.93 42.81 13.67
N CYS A 1297 4.90 42.42 12.83
CA CYS A 1297 5.03 42.88 11.44
C CYS A 1297 3.94 42.27 10.54
N THR A 1298 3.64 40.98 10.68
CA THR A 1298 2.52 40.33 9.97
C THR A 1298 1.14 40.77 10.47
N ILE A 1299 0.94 41.04 11.77
CA ILE A 1299 -0.31 41.64 12.29
C ILE A 1299 -0.52 43.04 11.70
N ARG A 1300 0.52 43.89 11.69
CA ARG A 1300 0.45 45.19 11.00
C ARG A 1300 0.12 45.03 9.50
N GLY A 1301 0.84 44.16 8.79
CA GLY A 1301 0.57 43.88 7.37
C GLY A 1301 -0.87 43.44 7.09
N ARG A 1302 -1.40 42.51 7.89
CA ARG A 1302 -2.82 42.11 7.73
C ARG A 1302 -3.75 43.31 7.94
N SER A 1303 -3.55 44.09 9.02
CA SER A 1303 -4.37 45.28 9.28
C SER A 1303 -4.28 46.32 8.14
N LEU A 1304 -3.12 46.49 7.50
CA LEU A 1304 -2.94 47.38 6.35
C LEU A 1304 -3.63 46.85 5.07
N ILE A 1305 -3.64 45.54 4.86
CA ILE A 1305 -4.40 44.91 3.78
C ILE A 1305 -5.90 45.10 4.03
N GLN A 1306 -6.39 44.84 5.24
CA GLN A 1306 -7.80 45.06 5.57
C GLN A 1306 -8.21 46.54 5.41
N ILE A 1307 -7.35 47.47 5.83
CA ILE A 1307 -7.52 48.90 5.58
C ILE A 1307 -7.54 49.21 4.08
N SER A 1308 -6.70 48.55 3.26
CA SER A 1308 -6.72 48.71 1.79
C SER A 1308 -8.06 48.25 1.23
N ILE A 1309 -8.58 47.11 1.67
CA ILE A 1309 -9.89 46.58 1.25
C ILE A 1309 -11.04 47.55 1.62
N GLN A 1310 -10.94 48.21 2.77
CA GLN A 1310 -11.95 49.14 3.28
C GLN A 1310 -11.86 50.57 2.70
N GLU A 1311 -10.65 51.07 2.38
CA GLU A 1311 -10.41 52.48 2.04
C GLU A 1311 -9.95 52.70 0.59
N ASP A 1312 -9.21 51.77 0.01
CA ASP A 1312 -8.69 51.84 -1.37
C ASP A 1312 -8.26 50.45 -1.91
N PRO A 1313 -9.18 49.72 -2.55
CA PRO A 1313 -8.92 48.39 -3.09
C PRO A 1313 -7.82 48.35 -4.17
N TRP A 1314 -7.39 49.48 -4.73
CA TRP A 1314 -6.30 49.54 -5.70
C TRP A 1314 -4.92 49.75 -5.08
N ASN A 1315 -4.82 50.07 -3.78
CA ASN A 1315 -3.55 49.99 -3.03
C ASN A 1315 -3.22 48.57 -2.54
N LEU A 1316 -4.15 47.63 -2.68
CA LEU A 1316 -4.00 46.25 -2.23
C LEU A 1316 -2.72 45.54 -2.75
N PRO A 1317 -2.36 45.61 -4.05
CA PRO A 1317 -1.08 45.05 -4.54
C PRO A 1317 0.15 45.62 -3.85
N ASN A 1318 0.19 46.93 -3.57
CA ASN A 1318 1.30 47.57 -2.86
C ASN A 1318 1.42 47.01 -1.43
N SER A 1319 0.29 46.88 -0.73
CA SER A 1319 0.22 46.28 0.61
C SER A 1319 0.68 44.81 0.61
N ILE A 1320 0.25 44.00 -0.37
CA ILE A 1320 0.68 42.60 -0.54
C ILE A 1320 2.18 42.52 -0.79
N LYS A 1321 2.69 43.29 -1.76
CA LYS A 1321 4.10 43.35 -2.12
C LYS A 1321 4.97 43.65 -0.89
N THR A 1322 4.58 44.67 -0.12
CA THR A 1322 5.27 45.07 1.13
C THR A 1322 5.34 43.90 2.14
N LEU A 1323 4.21 43.29 2.46
CA LEU A 1323 4.12 42.13 3.35
C LEU A 1323 4.99 40.96 2.86
N VAL A 1324 4.82 40.57 1.59
CA VAL A 1324 5.53 39.46 0.97
C VAL A 1324 7.04 39.71 0.87
N ASP A 1325 7.48 40.91 0.53
CA ASP A 1325 8.90 41.26 0.49
C ASP A 1325 9.55 41.19 1.88
N ASN A 1326 8.84 41.64 2.91
CA ASN A 1326 9.28 41.50 4.30
C ASN A 1326 9.44 40.02 4.69
N ILE A 1327 8.46 39.19 4.34
CA ILE A 1327 8.50 37.74 4.65
C ILE A 1327 9.60 37.04 3.85
N GLN A 1328 9.79 37.35 2.56
CA GLN A 1328 10.89 36.77 1.77
C GLN A 1328 12.25 37.07 2.39
N ARG A 1329 12.48 38.28 2.89
CA ARG A 1329 13.69 38.58 3.67
C ARG A 1329 13.80 37.73 4.93
N TYR A 1330 12.69 37.45 5.62
CA TYR A 1330 12.75 36.55 6.79
C TYR A 1330 13.01 35.09 6.36
N VAL A 1331 12.44 34.67 5.22
CA VAL A 1331 12.58 33.28 4.76
C VAL A 1331 13.99 32.98 4.31
N GLU A 1332 14.57 33.85 3.48
CA GLU A 1332 15.98 33.75 3.13
C GLU A 1332 16.87 33.83 4.37
N ASP A 1333 16.60 34.72 5.31
CA ASP A 1333 17.36 34.76 6.56
C ASP A 1333 17.23 33.50 7.42
N GLY A 1334 16.13 32.80 7.34
CA GLY A 1334 16.00 31.44 7.86
C GLY A 1334 16.84 30.40 7.06
N LYS A 1335 16.68 30.35 5.73
CA LYS A 1335 17.46 29.47 4.84
C LYS A 1335 18.96 29.62 5.06
N ASN A 1336 19.41 30.86 5.19
CA ASN A 1336 20.80 31.17 5.42
C ASN A 1336 21.28 30.66 6.79
N GLN A 1337 20.49 30.84 7.84
CA GLN A 1337 20.82 30.31 9.15
C GLN A 1337 20.88 28.78 9.14
N LEU A 1338 19.99 28.12 8.40
CA LEU A 1338 19.98 26.66 8.32
C LEU A 1338 21.15 26.05 7.53
N LEU A 1339 21.57 26.63 6.39
CA LEU A 1339 22.78 26.15 5.72
C LEU A 1339 24.01 26.40 6.56
N LEU A 1340 24.12 27.52 7.25
CA LEU A 1340 25.23 27.76 8.17
C LEU A 1340 25.20 26.84 9.40
N ALA A 1341 24.04 26.52 9.96
CA ALA A 1341 23.93 25.52 11.03
C ALA A 1341 24.29 24.11 10.55
N LEU A 1342 23.87 23.73 9.34
CA LEU A 1342 24.25 22.47 8.69
C LEU A 1342 25.75 22.38 8.44
N LEU A 1343 26.39 23.43 7.91
CA LEU A 1343 27.82 23.45 7.66
C LEU A 1343 28.59 23.21 8.97
N LYS A 1344 28.12 23.75 10.08
CA LYS A 1344 28.77 23.63 11.38
C LYS A 1344 28.52 22.28 12.05
N CYS A 1345 27.31 21.74 11.99
CA CYS A 1345 26.96 20.48 12.66
C CYS A 1345 27.28 19.21 11.84
N THR A 1346 27.52 19.33 10.52
CA THR A 1346 27.98 18.21 9.68
C THR A 1346 29.39 17.77 10.08
N ASP A 1347 29.56 16.53 10.50
CA ASP A 1347 30.85 15.86 10.55
C ASP A 1347 31.23 15.39 9.14
N THR A 1348 32.20 16.04 8.48
CA THR A 1348 32.46 15.79 7.06
C THR A 1348 33.02 14.39 6.79
N GLU A 1349 33.78 13.85 7.75
CA GLU A 1349 34.36 12.50 7.70
C GLU A 1349 33.26 11.44 7.78
N LEU A 1350 32.43 11.49 8.83
CA LEU A 1350 31.29 10.59 8.90
C LEU A 1350 30.43 10.73 7.66
N GLN A 1351 30.16 11.94 7.16
CA GLN A 1351 29.31 12.13 5.99
C GLN A 1351 29.86 11.42 4.79
N LEU A 1352 31.18 11.42 4.61
CA LEU A 1352 31.81 10.69 3.52
C LEU A 1352 31.50 9.20 3.64
N ARG A 1353 31.63 8.64 4.85
CA ARG A 1353 31.27 7.24 5.11
C ARG A 1353 29.79 7.02 4.79
N ARG A 1354 28.94 7.82 5.43
CA ARG A 1354 27.48 7.70 5.24
C ARG A 1354 27.18 7.65 3.75
N ASP A 1355 27.69 8.63 2.99
CA ASP A 1355 27.48 8.61 1.56
C ASP A 1355 27.89 7.28 0.95
N ALA A 1356 29.01 6.71 1.32
CA ALA A 1356 29.43 5.44 0.76
C ALA A 1356 28.42 4.34 1.08
N ILE A 1357 28.03 4.19 2.36
CA ILE A 1357 27.10 3.11 2.75
C ILE A 1357 25.77 3.30 2.02
N PHE A 1358 25.29 4.53 2.03
CA PHE A 1358 24.09 4.96 1.33
C PHE A 1358 24.23 4.65 -0.13
N CYS A 1359 25.36 4.98 -0.75
CA CYS A 1359 25.53 4.75 -2.16
C CYS A 1359 25.48 3.27 -2.45
N GLN A 1360 26.21 2.43 -1.70
CA GLN A 1360 26.12 0.99 -1.85
C GLN A 1360 24.68 0.50 -1.73
N ALA A 1361 23.99 0.91 -0.67
CA ALA A 1361 22.63 0.46 -0.39
C ALA A 1361 21.65 0.94 -1.44
N LEU A 1362 21.69 2.23 -1.79
CA LEU A 1362 20.78 2.82 -2.74
C LEU A 1362 21.00 2.19 -4.09
N VAL A 1363 22.25 1.95 -4.47
CA VAL A 1363 22.54 1.27 -5.73
C VAL A 1363 21.85 -0.07 -5.70
N ALA A 1364 22.05 -0.86 -4.64
CA ALA A 1364 21.41 -2.18 -4.56
C ALA A 1364 19.89 -2.06 -4.60
N ALA A 1365 19.33 -1.16 -3.81
CA ALA A 1365 17.90 -0.90 -3.76
C ALA A 1365 17.35 -0.55 -5.14
N VAL A 1366 17.92 0.46 -5.78
CA VAL A 1366 17.54 0.94 -7.11
C VAL A 1366 17.72 -0.15 -8.13
N CYS A 1367 18.76 -0.97 -8.04
CA CYS A 1367 18.94 -2.09 -8.93
C CYS A 1367 17.84 -3.13 -8.73
N THR A 1368 17.48 -3.40 -7.47
CA THR A 1368 16.41 -4.35 -7.14
C THR A 1368 15.11 -3.87 -7.72
N PHE A 1369 14.75 -2.66 -7.37
CA PHE A 1369 13.55 -2.05 -7.88
C PHE A 1369 13.61 -1.92 -9.39
N SER A 1370 14.74 -1.57 -9.99
CA SER A 1370 14.87 -1.53 -11.44
C SER A 1370 14.42 -2.83 -12.04
N GLU A 1371 14.94 -3.95 -11.53
CA GLU A 1371 14.55 -5.26 -12.01
C GLU A 1371 13.08 -5.60 -11.75
N GLN A 1372 12.58 -5.29 -10.56
CA GLN A 1372 11.20 -5.59 -10.19
C GLN A 1372 10.22 -4.74 -11.01
N LEU A 1373 10.55 -3.47 -11.21
CA LEU A 1373 9.82 -2.54 -12.03
C LEU A 1373 9.84 -3.00 -13.47
N LEU A 1374 10.98 -3.41 -13.99
CA LEU A 1374 11.01 -3.91 -15.35
C LEU A 1374 10.28 -5.23 -15.46
N ALA A 1375 10.24 -6.07 -14.43
CA ALA A 1375 9.37 -7.25 -14.45
C ALA A 1375 7.91 -6.83 -14.55
N ALA A 1376 7.48 -5.91 -13.71
CA ALA A 1376 6.10 -5.47 -13.63
C ALA A 1376 5.66 -4.74 -14.90
N LEU A 1377 6.43 -3.78 -15.39
CA LEU A 1377 6.21 -3.11 -16.67
C LEU A 1377 6.40 -4.03 -17.88
N GLY A 1378 6.82 -5.27 -17.68
CA GLY A 1378 6.88 -6.32 -18.69
C GLY A 1378 5.72 -7.31 -18.57
N TYR A 1379 4.78 -7.06 -17.65
CA TYR A 1379 3.71 -7.98 -17.28
C TYR A 1379 4.25 -9.30 -16.73
N ARG A 1380 5.09 -9.22 -15.69
CA ARG A 1380 5.72 -10.39 -15.06
C ARG A 1380 5.81 -10.40 -13.54
N TYR A 1381 5.48 -9.34 -12.82
CA TYR A 1381 5.47 -9.42 -11.36
C TYR A 1381 4.17 -10.05 -10.87
N ASN A 1382 4.24 -10.85 -9.80
CA ASN A 1382 3.06 -11.51 -9.24
C ASN A 1382 3.27 -12.03 -7.81
N ASN A 1383 3.08 -11.22 -6.79
CA ASN A 1383 3.01 -11.66 -5.40
C ASN A 1383 1.79 -12.55 -5.08
N ASN A 1384 0.89 -12.74 -6.05
CA ASN A 1384 -0.45 -13.29 -5.87
C ASN A 1384 -0.79 -14.44 -6.84
N GLY A 1385 0.23 -15.19 -7.30
CA GLY A 1385 0.07 -16.39 -8.15
C GLY A 1385 -0.69 -17.56 -7.51
N GLU A 1386 -0.82 -17.56 -6.19
CA GLU A 1386 -1.64 -18.48 -5.39
C GLU A 1386 -3.10 -18.46 -5.80
N TYR A 1387 -3.61 -17.31 -6.22
CA TYR A 1387 -5.01 -17.09 -6.48
C TYR A 1387 -5.37 -17.16 -7.97
N GLU A 1388 -4.72 -18.03 -8.73
CA GLU A 1388 -4.82 -18.19 -10.20
C GLU A 1388 -4.48 -16.95 -11.05
N GLU A 1389 -4.01 -15.86 -10.45
CA GLU A 1389 -4.03 -14.53 -11.06
C GLU A 1389 -3.15 -14.37 -12.30
N SER A 1390 -3.72 -13.87 -13.40
CA SER A 1390 -2.97 -13.55 -14.63
C SER A 1390 -1.87 -12.53 -14.35
N SER A 1391 -0.64 -12.78 -14.81
CA SER A 1391 0.51 -11.96 -14.43
C SER A 1391 0.38 -10.52 -14.92
N ARG A 1392 -0.33 -10.29 -16.03
CA ARG A 1392 -0.70 -8.96 -16.50
C ARG A 1392 -1.41 -8.20 -15.40
N ASP A 1393 -2.46 -8.80 -14.89
CA ASP A 1393 -3.32 -8.19 -13.90
C ASP A 1393 -2.58 -8.02 -12.58
N ALA A 1394 -1.84 -9.03 -12.14
CA ALA A 1394 -1.03 -8.92 -10.94
C ALA A 1394 -0.01 -7.78 -11.05
N SER A 1395 0.61 -7.65 -12.22
CA SER A 1395 1.59 -6.59 -12.47
C SER A 1395 0.89 -5.25 -12.43
N ARG A 1396 -0.20 -5.06 -13.17
CA ARG A 1396 -0.94 -3.81 -13.21
C ARG A 1396 -1.40 -3.41 -11.81
N LYS A 1397 -1.89 -4.36 -11.04
CA LYS A 1397 -2.27 -4.14 -9.65
C LYS A 1397 -1.07 -3.74 -8.81
N TRP A 1398 0.07 -4.40 -8.95
CA TRP A 1398 1.25 -3.98 -8.22
C TRP A 1398 1.71 -2.61 -8.65
N LEU A 1399 1.70 -2.28 -9.94
CA LEU A 1399 2.14 -0.98 -10.41
C LEU A 1399 1.25 0.11 -9.83
N GLU A 1400 -0.05 -0.05 -9.93
CA GLU A 1400 -1.00 0.89 -9.35
C GLU A 1400 -0.85 0.95 -7.83
N GLN A 1401 -0.69 -0.19 -7.17
CA GLN A 1401 -0.41 -0.25 -5.75
C GLN A 1401 0.83 0.55 -5.41
N VAL A 1402 1.95 0.28 -6.11
CA VAL A 1402 3.23 0.97 -5.80
C VAL A 1402 3.02 2.47 -6.03
N ALA A 1403 2.33 2.85 -7.11
CA ALA A 1403 2.04 4.28 -7.36
C ALA A 1403 1.28 4.85 -6.16
N ALA A 1404 0.34 4.09 -5.60
CA ALA A 1404 -0.48 4.59 -4.49
C ALA A 1404 0.23 4.56 -3.11
N THR A 1405 1.03 3.54 -2.85
CA THR A 1405 1.49 3.18 -1.51
C THR A 1405 2.95 3.53 -1.31
N GLY A 1406 3.75 3.53 -2.35
CA GLY A 1406 5.21 3.48 -2.30
C GLY A 1406 5.76 2.10 -2.69
N VAL A 1407 7.06 2.03 -2.99
CA VAL A 1407 7.84 0.78 -3.02
C VAL A 1407 8.14 0.40 -1.58
N LEU A 1408 7.91 -0.84 -1.18
CA LEU A 1408 8.52 -1.34 0.04
C LEU A 1408 9.77 -2.11 -0.39
N LEU A 1409 10.91 -1.79 0.21
CA LEU A 1409 12.10 -2.61 0.10
C LEU A 1409 12.21 -3.40 1.39
N HIS A 1410 12.28 -4.72 1.26
CA HIS A 1410 12.43 -5.65 2.35
C HIS A 1410 13.81 -6.28 2.29
N CYS A 1411 14.57 -6.16 3.37
CA CYS A 1411 15.91 -6.70 3.45
C CYS A 1411 15.96 -7.86 4.45
N GLN A 1412 16.28 -9.05 3.98
CA GLN A 1412 16.74 -10.15 4.82
C GLN A 1412 18.18 -9.85 5.18
N SER A 1413 18.33 -9.24 6.34
CA SER A 1413 19.56 -8.66 6.84
C SER A 1413 20.62 -9.69 7.16
N LEU A 1414 20.23 -10.82 7.73
CA LEU A 1414 20.97 -12.08 7.65
C LEU A 1414 22.46 -11.95 8.02
N LEU A 1415 22.71 -11.25 9.10
CA LEU A 1415 24.02 -11.00 9.68
C LEU A 1415 24.08 -11.52 11.11
N SER A 1416 25.28 -11.78 11.59
CA SER A 1416 25.56 -12.46 12.84
C SER A 1416 26.15 -11.53 13.90
N PRO A 1417 25.48 -10.42 14.25
CA PRO A 1417 26.09 -9.34 15.02
C PRO A 1417 26.53 -9.76 16.43
N ALA A 1418 25.93 -10.81 16.99
CA ALA A 1418 26.32 -11.38 18.29
C ALA A 1418 27.68 -12.09 18.26
N THR A 1419 28.16 -12.42 17.05
CA THR A 1419 29.32 -13.28 16.83
C THR A 1419 30.43 -12.60 16.05
N VAL A 1420 30.11 -11.94 14.92
CA VAL A 1420 31.12 -11.41 13.99
C VAL A 1420 31.15 -9.88 14.03
N LYS A 1421 32.27 -9.31 14.47
CA LYS A 1421 32.45 -7.86 14.64
C LYS A 1421 32.39 -7.11 13.31
N GLU A 1422 32.89 -7.71 12.24
CA GLU A 1422 32.79 -7.16 10.88
C GLU A 1422 31.32 -7.03 10.46
N GLU A 1423 30.58 -8.14 10.48
CA GLU A 1423 29.15 -8.12 10.14
C GLU A 1423 28.35 -7.16 11.04
N ARG A 1424 28.67 -7.04 12.33
CA ARG A 1424 27.97 -6.08 13.22
C ARG A 1424 28.16 -4.64 12.76
N THR A 1425 29.36 -4.30 12.31
CA THR A 1425 29.62 -2.97 11.78
C THR A 1425 28.83 -2.74 10.48
N MET A 1426 28.66 -3.77 9.63
CA MET A 1426 27.80 -3.69 8.44
C MET A 1426 26.32 -3.58 8.79
N LEU A 1427 25.85 -4.25 9.83
CA LEU A 1427 24.48 -4.14 10.32
C LEU A 1427 24.17 -2.72 10.85
N GLU A 1428 25.01 -2.26 11.77
CA GLU A 1428 24.92 -0.93 12.37
C GLU A 1428 25.00 0.20 11.36
N ASP A 1429 25.61 -0.06 10.19
CA ASP A 1429 25.61 0.80 9.03
C ASP A 1429 24.29 0.69 8.23
N ILE A 1430 23.86 -0.50 7.81
CA ILE A 1430 22.70 -0.63 6.92
C ILE A 1430 21.39 -0.25 7.58
N TRP A 1431 21.21 -0.51 8.87
CA TRP A 1431 20.02 -0.06 9.60
C TRP A 1431 19.77 1.44 9.47
N VAL A 1432 20.77 2.24 9.85
CA VAL A 1432 20.72 3.69 9.75
C VAL A 1432 20.52 4.11 8.30
N THR A 1433 21.19 3.43 7.39
CA THR A 1433 21.12 3.75 5.99
C THR A 1433 19.75 3.51 5.39
N LEU A 1434 19.07 2.40 5.67
CA LEU A 1434 17.76 2.21 5.08
C LEU A 1434 16.75 3.21 5.65
N SER A 1435 16.88 3.56 6.93
CA SER A 1435 16.11 4.69 7.50
C SER A 1435 16.30 5.97 6.68
N GLU A 1436 17.52 6.26 6.25
CA GLU A 1436 17.79 7.38 5.36
C GLU A 1436 17.29 7.16 3.92
N LEU A 1437 17.34 5.94 3.38
CA LEU A 1437 16.75 5.64 2.08
C LEU A 1437 15.24 5.81 2.08
N ASP A 1438 14.55 5.75 3.22
CA ASP A 1438 13.11 6.04 3.22
C ASP A 1438 12.80 7.41 2.56
N ASN A 1439 13.70 8.39 2.70
CA ASN A 1439 13.50 9.73 2.16
C ASN A 1439 13.65 9.78 0.65
N VAL A 1440 14.15 8.73 0.02
CA VAL A 1440 14.37 8.69 -1.42
C VAL A 1440 13.06 8.62 -2.14
N THR A 1441 12.89 9.40 -3.18
CA THR A 1441 11.74 9.30 -4.04
C THR A 1441 12.13 8.85 -5.42
N PHE A 1442 11.57 7.76 -5.87
CA PHE A 1442 11.65 7.44 -7.29
C PHE A 1442 10.69 8.35 -8.06
N SER A 1443 10.87 8.41 -9.37
CA SER A 1443 10.10 9.19 -10.32
C SER A 1443 10.52 8.71 -11.70
N PHE A 1444 9.66 9.00 -12.68
CA PHE A 1444 9.90 8.42 -14.02
C PHE A 1444 9.68 9.40 -15.16
N LYS A 1445 10.46 9.25 -16.22
CA LYS A 1445 10.39 10.06 -17.44
C LYS A 1445 10.62 9.16 -18.63
N GLN A 1446 10.04 9.51 -19.74
CA GLN A 1446 10.35 8.89 -21.00
C GLN A 1446 11.67 9.43 -21.47
N LEU A 1447 12.58 8.57 -21.93
CA LEU A 1447 13.74 8.98 -22.73
C LEU A 1447 14.27 7.84 -23.57
N ASP A 1448 14.09 7.97 -24.88
CA ASP A 1448 14.65 7.07 -25.89
C ASP A 1448 16.18 7.19 -26.01
N GLU A 1449 16.82 6.18 -26.59
CA GLU A 1449 18.21 6.21 -27.00
C GLU A 1449 18.36 5.73 -28.44
N ASN A 1450 18.33 4.41 -28.66
CA ASN A 1450 18.86 3.78 -29.87
C ASN A 1450 20.32 4.16 -30.17
N TYR A 1451 21.03 4.63 -29.15
CA TYR A 1451 22.48 4.84 -29.14
C TYR A 1451 23.18 4.14 -27.97
N VAL A 1452 22.44 3.37 -27.15
CA VAL A 1452 22.97 2.56 -26.05
C VAL A 1452 22.45 1.14 -26.17
N ALA A 1453 23.30 0.11 -26.08
CA ALA A 1453 22.84 -1.28 -26.14
C ALA A 1453 22.18 -1.73 -24.82
N ASN A 1454 21.26 -2.71 -24.88
CA ASN A 1454 20.87 -3.55 -23.75
C ASN A 1454 20.51 -2.84 -22.43
N THR A 1455 19.81 -1.71 -22.47
CA THR A 1455 19.44 -1.00 -21.23
C THR A 1455 18.09 -0.32 -21.37
N ASN A 1456 17.05 -0.95 -20.83
CA ASN A 1456 15.72 -0.37 -20.80
C ASN A 1456 15.72 0.92 -20.00
N VAL A 1457 16.47 0.93 -18.91
CA VAL A 1457 16.49 1.99 -17.92
C VAL A 1457 17.82 2.72 -17.91
N PHE A 1458 17.75 4.04 -17.86
CA PHE A 1458 18.90 4.90 -17.60
C PHE A 1458 18.57 5.75 -16.40
N TYR A 1459 19.15 5.47 -15.25
CA TYR A 1459 18.87 6.30 -14.10
C TYR A 1459 19.37 7.73 -14.32
N HIS A 1460 18.77 8.67 -13.64
CA HIS A 1460 19.34 9.97 -13.30
C HIS A 1460 18.99 10.31 -11.86
N ILE A 1461 19.68 11.24 -11.24
CA ILE A 1461 19.45 11.59 -9.86
C ILE A 1461 19.42 13.10 -9.70
N GLU A 1462 18.50 13.59 -8.88
CA GLU A 1462 18.29 15.00 -8.55
C GLU A 1462 18.07 15.17 -7.04
N GLY A 1463 18.12 16.40 -6.53
CA GLY A 1463 17.80 16.70 -5.14
C GLY A 1463 18.95 16.42 -4.20
N SER A 1464 18.87 16.99 -3.00
CA SER A 1464 19.87 16.88 -1.94
C SER A 1464 19.95 15.47 -1.35
N ARG A 1465 20.89 15.22 -0.43
CA ARG A 1465 20.91 13.88 0.23
C ARG A 1465 19.52 13.60 0.78
N GLN A 1466 19.06 14.42 1.74
CA GLN A 1466 17.70 14.33 2.21
C GLN A 1466 16.80 14.73 1.05
N ALA A 1467 15.72 13.99 0.84
CA ALA A 1467 14.82 14.16 -0.29
C ALA A 1467 15.46 13.91 -1.68
N LEU A 1468 16.47 13.04 -1.77
CA LEU A 1468 17.04 12.59 -3.04
C LEU A 1468 15.98 12.00 -3.96
N LYS A 1469 16.04 12.33 -5.24
CA LYS A 1469 15.11 11.87 -6.25
C LYS A 1469 15.86 11.03 -7.27
N VAL A 1470 15.38 9.83 -7.55
CA VAL A 1470 15.90 9.03 -8.65
C VAL A 1470 14.90 9.08 -9.78
N ILE A 1471 15.33 9.49 -10.96
CA ILE A 1471 14.53 9.48 -12.17
C ILE A 1471 14.90 8.21 -12.92
N PHE A 1472 13.99 7.27 -13.01
CA PHE A 1472 14.14 6.10 -13.84
C PHE A 1472 13.68 6.48 -15.24
N TYR A 1473 14.66 6.81 -16.09
CA TYR A 1473 14.33 7.07 -17.52
C TYR A 1473 13.98 5.72 -18.16
N LEU A 1474 12.78 5.60 -18.73
CA LEU A 1474 12.29 4.37 -19.32
C LEU A 1474 12.05 4.56 -20.81
N ASP A 1475 12.12 3.49 -21.59
CA ASP A 1475 11.71 3.53 -23.01
C ASP A 1475 10.21 3.81 -23.17
N SER A 1476 9.80 4.28 -24.37
CA SER A 1476 8.40 4.56 -24.71
C SER A 1476 7.43 3.45 -24.32
N TYR A 1477 7.80 2.19 -24.56
CA TYR A 1477 6.95 1.06 -24.23
C TYR A 1477 6.78 0.92 -22.72
N HIS A 1478 7.84 0.75 -21.93
CA HIS A 1478 7.76 0.61 -20.48
C HIS A 1478 7.18 1.83 -19.80
N PHE A 1479 7.57 3.04 -20.20
CA PHE A 1479 6.95 4.26 -19.69
C PHE A 1479 5.44 4.26 -19.89
N SER A 1480 4.92 3.87 -21.06
CA SER A 1480 3.47 3.83 -21.31
C SER A 1480 2.72 2.79 -20.48
N LYS A 1481 3.42 1.82 -19.87
CA LYS A 1481 2.86 0.90 -18.89
C LYS A 1481 2.93 1.45 -17.46
N LEU A 1482 3.52 2.60 -17.18
CA LEU A 1482 3.35 3.21 -15.88
C LEU A 1482 1.89 3.61 -15.60
N PRO A 1483 1.48 3.70 -14.32
CA PRO A 1483 0.23 4.31 -13.92
C PRO A 1483 0.24 5.82 -14.20
N SER A 1484 -0.92 6.40 -14.40
CA SER A 1484 -1.06 7.82 -14.70
C SER A 1484 -0.52 8.75 -13.60
N ARG A 1485 -0.52 8.33 -12.33
CA ARG A 1485 0.12 9.13 -11.28
C ARG A 1485 1.60 9.35 -11.56
N LEU A 1486 2.32 8.31 -11.94
CA LEU A 1486 3.75 8.33 -12.18
C LEU A 1486 4.12 8.90 -13.55
N GLU A 1487 3.33 8.65 -14.59
CA GLU A 1487 3.50 9.29 -15.88
C GLU A 1487 3.47 10.82 -15.79
N GLY A 1488 2.63 11.38 -14.95
CA GLY A 1488 2.51 12.83 -14.72
C GLY A 1488 3.68 13.45 -13.93
N GLY A 1489 4.74 12.68 -13.66
CA GLY A 1489 5.96 13.12 -13.00
C GLY A 1489 5.96 12.98 -11.48
N ALA A 1490 4.91 12.46 -10.90
CA ALA A 1490 4.78 12.43 -9.46
C ALA A 1490 5.81 11.49 -8.84
N SER A 1491 6.20 11.85 -7.64
CA SER A 1491 7.18 11.15 -6.86
C SER A 1491 6.60 9.87 -6.26
N LEU A 1492 7.36 8.78 -6.35
CA LEU A 1492 7.07 7.48 -5.74
C LEU A 1492 7.96 7.31 -4.50
N ARG A 1493 7.36 7.15 -3.32
CA ARG A 1493 8.16 7.08 -2.06
C ARG A 1493 8.71 5.66 -1.80
N LEU A 1494 9.98 5.56 -1.38
CA LEU A 1494 10.57 4.28 -0.99
C LEU A 1494 10.40 4.08 0.53
N HIS A 1495 9.76 3.00 0.96
CA HIS A 1495 9.76 2.56 2.33
C HIS A 1495 10.69 1.36 2.47
N THR A 1496 11.36 1.24 3.59
CA THR A 1496 12.30 0.17 3.84
C THR A 1496 11.91 -0.61 5.08
N ALA A 1497 12.23 -1.89 5.09
CA ALA A 1497 12.21 -2.77 6.24
C ALA A 1497 13.42 -3.70 6.19
N LEU A 1498 13.95 -4.06 7.34
CA LEU A 1498 15.18 -4.81 7.53
C LEU A 1498 14.97 -5.85 8.63
N PHE A 1499 14.87 -7.14 8.28
CA PHE A 1499 14.69 -8.22 9.25
C PHE A 1499 15.93 -9.07 9.38
N THR A 1500 16.37 -9.28 10.61
CA THR A 1500 17.70 -9.71 10.98
C THR A 1500 17.64 -10.80 12.02
N LYS A 1501 17.98 -12.04 11.63
CA LYS A 1501 18.10 -13.20 12.51
C LYS A 1501 19.33 -13.99 12.16
N VAL A 1502 20.05 -14.48 13.17
CA VAL A 1502 21.27 -15.26 12.94
C VAL A 1502 20.88 -16.60 12.30
N LEU A 1503 21.56 -17.06 11.25
CA LEU A 1503 21.21 -18.32 10.60
C LEU A 1503 21.75 -19.57 11.29
N GLU A 1504 22.76 -19.42 12.15
CA GLU A 1504 23.14 -20.40 13.18
C GLU A 1504 22.47 -20.08 14.52
N ASN A 1505 22.62 -20.98 15.49
CA ASN A 1505 22.40 -20.67 16.88
C ASN A 1505 23.55 -19.83 17.44
N VAL A 1506 23.30 -19.19 18.58
CA VAL A 1506 24.37 -18.77 19.51
C VAL A 1506 24.68 -19.93 20.45
N GLU A 1507 25.90 -20.43 20.40
CA GLU A 1507 26.42 -21.44 21.33
C GLU A 1507 27.03 -20.78 22.59
N GLY A 1508 26.74 -21.32 23.77
CA GLY A 1508 27.12 -20.74 25.06
C GLY A 1508 26.35 -19.47 25.44
N LEU A 1509 26.51 -19.01 26.67
CA LEU A 1509 25.84 -17.79 27.15
C LEU A 1509 26.47 -16.53 26.52
N PRO A 1510 25.68 -15.51 26.14
CA PRO A 1510 26.21 -14.28 25.57
C PRO A 1510 26.95 -13.43 26.61
N SER A 1511 28.09 -12.85 26.21
CA SER A 1511 28.74 -11.79 26.99
C SER A 1511 27.85 -10.53 27.08
N PRO A 1512 28.11 -9.59 28.02
CA PRO A 1512 27.41 -8.32 28.10
C PRO A 1512 27.38 -7.51 26.78
N GLY A 1513 28.45 -7.55 25.99
CA GLY A 1513 28.48 -6.92 24.66
C GLY A 1513 27.61 -7.66 23.65
N SER A 1514 27.64 -8.99 23.64
CA SER A 1514 26.80 -9.80 22.76
C SER A 1514 25.31 -9.64 23.08
N GLN A 1515 24.96 -9.49 24.36
CA GLN A 1515 23.60 -9.14 24.79
C GLN A 1515 23.11 -7.84 24.17
N ALA A 1516 23.96 -6.81 24.12
CA ALA A 1516 23.64 -5.56 23.44
C ALA A 1516 23.54 -5.74 21.92
N ALA A 1517 24.34 -6.61 21.31
CA ALA A 1517 24.16 -6.94 19.90
C ALA A 1517 22.80 -7.61 19.60
N GLU A 1518 22.37 -8.55 20.44
CA GLU A 1518 21.03 -9.13 20.31
C GLU A 1518 19.96 -8.09 20.52
N ASP A 1519 20.11 -7.21 21.51
CA ASP A 1519 19.14 -6.14 21.70
C ASP A 1519 19.07 -5.22 20.48
N LEU A 1520 20.21 -4.86 19.90
CA LEU A 1520 20.26 -4.06 18.67
C LEU A 1520 19.59 -4.80 17.50
N GLN A 1521 19.80 -6.09 17.40
CA GLN A 1521 19.11 -6.90 16.42
C GLN A 1521 17.59 -6.83 16.62
N GLN A 1522 17.15 -6.86 17.87
CA GLN A 1522 15.73 -6.82 18.20
C GLN A 1522 15.08 -5.47 17.90
N ASP A 1523 15.76 -4.37 18.20
CA ASP A 1523 15.32 -3.03 17.82
C ASP A 1523 15.11 -2.92 16.31
N ILE A 1524 16.07 -3.42 15.50
CA ILE A 1524 15.98 -3.36 14.03
C ILE A 1524 14.73 -4.10 13.55
N ASN A 1525 14.46 -5.23 14.14
CA ASN A 1525 13.31 -6.03 13.77
C ASN A 1525 12.01 -5.33 14.21
N ALA A 1526 11.98 -4.69 15.38
CA ALA A 1526 10.84 -3.92 15.85
C ALA A 1526 10.52 -2.76 14.90
N GLN A 1527 11.48 -1.91 14.56
CA GLN A 1527 11.25 -0.78 13.66
C GLN A 1527 10.78 -1.28 12.31
N SER A 1528 11.37 -2.35 11.82
CA SER A 1528 10.97 -2.96 10.57
C SER A 1528 9.59 -3.55 10.63
N LEU A 1529 9.17 -4.08 11.77
CA LEU A 1529 7.81 -4.60 11.87
C LEU A 1529 6.77 -3.48 11.82
N GLU A 1530 6.98 -2.40 12.56
CA GLU A 1530 6.11 -1.24 12.49
C GLU A 1530 6.00 -0.70 11.07
N LYS A 1531 7.13 -0.56 10.36
CA LYS A 1531 7.18 -0.06 8.98
C LYS A 1531 6.54 -1.02 7.97
N VAL A 1532 6.63 -2.34 8.16
CA VAL A 1532 5.88 -3.23 7.29
C VAL A 1532 4.40 -3.15 7.61
N GLN A 1533 4.02 -3.16 8.88
CA GLN A 1533 2.63 -3.03 9.29
C GLN A 1533 2.01 -1.77 8.69
N GLN A 1534 2.65 -0.60 8.78
CA GLN A 1534 2.18 0.62 8.11
C GLN A 1534 1.99 0.39 6.63
N TYR A 1535 2.91 -0.27 5.94
CA TYR A 1535 2.77 -0.49 4.53
C TYR A 1535 1.62 -1.44 4.23
N TYR A 1536 1.43 -2.44 5.07
CA TYR A 1536 0.28 -3.32 5.03
C TYR A 1536 -1.03 -2.57 5.27
N ARG A 1537 -1.07 -1.67 6.27
CA ARG A 1537 -2.29 -0.83 6.49
C ARG A 1537 -2.59 0.00 5.23
N LYS A 1538 -1.59 0.72 4.70
CA LYS A 1538 -1.73 1.54 3.48
C LYS A 1538 -2.12 0.72 2.23
N LEU A 1539 -1.72 -0.55 2.19
CA LEU A 1539 -2.19 -1.46 1.16
C LEU A 1539 -3.64 -1.85 1.40
N ARG A 1540 -3.99 -2.18 2.64
CA ARG A 1540 -5.40 -2.53 2.98
C ARG A 1540 -6.30 -1.36 2.59
N ALA A 1541 -6.04 -0.16 3.12
CA ALA A 1541 -6.78 1.03 2.76
C ALA A 1541 -6.88 1.24 1.25
N PHE A 1542 -5.77 1.07 0.52
CA PHE A 1542 -5.78 1.17 -0.93
C PHE A 1542 -6.69 0.12 -1.58
N TYR A 1543 -6.69 -1.11 -1.09
CA TYR A 1543 -7.60 -2.13 -1.60
C TYR A 1543 -9.06 -1.81 -1.28
N LEU A 1544 -9.39 -1.25 -0.11
CA LEU A 1544 -10.75 -0.85 0.21
C LEU A 1544 -11.27 0.18 -0.79
N GLU A 1545 -10.53 1.26 -1.01
CA GLU A 1545 -10.79 2.20 -2.10
C GLU A 1545 -10.93 1.49 -3.45
N ARG A 1546 -9.99 0.60 -3.79
CA ARG A 1546 -10.03 -0.12 -5.10
C ARG A 1546 -11.33 -0.92 -5.25
N SER A 1547 -11.79 -1.59 -4.19
CA SER A 1547 -13.00 -2.42 -4.22
C SER A 1547 -14.28 -1.59 -4.40
N ASN A 1548 -14.23 -0.31 -4.00
CA ASN A 1548 -15.32 0.63 -4.14
C ASN A 1548 -15.41 1.28 -5.54
N LEU A 1549 -14.42 1.09 -6.43
CA LEU A 1549 -14.36 1.79 -7.72
C LEU A 1549 -15.57 1.46 -8.62
N PRO A 1550 -16.14 2.45 -9.33
CA PRO A 1550 -17.47 2.37 -9.93
C PRO A 1550 -17.53 1.34 -11.05
N THR A 1551 -18.09 0.17 -10.73
CA THR A 1551 -18.08 -1.05 -11.53
C THR A 1551 -19.30 -1.91 -11.19
N ASP A 1552 -19.64 -2.89 -12.03
CA ASP A 1552 -20.77 -3.81 -11.80
C ASP A 1552 -20.70 -4.44 -10.40
N ALA A 1553 -21.74 -4.28 -9.58
CA ALA A 1553 -21.76 -4.65 -8.16
C ALA A 1553 -21.39 -6.12 -7.89
N SER A 1554 -21.67 -7.02 -8.83
CA SER A 1554 -21.23 -8.41 -8.76
C SER A 1554 -19.69 -8.53 -8.71
N THR A 1555 -18.98 -7.71 -9.49
CA THR A 1555 -17.51 -7.68 -9.51
C THR A 1555 -16.95 -7.13 -8.19
N THR A 1556 -17.58 -6.13 -7.57
CA THR A 1556 -17.22 -5.67 -6.22
C THR A 1556 -17.40 -6.78 -5.19
N ALA A 1557 -18.53 -7.50 -5.20
CA ALA A 1557 -18.75 -8.59 -4.25
C ALA A 1557 -17.71 -9.72 -4.42
N VAL A 1558 -17.44 -10.13 -5.66
CA VAL A 1558 -16.41 -11.13 -5.97
C VAL A 1558 -15.03 -10.64 -5.55
N LYS A 1559 -14.66 -9.39 -5.87
CA LYS A 1559 -13.42 -8.77 -5.39
C LYS A 1559 -13.29 -8.83 -3.88
N ILE A 1560 -14.33 -8.46 -3.13
CA ILE A 1560 -14.26 -8.49 -1.66
C ILE A 1560 -14.03 -9.93 -1.17
N ASP A 1561 -14.77 -10.91 -1.70
CA ASP A 1561 -14.58 -12.31 -1.33
C ASP A 1561 -13.17 -12.81 -1.65
N GLN A 1562 -12.60 -12.32 -2.75
CA GLN A 1562 -11.21 -12.63 -3.10
C GLN A 1562 -10.28 -12.02 -2.07
N LEU A 1563 -10.37 -10.71 -1.87
CA LEU A 1563 -9.41 -9.91 -1.09
C LEU A 1563 -9.34 -10.32 0.38
N ILE A 1564 -10.38 -10.93 0.92
CA ILE A 1564 -10.37 -11.50 2.26
C ILE A 1564 -9.33 -12.63 2.37
N ARG A 1565 -9.03 -13.44 1.35
CA ARG A 1565 -8.02 -14.50 1.53
C ARG A 1565 -6.61 -13.94 1.68
N PRO A 1566 -6.11 -13.10 0.76
CA PRO A 1566 -4.81 -12.46 0.93
C PRO A 1566 -4.70 -11.78 2.29
N ILE A 1567 -5.75 -11.06 2.69
CA ILE A 1567 -5.74 -10.31 3.94
C ILE A 1567 -5.75 -11.25 5.15
N ASN A 1568 -6.46 -12.37 5.10
CA ASN A 1568 -6.44 -13.32 6.21
C ASN A 1568 -5.07 -13.95 6.35
N ALA A 1569 -4.39 -14.24 5.24
CA ALA A 1569 -3.03 -14.74 5.28
C ALA A 1569 -2.06 -13.67 5.81
N LEU A 1570 -2.14 -12.46 5.27
CA LEU A 1570 -1.34 -11.34 5.73
C LEU A 1570 -1.53 -11.05 7.20
N ASP A 1571 -2.76 -11.07 7.73
CA ASP A 1571 -3.01 -10.86 9.15
C ASP A 1571 -2.42 -11.96 9.99
N GLU A 1572 -2.41 -13.18 9.48
CA GLU A 1572 -1.72 -14.28 10.13
C GLU A 1572 -0.21 -14.02 10.17
N LEU A 1573 0.40 -13.68 9.04
CA LEU A 1573 1.81 -13.39 8.96
C LEU A 1573 2.19 -12.28 9.90
N CYS A 1574 1.35 -11.27 10.10
CA CYS A 1574 1.59 -10.19 11.03
C CYS A 1574 1.58 -10.67 12.47
N ARG A 1575 0.62 -11.51 12.86
CA ARG A 1575 0.55 -12.13 14.19
C ARG A 1575 1.84 -12.92 14.45
N LEU A 1576 2.24 -13.72 13.48
CA LEU A 1576 3.49 -14.46 13.54
C LEU A 1576 4.66 -13.51 13.72
N MET A 1577 4.82 -12.49 12.88
CA MET A 1577 5.89 -11.53 12.99
C MET A 1577 5.91 -10.88 14.36
N LYS A 1578 4.76 -10.51 14.93
CA LYS A 1578 4.70 -9.94 16.27
C LYS A 1578 5.20 -10.93 17.32
N SER A 1579 4.87 -12.19 17.20
CA SER A 1579 5.37 -13.21 18.12
C SER A 1579 6.84 -13.56 17.91
N PHE A 1580 7.40 -13.33 16.72
CA PHE A 1580 8.82 -13.49 16.46
C PHE A 1580 9.62 -12.34 17.06
N VAL A 1581 9.16 -11.10 16.83
CA VAL A 1581 9.85 -9.86 17.17
C VAL A 1581 9.64 -9.44 18.64
N HIS A 1582 8.46 -9.71 19.18
CA HIS A 1582 8.09 -9.50 20.57
C HIS A 1582 7.55 -10.81 21.14
N PRO A 1583 8.41 -11.81 21.40
CA PRO A 1583 7.96 -13.03 22.05
C PRO A 1583 7.37 -12.74 23.44
N LYS A 1584 6.26 -13.40 23.78
CA LYS A 1584 5.67 -13.33 25.13
C LYS A 1584 6.62 -13.97 26.17
N PRO A 1585 6.58 -13.54 27.45
CA PRO A 1585 7.39 -14.13 28.52
C PRO A 1585 7.21 -15.66 28.59
N GLY A 1586 8.32 -16.40 28.63
CA GLY A 1586 8.37 -17.87 28.65
C GLY A 1586 8.29 -18.60 27.31
N ALA A 1587 7.77 -17.96 26.24
CA ALA A 1587 7.82 -18.49 24.87
C ALA A 1587 9.14 -18.17 24.13
N ALA A 1588 9.99 -17.31 24.70
CA ALA A 1588 11.25 -16.87 24.11
C ALA A 1588 12.21 -18.02 23.78
N GLY A 1589 12.99 -17.86 22.70
CA GLY A 1589 13.89 -18.89 22.16
C GLY A 1589 13.21 -20.00 21.34
N SER A 1590 11.91 -20.26 21.52
CA SER A 1590 11.21 -21.40 20.91
C SER A 1590 10.94 -21.27 19.39
N VAL A 1591 11.22 -20.13 18.77
CA VAL A 1591 10.85 -19.75 17.38
C VAL A 1591 11.93 -19.99 16.33
N GLY A 1592 13.18 -20.19 16.77
CA GLY A 1592 14.28 -20.48 15.84
C GLY A 1592 14.58 -19.32 14.91
N ALA A 1593 15.00 -19.62 13.68
CA ALA A 1593 15.34 -18.57 12.68
C ALA A 1593 14.12 -18.31 11.79
N GLY A 1594 12.97 -18.89 12.13
CA GLY A 1594 11.75 -18.75 11.31
C GLY A 1594 11.43 -17.31 10.93
N LEU A 1595 12.00 -16.32 11.61
CA LEU A 1595 11.78 -14.93 11.22
C LEU A 1595 12.11 -14.71 9.75
N ILE A 1596 13.12 -15.38 9.23
CA ILE A 1596 13.56 -15.23 7.84
C ILE A 1596 12.51 -15.75 6.87
N PRO A 1597 12.10 -17.03 6.85
CA PRO A 1597 11.11 -17.50 5.88
C PRO A 1597 9.76 -16.81 6.05
N ILE A 1598 9.45 -16.37 7.27
CA ILE A 1598 8.17 -15.72 7.54
C ILE A 1598 8.19 -14.26 7.10
N SER A 1599 9.18 -13.46 7.50
CA SER A 1599 9.30 -12.08 7.00
C SER A 1599 9.49 -12.02 5.49
N SER A 1600 10.19 -13.01 4.91
CA SER A 1600 10.19 -13.26 3.48
C SER A 1600 8.79 -13.41 2.96
N GLU A 1601 8.00 -14.31 3.53
CA GLU A 1601 6.65 -14.55 3.03
C GLU A 1601 5.79 -13.29 3.10
N LEU A 1602 5.85 -12.57 4.21
CA LEU A 1602 5.16 -11.31 4.41
C LEU A 1602 5.52 -10.30 3.33
N CYS A 1603 6.78 -9.94 3.22
CA CYS A 1603 7.12 -8.87 2.32
C CYS A 1603 6.97 -9.31 0.86
N TYR A 1604 7.12 -10.59 0.55
CA TYR A 1604 6.73 -11.13 -0.73
C TYR A 1604 5.26 -10.89 -0.99
N ARG A 1605 4.40 -11.30 -0.06
CA ARG A 1605 2.92 -11.18 -0.24
C ARG A 1605 2.55 -9.71 -0.49
N LEU A 1606 3.09 -8.78 0.29
CA LEU A 1606 2.84 -7.34 0.13
C LEU A 1606 3.34 -6.80 -1.21
N GLY A 1607 4.20 -7.51 -1.94
CA GLY A 1607 4.82 -7.02 -3.18
C GLY A 1607 6.10 -6.19 -2.99
N ALA A 1608 6.82 -6.31 -1.88
CA ALA A 1608 8.06 -5.57 -1.69
C ALA A 1608 9.10 -5.95 -2.75
N CYS A 1609 10.00 -5.03 -3.04
CA CYS A 1609 11.28 -5.39 -3.61
C CYS A 1609 12.10 -6.07 -2.53
N GLN A 1610 12.72 -7.20 -2.83
CA GLN A 1610 13.36 -8.05 -1.84
C GLN A 1610 14.87 -8.06 -1.98
N MET A 1611 15.56 -7.89 -0.87
CA MET A 1611 17.01 -7.80 -0.79
C MET A 1611 17.52 -8.74 0.30
N VAL A 1612 18.70 -9.30 0.11
CA VAL A 1612 19.28 -10.30 1.00
C VAL A 1612 20.75 -9.99 1.17
N MET A 1613 21.26 -9.98 2.40
CA MET A 1613 22.63 -9.58 2.65
C MET A 1613 23.29 -10.39 3.76
N CYS A 1614 24.60 -10.49 3.71
CA CYS A 1614 25.45 -11.11 4.72
C CYS A 1614 26.89 -10.62 4.50
N GLY A 1615 27.84 -10.93 5.37
CA GLY A 1615 29.18 -10.34 5.31
C GLY A 1615 29.93 -10.48 3.98
N THR A 1616 29.59 -11.50 3.19
CA THR A 1616 30.21 -11.78 1.90
C THR A 1616 29.24 -11.65 0.73
N GLY A 1617 27.94 -11.82 1.03
CA GLY A 1617 26.94 -11.88 -0.05
C GLY A 1617 27.04 -13.20 -0.80
N MET A 1618 27.91 -14.13 -0.36
CA MET A 1618 28.14 -15.36 -1.18
C MET A 1618 27.87 -16.72 -0.50
N GLN A 1619 27.49 -16.77 0.79
CA GLN A 1619 27.13 -18.10 1.39
C GLN A 1619 25.82 -18.05 2.19
N ARG A 1620 25.78 -17.36 3.34
CA ARG A 1620 24.51 -17.24 4.10
C ARG A 1620 23.40 -16.85 3.12
N SER A 1621 23.58 -15.77 2.36
CA SER A 1621 22.68 -15.39 1.29
C SER A 1621 22.27 -16.55 0.39
N THR A 1622 23.16 -17.49 0.02
CA THR A 1622 22.70 -18.61 -0.82
C THR A 1622 21.60 -19.39 -0.10
N LEU A 1623 21.72 -19.57 1.20
CA LEU A 1623 20.82 -20.40 1.97
C LEU A 1623 19.45 -19.74 2.06
N SER A 1624 19.37 -18.42 2.32
CA SER A 1624 18.09 -17.74 2.33
C SER A 1624 17.47 -17.61 0.95
N VAL A 1625 18.23 -17.26 -0.08
CA VAL A 1625 17.66 -17.10 -1.43
C VAL A 1625 17.14 -18.43 -1.92
N SER A 1626 17.90 -19.51 -1.72
CA SER A 1626 17.47 -20.84 -2.15
C SER A 1626 16.17 -21.24 -1.48
N LEU A 1627 16.03 -21.01 -0.17
CA LEU A 1627 14.78 -21.25 0.54
C LEU A 1627 13.66 -20.36 0.02
N GLU A 1628 13.87 -19.06 -0.05
CA GLU A 1628 12.85 -18.12 -0.46
C GLU A 1628 12.33 -18.46 -1.84
N GLN A 1629 13.20 -18.81 -2.76
CA GLN A 1629 12.80 -19.20 -4.10
C GLN A 1629 12.05 -20.53 -4.07
N ALA A 1630 12.54 -21.53 -3.36
CA ALA A 1630 11.84 -22.80 -3.23
C ALA A 1630 10.46 -22.63 -2.57
N ALA A 1631 10.36 -21.80 -1.54
CA ALA A 1631 9.11 -21.46 -0.91
C ALA A 1631 8.20 -20.68 -1.86
N ILE A 1632 8.71 -19.78 -2.69
CA ILE A 1632 7.92 -19.08 -3.70
C ILE A 1632 7.34 -20.08 -4.68
N LEU A 1633 8.15 -21.01 -5.16
CA LEU A 1633 7.65 -22.06 -6.03
C LEU A 1633 6.56 -22.85 -5.31
N ALA A 1634 6.79 -23.28 -4.07
CA ALA A 1634 5.85 -24.16 -3.36
C ALA A 1634 4.56 -23.46 -2.97
N ARG A 1635 4.63 -22.16 -2.67
CA ARG A 1635 3.44 -21.42 -2.18
C ARG A 1635 2.70 -20.72 -3.34
N SER A 1636 3.38 -20.42 -4.45
CA SER A 1636 2.75 -19.64 -5.54
C SER A 1636 2.58 -20.38 -6.85
N HIS A 1637 3.52 -21.24 -7.25
CA HIS A 1637 3.44 -21.92 -8.56
C HIS A 1637 3.16 -23.41 -8.45
N GLY A 1638 2.83 -23.88 -7.24
CA GLY A 1638 2.40 -25.25 -7.01
C GLY A 1638 3.50 -26.28 -7.17
N LEU A 1639 4.76 -25.98 -6.86
CA LEU A 1639 5.75 -27.03 -6.71
C LEU A 1639 5.24 -28.02 -5.64
N LEU A 1640 5.07 -29.31 -5.99
CA LEU A 1640 4.52 -30.35 -5.11
C LEU A 1640 5.22 -30.33 -3.74
N PRO A 1641 4.53 -30.25 -2.59
CA PRO A 1641 5.16 -29.99 -1.30
C PRO A 1641 6.29 -30.93 -0.93
N LYS A 1642 6.26 -32.19 -1.38
CA LYS A 1642 7.35 -33.17 -1.24
C LYS A 1642 8.70 -32.68 -1.80
N CYS A 1643 8.69 -31.77 -2.75
CA CYS A 1643 9.87 -31.21 -3.38
C CYS A 1643 10.41 -29.93 -2.71
N ILE A 1644 9.72 -29.32 -1.75
CA ILE A 1644 10.14 -28.01 -1.23
C ILE A 1644 11.58 -28.05 -0.68
N MET A 1645 11.95 -29.07 0.08
CA MET A 1645 13.31 -29.20 0.55
C MET A 1645 14.29 -29.63 -0.54
N GLN A 1646 13.86 -30.49 -1.45
CA GLN A 1646 14.67 -30.90 -2.59
C GLN A 1646 15.07 -29.72 -3.48
N ALA A 1647 14.15 -28.83 -3.82
CA ALA A 1647 14.52 -27.59 -4.49
C ALA A 1647 15.42 -26.72 -3.62
N THR A 1648 15.13 -26.60 -2.33
CA THR A 1648 15.93 -25.80 -1.38
C THR A 1648 17.38 -26.25 -1.30
N ASP A 1649 17.63 -27.55 -1.31
CA ASP A 1649 18.99 -28.11 -1.25
C ASP A 1649 19.66 -28.19 -2.64
N ILE A 1650 18.94 -28.59 -3.70
CA ILE A 1650 19.45 -28.56 -5.07
C ILE A 1650 19.89 -27.16 -5.46
N MET A 1651 19.08 -26.15 -5.17
CA MET A 1651 19.46 -24.76 -5.33
C MET A 1651 20.71 -24.46 -4.52
N ARG A 1652 20.88 -24.98 -3.29
CA ARG A 1652 22.09 -24.58 -2.50
C ARG A 1652 23.30 -25.48 -2.80
N LYS A 1653 23.24 -26.33 -3.82
CA LYS A 1653 24.29 -27.26 -4.26
C LYS A 1653 24.63 -27.10 -5.72
N GLN A 1654 23.63 -27.03 -6.57
CA GLN A 1654 23.77 -27.12 -8.01
C GLN A 1654 23.29 -25.87 -8.76
N GLY A 1655 22.64 -24.93 -8.05
CA GLY A 1655 22.10 -23.70 -8.63
C GLY A 1655 23.17 -22.78 -9.21
N PRO A 1656 22.78 -21.69 -9.90
CA PRO A 1656 23.73 -20.78 -10.51
C PRO A 1656 24.51 -20.01 -9.46
N ARG A 1657 24.07 -20.03 -8.20
CA ARG A 1657 24.74 -19.21 -7.16
C ARG A 1657 26.17 -19.68 -6.87
N VAL A 1658 26.52 -20.96 -7.10
CA VAL A 1658 27.91 -21.39 -6.87
C VAL A 1658 28.92 -20.56 -7.68
N GLU A 1659 28.46 -19.89 -8.74
CA GLU A 1659 29.28 -19.00 -9.54
C GLU A 1659 29.70 -17.74 -8.79
N ILE A 1660 29.03 -17.37 -7.69
CA ILE A 1660 29.53 -16.27 -6.86
C ILE A 1660 30.80 -16.68 -6.11
N LEU A 1661 30.92 -17.92 -5.67
CA LEU A 1661 32.11 -18.47 -5.07
C LEU A 1661 33.24 -18.64 -6.12
N ALA A 1662 32.93 -19.12 -7.34
CA ALA A 1662 33.91 -19.24 -8.45
C ALA A 1662 34.31 -17.93 -9.14
N LYS A 1663 33.83 -16.80 -8.60
CA LYS A 1663 34.22 -15.43 -8.91
C LYS A 1663 34.83 -14.68 -7.74
N ASN A 1664 34.83 -15.30 -6.57
CA ASN A 1664 35.35 -14.77 -5.32
C ASN A 1664 36.24 -15.78 -4.60
N LEU A 1665 36.91 -16.68 -5.31
CA LEU A 1665 37.66 -17.81 -4.74
C LEU A 1665 38.61 -17.36 -3.62
N ARG A 1666 39.16 -16.16 -3.75
CA ARG A 1666 40.11 -15.63 -2.76
C ARG A 1666 39.46 -15.23 -1.43
N VAL A 1667 38.13 -15.21 -1.30
CA VAL A 1667 37.42 -14.73 -0.09
C VAL A 1667 37.03 -15.90 0.80
N LYS A 1668 37.55 -15.91 2.02
CA LYS A 1668 37.14 -16.88 3.04
C LYS A 1668 35.77 -16.53 3.57
N ASP A 1669 34.89 -17.52 3.56
CA ASP A 1669 33.51 -17.48 4.05
C ASP A 1669 33.21 -18.80 4.78
N GLN A 1670 32.24 -18.81 5.69
CA GLN A 1670 31.91 -19.99 6.48
C GLN A 1670 30.50 -20.50 6.16
N MET A 1671 30.36 -21.76 5.70
CA MET A 1671 29.08 -22.46 5.58
C MET A 1671 28.50 -22.72 6.98
N PRO A 1672 27.27 -22.30 7.32
CA PRO A 1672 26.76 -22.30 8.70
C PRO A 1672 26.63 -23.69 9.36
N GLN A 1673 27.50 -24.03 10.33
CA GLN A 1673 27.50 -25.36 10.93
C GLN A 1673 26.37 -25.54 11.94
N GLY A 1674 26.03 -24.46 12.66
CA GLY A 1674 24.96 -24.40 13.66
C GLY A 1674 23.54 -24.14 13.12
N ALA A 1675 23.30 -24.27 11.82
CA ALA A 1675 22.07 -23.82 11.20
C ALA A 1675 20.91 -24.81 11.32
N PRO A 1676 19.65 -24.35 11.20
CA PRO A 1676 18.52 -25.25 11.25
C PRO A 1676 18.39 -26.08 10.01
N ARG A 1677 17.70 -27.21 10.02
CA ARG A 1677 17.75 -28.17 8.89
C ARG A 1677 17.27 -27.59 7.57
N LEU A 1678 16.46 -26.52 7.63
CA LEU A 1678 16.06 -25.73 6.46
C LEU A 1678 17.18 -24.91 5.81
N TYR A 1679 18.28 -24.73 6.56
CA TYR A 1679 19.39 -23.88 6.06
C TYR A 1679 20.66 -24.70 5.80
N ARG A 1680 20.82 -25.85 6.44
CA ARG A 1680 21.97 -26.72 6.12
C ARG A 1680 21.84 -27.35 4.74
N LEU A 1681 22.96 -27.78 4.18
CA LEU A 1681 22.92 -28.82 3.17
C LEU A 1681 22.55 -30.12 3.86
N CYS A 1682 21.66 -30.93 3.29
CA CYS A 1682 21.40 -32.28 3.77
C CYS A 1682 22.52 -33.23 3.30
N GLN A 1683 23.10 -34.02 4.20
CA GLN A 1683 24.01 -35.12 3.82
C GLN A 1683 23.24 -36.14 2.96
N PRO A 1684 23.86 -36.79 1.95
CA PRO A 1684 23.22 -37.82 1.15
C PRO A 1684 22.73 -39.00 2.00
N PRO A 1685 21.69 -39.74 1.60
CA PRO A 1685 21.11 -40.79 2.42
C PRO A 1685 22.06 -41.96 2.69
N VAL A 1686 22.01 -42.47 3.92
CA VAL A 1686 22.93 -43.48 4.47
C VAL A 1686 22.53 -44.93 4.11
N ASP A 1687 21.26 -45.23 3.88
CA ASP A 1687 20.76 -46.60 3.60
C ASP A 1687 21.04 -47.16 2.20
N GLY A 1688 21.69 -46.43 1.30
CA GLY A 1688 22.00 -46.92 -0.06
C GLY A 1688 20.85 -46.79 -1.06
N ASP A 1689 20.93 -47.60 -2.12
CA ASP A 1689 20.01 -47.69 -3.25
C ASP A 1689 19.85 -46.39 -4.06
N LEU A 1690 20.97 -45.68 -4.25
CA LEU A 1690 21.22 -44.70 -5.33
C LEU A 1690 22.38 -45.18 -6.20
#